data_4H0N
#
_entry.id   4H0N
#
_cell.length_a   97.394
_cell.length_b   106.154
_cell.length_c   151.016
_cell.angle_alpha   90.00
_cell.angle_beta   90.00
_cell.angle_gamma   90.00
#
_symmetry.space_group_name_H-M   'P 21 21 21'
#
loop_
_entity.id
_entity.type
_entity.pdbx_description
1 polymer DNMT2
2 non-polymer S-ADENOSYL-L-HOMOCYSTEINE
3 non-polymer 'CALCIUM ION'
4 water water
#
_entity_poly.entity_id   1
_entity_poly.type   'polypeptide(L)'
_entity_poly.pdbx_seq_one_letter_code
;GMSHKILELYSGIGGMHCAWKESGLDGEIVAAVDINTVANSVYKHNFPETNLLNRNIQQLTPQVIKKWNVDTILMSPPCQ
PFTRNGKYLDDNDPRTNSFLYLIGILDQLDNVDYILMENVKGFENSTVRNLFIDKLKECNFIYQEFLLCPSTVGVPNSRL
RYYCTARRNNLTWPFKRRDEIITRLPKDFGVPHSLESIIEEDVDEKFLVPEKMLRCAKVFDICYKTSKRSCCFTKAYTHY
ADGTGSIFTDKPREVVQKCYAAAAQNEIGGEKFVELFKELKLRYFTPKEVLMIMCFPKSYNLPTNISMKQCYRLLGNSVN
VKVISELLKILFE
;
_entity_poly.pdbx_strand_id   A,B,C,D
#
loop_
_chem_comp.id
_chem_comp.type
_chem_comp.name
_chem_comp.formula
CA non-polymer 'CALCIUM ION' 'Ca 2'
#
# COMPACT_ATOMS: atom_id res chain seq x y z
N SER A 3 52.16 2.43 3.14
CA SER A 3 51.88 3.61 3.95
C SER A 3 51.19 3.20 5.26
N HIS A 4 50.27 2.25 5.19
CA HIS A 4 49.56 1.77 6.36
C HIS A 4 50.11 0.43 6.88
N LYS A 5 50.26 0.33 8.19
CA LYS A 5 50.69 -0.90 8.83
C LYS A 5 49.48 -1.55 9.50
N ILE A 6 49.10 -2.74 9.04
CA ILE A 6 47.90 -3.38 9.56
C ILE A 6 48.19 -4.48 10.58
N LEU A 7 47.43 -4.45 11.67
CA LEU A 7 47.38 -5.56 12.61
C LEU A 7 46.07 -6.28 12.37
N GLU A 8 46.15 -7.56 12.02
CA GLU A 8 44.98 -8.34 11.68
C GLU A 8 44.68 -9.36 12.79
N LEU A 9 43.68 -9.04 13.63
CA LEU A 9 43.36 -9.86 14.78
C LEU A 9 42.25 -10.86 14.49
N TYR A 10 42.35 -12.03 15.09
CA TYR A 10 41.45 -13.14 14.78
C TYR A 10 41.49 -13.37 13.28
N SER A 11 42.71 -13.49 12.76
CA SER A 11 42.98 -13.48 11.33
C SER A 11 42.30 -14.60 10.55
N GLY A 12 42.08 -15.74 11.20
CA GLY A 12 41.46 -16.90 10.57
C GLY A 12 42.23 -17.36 9.34
N ILE A 13 41.51 -17.59 8.25
CA ILE A 13 42.17 -17.96 6.99
C ILE A 13 42.55 -16.72 6.18
N GLY A 14 42.32 -15.55 6.76
CA GLY A 14 42.82 -14.32 6.18
C GLY A 14 41.93 -13.61 5.18
N GLY A 15 40.63 -13.51 5.50
CA GLY A 15 39.70 -12.80 4.65
C GLY A 15 39.96 -11.30 4.65
N MET A 16 40.33 -10.78 5.82
CA MET A 16 40.70 -9.39 5.97
C MET A 16 41.83 -9.04 5.00
N HIS A 17 42.89 -9.84 5.04
CA HIS A 17 44.04 -9.68 4.17
C HIS A 17 43.63 -9.69 2.70
N CYS A 18 42.69 -10.55 2.36
CA CYS A 18 42.17 -10.60 1.00
C CYS A 18 41.40 -9.35 0.64
N ALA A 19 40.73 -8.78 1.62
CA ALA A 19 39.90 -7.60 1.42
C ALA A 19 40.74 -6.34 1.29
N TRP A 20 41.84 -6.29 2.03
CA TRP A 20 42.76 -5.15 1.96
C TRP A 20 43.35 -5.00 0.56
N LYS A 21 43.67 -6.13 -0.07
CA LYS A 21 44.18 -6.13 -1.43
C LYS A 21 43.15 -5.60 -2.40
N GLU A 22 41.92 -6.10 -2.27
CA GLU A 22 40.85 -5.71 -3.18
C GLU A 22 40.54 -4.22 -3.13
N SER A 23 40.85 -3.57 -2.00
CA SER A 23 40.54 -2.16 -1.80
C SER A 23 41.45 -1.25 -2.62
N GLY A 24 42.64 -1.72 -2.93
CA GLY A 24 43.62 -0.95 -3.69
C GLY A 24 44.39 0.02 -2.81
N LEU A 25 44.21 -0.11 -1.51
CA LEU A 25 44.80 0.81 -0.54
C LEU A 25 46.29 0.52 -0.30
N ASP A 26 47.02 1.56 0.06
CA ASP A 26 48.46 1.44 0.27
C ASP A 26 48.77 0.97 1.69
N GLY A 27 49.22 -0.28 1.82
CA GLY A 27 49.53 -0.83 3.12
C GLY A 27 49.97 -2.28 3.16
N GLU A 28 50.65 -2.64 4.24
CA GLU A 28 51.11 -4.00 4.46
C GLU A 28 50.41 -4.56 5.70
N ILE A 29 50.27 -5.89 5.75
CA ILE A 29 49.89 -6.55 6.99
C ILE A 29 51.17 -6.89 7.73
N VAL A 30 51.44 -6.18 8.81
CA VAL A 30 52.68 -6.38 9.54
C VAL A 30 52.56 -7.56 10.50
N ALA A 31 51.33 -7.93 10.81
CA ALA A 31 51.08 -8.99 11.77
C ALA A 31 49.64 -9.49 11.72
N ALA A 32 49.48 -10.81 11.79
CA ALA A 32 48.18 -11.45 11.88
C ALA A 32 48.22 -12.40 13.07
N VAL A 33 47.19 -12.35 13.92
CA VAL A 33 47.20 -13.09 15.17
C VAL A 33 46.02 -14.04 15.29
N ASP A 34 46.30 -15.33 15.45
CA ASP A 34 45.26 -16.34 15.60
C ASP A 34 45.85 -17.55 16.32
N ILE A 35 45.05 -18.18 17.17
CA ILE A 35 45.54 -19.32 17.96
C ILE A 35 45.15 -20.66 17.35
N ASN A 36 44.52 -20.64 16.19
CA ASN A 36 44.11 -21.89 15.54
C ASN A 36 45.13 -22.40 14.53
N THR A 37 45.72 -23.56 14.83
CA THR A 37 46.80 -24.12 14.02
C THR A 37 46.38 -24.49 12.60
N VAL A 38 45.16 -24.96 12.41
CA VAL A 38 44.71 -25.31 11.09
C VAL A 38 44.50 -24.05 10.26
N ALA A 39 43.79 -23.09 10.85
CA ALA A 39 43.52 -21.82 10.21
C ALA A 39 44.83 -21.11 9.84
N ASN A 40 45.75 -21.07 10.78
CA ASN A 40 47.08 -20.50 10.55
C ASN A 40 47.77 -21.15 9.37
N SER A 41 47.63 -22.47 9.24
CA SER A 41 48.30 -23.22 8.18
C SER A 41 47.73 -22.81 6.82
N VAL A 42 46.42 -22.61 6.79
CA VAL A 42 45.74 -22.14 5.59
C VAL A 42 46.18 -20.73 5.28
N TYR A 43 46.30 -19.91 6.32
CA TYR A 43 46.74 -18.53 6.15
C TYR A 43 48.16 -18.48 5.60
N LYS A 44 49.03 -19.32 6.14
CA LYS A 44 50.44 -19.34 5.72
C LYS A 44 50.57 -19.79 4.28
N HIS A 45 49.64 -20.61 3.84
CA HIS A 45 49.67 -21.16 2.50
C HIS A 45 49.46 -20.05 1.47
N ASN A 46 48.57 -19.13 1.78
CA ASN A 46 48.23 -18.06 0.85
C ASN A 46 49.05 -16.80 1.05
N PHE A 47 49.62 -16.65 2.25
CA PHE A 47 50.46 -15.50 2.55
C PHE A 47 51.76 -15.93 3.25
N PRO A 48 52.65 -16.61 2.52
CA PRO A 48 53.93 -17.07 3.08
C PRO A 48 54.77 -15.92 3.62
N GLU A 49 54.52 -14.71 3.10
CA GLU A 49 55.33 -13.55 3.39
C GLU A 49 54.94 -12.84 4.68
N THR A 50 53.72 -13.12 5.15
CA THR A 50 53.12 -12.34 6.22
C THR A 50 53.42 -12.84 7.63
N ASN A 51 53.82 -11.93 8.51
CA ASN A 51 54.00 -12.25 9.94
C ASN A 51 52.74 -12.80 10.59
N LEU A 52 52.75 -14.09 10.88
CA LEU A 52 51.61 -14.75 11.50
C LEU A 52 52.00 -15.33 12.86
N LEU A 53 51.29 -14.91 13.90
CA LEU A 53 51.65 -15.29 15.26
C LEU A 53 50.59 -16.17 15.93
N ASN A 54 50.99 -17.36 16.33
CA ASN A 54 50.15 -18.21 17.17
C ASN A 54 50.23 -17.65 18.59
N ARG A 55 49.35 -16.71 18.90
CA ARG A 55 49.37 -16.02 20.19
C ARG A 55 47.97 -15.59 20.61
N ASN A 56 47.71 -15.64 21.91
CA ASN A 56 46.48 -15.09 22.46
C ASN A 56 46.41 -13.57 22.32
N ILE A 57 45.23 -13.07 21.97
CA ILE A 57 45.01 -11.64 21.87
C ILE A 57 45.36 -10.94 23.19
N GLN A 58 45.16 -11.65 24.30
CA GLN A 58 45.41 -11.10 25.63
C GLN A 58 46.90 -11.08 26.00
N GLN A 59 47.74 -11.67 25.16
CA GLN A 59 49.19 -11.63 25.34
C GLN A 59 49.75 -10.44 24.59
N LEU A 60 48.90 -9.82 23.77
CA LEU A 60 49.28 -8.64 23.00
C LEU A 60 49.34 -7.41 23.89
N THR A 61 50.51 -6.79 23.93
CA THR A 61 50.71 -5.60 24.74
C THR A 61 50.75 -4.37 23.84
N PRO A 62 50.28 -3.23 24.36
CA PRO A 62 50.42 -1.93 23.69
C PRO A 62 51.86 -1.72 23.22
N GLN A 63 52.79 -2.10 24.10
CA GLN A 63 54.21 -1.98 23.84
C GLN A 63 54.62 -2.68 22.55
N VAL A 64 54.29 -3.96 22.44
CA VAL A 64 54.69 -4.72 21.26
C VAL A 64 53.90 -4.27 20.01
N ILE A 65 52.66 -3.85 20.23
CA ILE A 65 51.86 -3.28 19.15
C ILE A 65 52.48 -1.97 18.67
N LYS A 66 53.06 -1.22 19.60
CA LYS A 66 53.68 0.07 19.27
C LYS A 66 54.98 -0.10 18.48
N LYS A 67 55.74 -1.14 18.83
CA LYS A 67 57.00 -1.38 18.14
C LYS A 67 56.78 -1.85 16.70
N TRP A 68 55.65 -2.51 16.47
CA TRP A 68 55.29 -2.97 15.13
C TRP A 68 54.89 -1.81 14.25
N ASN A 69 54.57 -0.69 14.88
CA ASN A 69 54.22 0.55 14.20
C ASN A 69 52.90 0.44 13.42
N VAL A 70 51.99 -0.41 13.90
CA VAL A 70 50.67 -0.51 13.28
C VAL A 70 49.87 0.77 13.47
N ASP A 71 49.07 1.13 12.47
CA ASP A 71 48.21 2.30 12.54
C ASP A 71 46.78 1.89 12.27
N THR A 72 46.62 0.62 11.88
CA THR A 72 45.35 0.08 11.42
C THR A 72 45.09 -1.30 11.98
N ILE A 73 43.92 -1.49 12.57
CA ILE A 73 43.54 -2.80 13.11
C ILE A 73 42.33 -3.39 12.37
N LEU A 74 42.49 -4.61 11.88
CA LEU A 74 41.39 -5.36 11.25
C LEU A 74 41.06 -6.56 12.14
N MET A 75 39.81 -6.67 12.55
CA MET A 75 39.47 -7.69 13.53
C MET A 75 38.05 -8.24 13.42
N SER A 76 37.94 -9.55 13.58
CA SER A 76 36.62 -10.17 13.64
C SER A 76 36.53 -11.12 14.82
N PRO A 77 36.43 -10.57 16.04
CA PRO A 77 36.37 -11.35 17.28
C PRO A 77 35.12 -12.23 17.34
N PRO A 78 35.31 -13.52 17.65
CA PRO A 78 34.22 -14.51 17.68
C PRO A 78 33.30 -14.29 18.87
N CYS A 79 32.11 -14.85 18.82
CA CYS A 79 31.20 -14.82 19.95
C CYS A 79 31.43 -16.05 20.83
N GLN A 80 32.05 -15.80 21.96
CA GLN A 80 32.43 -16.82 22.87
C GLN A 80 31.96 -16.37 24.21
N PRO A 81 31.74 -17.31 25.10
CA PRO A 81 31.21 -17.04 26.43
C PRO A 81 32.16 -16.37 27.39
N PHE A 82 31.61 -15.68 28.35
CA PHE A 82 32.32 -15.28 29.53
C PHE A 82 31.94 -16.15 30.72
N THR A 83 30.76 -16.72 30.71
CA THR A 83 30.29 -17.48 31.86
C THR A 83 29.70 -18.84 31.49
N ARG A 84 29.89 -19.83 32.34
CA ARG A 84 29.21 -21.09 32.18
C ARG A 84 28.45 -21.49 33.44
N ASN A 85 27.18 -21.81 33.27
CA ASN A 85 26.30 -22.17 34.38
C ASN A 85 26.61 -21.50 35.72
N GLY A 86 26.72 -20.17 35.70
CA GLY A 86 26.79 -19.39 36.92
C GLY A 86 28.17 -18.91 37.33
N LYS A 87 29.21 -19.38 36.64
CA LYS A 87 30.59 -19.02 37.00
C LYS A 87 31.33 -18.34 35.85
N TYR A 88 32.22 -17.42 36.19
CA TYR A 88 33.05 -16.76 35.18
C TYR A 88 34.05 -17.72 34.60
N LEU A 89 34.15 -17.71 33.27
CA LEU A 89 35.17 -18.51 32.60
C LEU A 89 36.54 -17.93 32.94
N ASP A 90 37.58 -18.76 32.83
CA ASP A 90 38.93 -18.33 33.22
C ASP A 90 39.56 -17.47 32.12
N ASP A 91 40.42 -16.53 32.50
CA ASP A 91 40.98 -15.60 31.51
C ASP A 91 42.07 -16.20 30.62
N ASN A 92 42.56 -17.39 30.98
CA ASN A 92 43.54 -18.07 30.13
C ASN A 92 43.02 -19.39 29.54
N ASP A 93 41.71 -19.61 29.64
CA ASP A 93 41.06 -20.71 28.94
C ASP A 93 40.89 -20.21 27.51
N PRO A 94 41.38 -20.99 26.52
CA PRO A 94 41.43 -20.50 25.14
C PRO A 94 40.05 -20.32 24.52
N ARG A 95 39.02 -20.79 25.20
CA ARG A 95 37.68 -20.75 24.64
C ARG A 95 36.81 -19.68 25.27
N THR A 96 37.42 -18.69 25.91
CA THR A 96 36.64 -17.58 26.43
C THR A 96 36.90 -16.26 25.72
N ASN A 97 35.87 -15.42 25.71
CA ASN A 97 35.91 -14.17 24.95
C ASN A 97 37.09 -13.30 25.33
N SER A 98 37.77 -12.81 24.29
CA SER A 98 39.03 -12.09 24.46
C SER A 98 38.86 -10.61 24.17
N PHE A 99 37.69 -10.25 23.65
CA PHE A 99 37.43 -8.91 23.14
C PHE A 99 37.51 -7.81 24.21
N LEU A 100 37.07 -8.14 25.42
CA LEU A 100 37.13 -7.20 26.53
C LEU A 100 38.55 -6.68 26.78
N TYR A 101 39.54 -7.51 26.48
CA TYR A 101 40.92 -7.12 26.62
C TYR A 101 41.29 -5.99 25.66
N LEU A 102 40.74 -6.04 24.45
CA LEU A 102 41.02 -5.02 23.44
C LEU A 102 40.45 -3.67 23.86
N ILE A 103 39.17 -3.66 24.22
CA ILE A 103 38.50 -2.46 24.70
C ILE A 103 39.33 -1.79 25.80
N GLY A 104 39.89 -2.62 26.67
CA GLY A 104 40.77 -2.13 27.72
C GLY A 104 41.96 -1.39 27.17
N ILE A 105 42.78 -2.06 26.36
CA ILE A 105 44.05 -1.50 25.92
C ILE A 105 43.95 -0.44 24.85
N LEU A 106 42.75 0.02 24.54
CA LEU A 106 42.58 0.99 23.45
C LEU A 106 43.23 2.35 23.73
N ASP A 107 43.11 2.82 24.97
CA ASP A 107 43.63 4.13 25.35
C ASP A 107 45.15 4.21 25.27
N GLN A 108 45.81 3.07 25.12
CA GLN A 108 47.27 3.06 25.04
C GLN A 108 47.76 2.52 23.71
N LEU A 109 46.85 2.47 22.74
CA LEU A 109 47.23 2.16 21.37
C LEU A 109 47.36 3.48 20.62
N ASP A 110 48.32 4.29 21.07
CA ASP A 110 48.47 5.69 20.66
C ASP A 110 48.63 5.88 19.15
N ASN A 111 49.24 4.91 18.48
CA ASN A 111 49.51 4.99 17.05
C ASN A 111 48.32 4.56 16.18
N VAL A 112 47.49 3.67 16.70
CA VAL A 112 46.36 3.14 15.94
C VAL A 112 45.38 4.23 15.51
N ASP A 113 45.23 4.38 14.20
CA ASP A 113 44.38 5.43 13.62
C ASP A 113 43.06 4.90 13.06
N TYR A 114 43.10 3.73 12.47
CA TYR A 114 41.92 3.18 11.83
C TYR A 114 41.60 1.80 12.37
N ILE A 115 40.33 1.58 12.72
CA ILE A 115 39.88 0.29 13.19
C ILE A 115 38.69 -0.15 12.37
N LEU A 116 38.71 -1.40 11.89
CA LEU A 116 37.54 -2.01 11.28
C LEU A 116 37.24 -3.33 11.96
N MET A 117 36.02 -3.47 12.47
CA MET A 117 35.62 -4.73 13.09
C MET A 117 34.36 -5.30 12.48
N GLU A 118 34.39 -6.61 12.18
CA GLU A 118 33.20 -7.37 11.85
C GLU A 118 32.69 -8.11 13.10
N ASN A 119 31.38 -8.28 13.21
CA ASN A 119 30.81 -8.97 14.36
C ASN A 119 29.52 -9.68 13.98
N VAL A 120 28.91 -10.40 14.93
CA VAL A 120 27.68 -11.12 14.63
C VAL A 120 26.50 -10.18 14.63
N LYS A 121 25.43 -10.59 13.96
CA LYS A 121 24.18 -9.88 14.03
C LYS A 121 23.74 -9.88 15.49
N GLY A 122 23.36 -8.72 15.99
CA GLY A 122 22.85 -8.62 17.35
C GLY A 122 23.87 -8.06 18.30
N PHE A 123 25.12 -7.98 17.84
CA PHE A 123 26.16 -7.32 18.62
C PHE A 123 25.72 -5.91 18.98
N GLU A 124 25.11 -5.22 18.03
CA GLU A 124 24.71 -3.83 18.23
C GLU A 124 23.73 -3.65 19.39
N ASN A 125 23.13 -4.74 19.86
CA ASN A 125 22.24 -4.69 21.01
C ASN A 125 22.90 -5.20 22.29
N SER A 126 24.17 -5.59 22.17
CA SER A 126 24.90 -6.18 23.29
C SER A 126 25.49 -5.15 24.26
N THR A 127 25.72 -5.56 25.50
CA THR A 127 26.37 -4.69 26.49
C THR A 127 27.81 -4.43 26.08
N VAL A 128 28.42 -5.41 25.43
CA VAL A 128 29.79 -5.27 24.96
C VAL A 128 29.90 -4.15 23.94
N ARG A 129 28.96 -4.12 23.01
CA ARG A 129 28.95 -3.08 21.99
C ARG A 129 28.85 -1.70 22.61
N ASN A 130 27.94 -1.55 23.58
CA ASN A 130 27.78 -0.26 24.26
C ASN A 130 29.07 0.18 24.93
N LEU A 131 29.80 -0.76 25.51
CA LEU A 131 31.07 -0.47 26.16
C LEU A 131 32.10 -0.12 25.11
N PHE A 132 32.12 -0.90 24.04
CA PHE A 132 33.12 -0.74 22.99
C PHE A 132 33.03 0.63 22.32
N ILE A 133 31.80 1.06 22.02
CA ILE A 133 31.57 2.37 21.42
C ILE A 133 31.99 3.46 22.40
N ASP A 134 31.66 3.22 23.67
CA ASP A 134 31.98 4.14 24.74
C ASP A 134 33.48 4.35 24.88
N LYS A 135 34.25 3.30 24.63
CA LYS A 135 35.70 3.40 24.71
C LYS A 135 36.24 4.17 23.50
N LEU A 136 35.56 4.06 22.37
CA LEU A 136 35.94 4.82 21.19
C LEU A 136 35.83 6.33 21.43
N LYS A 137 34.67 6.78 21.90
CA LYS A 137 34.43 8.18 22.17
C LYS A 137 35.46 8.73 23.14
N GLU A 138 35.80 7.92 24.15
CA GLU A 138 36.75 8.30 25.18
C GLU A 138 38.13 8.54 24.59
N CYS A 139 38.46 7.79 23.54
CA CYS A 139 39.78 7.84 22.93
C CYS A 139 39.80 8.72 21.69
N ASN A 140 38.80 9.58 21.57
CA ASN A 140 38.65 10.51 20.44
C ASN A 140 38.58 9.82 19.06
N PHE A 141 37.86 8.71 19.02
CA PHE A 141 37.54 8.02 17.78
C PHE A 141 36.18 8.46 17.29
N ILE A 142 36.03 8.60 15.98
CA ILE A 142 34.72 8.78 15.38
C ILE A 142 34.40 7.52 14.59
N TYR A 143 33.12 7.23 14.40
CA TYR A 143 32.75 5.91 13.88
C TYR A 143 31.43 5.87 13.11
N GLN A 144 31.25 4.79 12.37
CA GLN A 144 29.95 4.44 11.82
C GLN A 144 29.70 2.95 12.01
N GLU A 145 28.51 2.60 12.51
CA GLU A 145 28.09 1.21 12.60
C GLU A 145 27.25 0.81 11.40
N PHE A 146 27.45 -0.42 10.92
CA PHE A 146 26.67 -0.93 9.79
C PHE A 146 26.02 -2.27 10.14
N LEU A 147 24.95 -2.58 9.41
CA LEU A 147 24.40 -3.93 9.38
C LEU A 147 24.22 -4.31 7.92
N LEU A 148 25.23 -4.97 7.37
CA LEU A 148 25.29 -5.25 5.94
C LEU A 148 25.17 -6.72 5.60
N CYS A 149 24.52 -6.95 4.47
CA CYS A 149 24.43 -8.26 3.88
C CYS A 149 25.10 -8.12 2.52
N PRO A 150 25.80 -9.18 2.06
CA PRO A 150 26.45 -9.14 0.74
C PRO A 150 25.43 -9.03 -0.40
N SER A 151 24.17 -9.34 -0.13
CA SER A 151 23.14 -9.28 -1.16
C SER A 151 22.85 -7.84 -1.60
N THR A 152 23.27 -6.87 -0.81
CA THR A 152 23.10 -5.48 -1.20
C THR A 152 24.34 -4.99 -1.94
N VAL A 153 25.45 -5.70 -1.74
CA VAL A 153 26.69 -5.40 -2.45
C VAL A 153 26.78 -6.21 -3.75
N GLY A 154 25.62 -6.61 -4.28
CA GLY A 154 25.58 -7.31 -5.55
C GLY A 154 26.13 -8.73 -5.53
N VAL A 155 26.21 -9.31 -4.35
CA VAL A 155 26.69 -10.68 -4.20
C VAL A 155 25.53 -11.60 -3.78
N PRO A 156 25.32 -12.69 -4.53
CA PRO A 156 24.16 -13.57 -4.32
C PRO A 156 24.32 -14.46 -3.10
N ASN A 157 24.29 -13.86 -1.92
CA ASN A 157 24.45 -14.61 -0.68
C ASN A 157 24.03 -13.76 0.52
N SER A 158 23.37 -14.40 1.48
CA SER A 158 23.01 -13.75 2.72
C SER A 158 24.09 -13.97 3.77
N ARG A 159 24.46 -12.91 4.47
CA ARG A 159 25.45 -12.99 5.52
C ARG A 159 25.39 -11.70 6.30
N LEU A 160 24.26 -11.52 6.97
CA LEU A 160 24.01 -10.34 7.78
C LEU A 160 25.03 -10.26 8.92
N ARG A 161 25.79 -9.18 8.94
CA ARG A 161 26.84 -8.97 9.93
C ARG A 161 26.88 -7.52 10.42
N TYR A 162 27.39 -7.35 11.63
CA TYR A 162 27.60 -6.03 12.20
C TYR A 162 28.99 -5.54 11.78
N TYR A 163 29.08 -4.24 11.48
CA TYR A 163 30.38 -3.64 11.18
C TYR A 163 30.53 -2.29 11.87
N CYS A 164 31.77 -2.00 12.25
CA CYS A 164 32.09 -0.68 12.79
C CYS A 164 33.37 -0.17 12.16
N THR A 165 33.29 0.97 11.47
CA THR A 165 34.48 1.63 10.96
C THR A 165 34.82 2.79 11.90
N ALA A 166 35.84 2.60 12.72
CA ALA A 166 36.23 3.59 13.72
C ALA A 166 37.52 4.29 13.30
N ARG A 167 37.61 5.57 13.61
CA ARG A 167 38.62 6.42 13.04
C ARG A 167 38.96 7.57 13.99
N ARG A 168 40.23 8.00 14.00
CA ARG A 168 40.64 9.13 14.82
C ARG A 168 40.07 10.43 14.26
N ASN A 169 39.55 11.27 15.15
CA ASN A 169 38.80 12.45 14.69
C ASN A 169 39.65 13.60 14.18
N ASN A 170 40.96 13.49 14.30
CA ASN A 170 41.85 14.55 13.83
C ASN A 170 42.33 14.32 12.41
N LEU A 171 41.81 13.27 11.79
CA LEU A 171 42.07 13.00 10.39
C LEU A 171 40.78 13.34 9.65
N THR A 172 40.89 14.16 8.61
CA THR A 172 39.71 14.65 7.90
C THR A 172 38.95 13.52 7.23
N TRP A 173 37.74 13.27 7.71
CA TRP A 173 36.88 12.22 7.19
C TRP A 173 35.67 12.78 6.46
N PRO A 174 35.70 12.74 5.12
CA PRO A 174 34.64 13.25 4.24
C PRO A 174 33.32 12.52 4.43
N PHE A 175 33.38 11.30 4.94
CA PHE A 175 32.18 10.49 5.09
C PHE A 175 31.14 11.10 6.02
N LYS A 176 29.91 11.28 5.53
CA LYS A 176 28.83 11.82 6.36
C LYS A 176 28.23 10.77 7.31
N ARG A 177 28.91 10.53 8.42
CA ARG A 177 28.46 9.53 9.38
C ARG A 177 27.23 9.97 10.19
N ARG A 178 26.65 9.03 10.92
CA ARG A 178 25.43 9.27 11.69
C ARG A 178 25.29 8.19 12.76
N ASP A 179 24.60 8.53 13.85
CA ASP A 179 24.47 7.60 14.97
C ASP A 179 23.61 6.36 14.68
N GLU A 180 22.59 6.52 13.84
CA GLU A 180 21.73 5.39 13.49
C GLU A 180 22.47 4.43 12.55
N ILE A 181 22.14 3.15 12.65
CA ILE A 181 22.81 2.08 11.91
C ILE A 181 22.47 2.09 10.42
N ILE A 182 23.50 1.98 9.59
CA ILE A 182 23.35 1.99 8.14
C ILE A 182 23.09 0.58 7.60
N THR A 183 22.04 0.44 6.80
CA THR A 183 21.64 -0.86 6.28
C THR A 183 22.21 -1.16 4.90
N ARG A 184 22.69 -0.11 4.22
CA ARG A 184 23.36 -0.30 2.94
C ARG A 184 24.28 0.87 2.59
N LEU A 185 25.42 0.55 1.99
CA LEU A 185 26.42 1.53 1.59
C LEU A 185 25.83 2.54 0.61
N PRO A 186 26.40 3.76 0.55
CA PRO A 186 25.98 4.82 -0.38
C PRO A 186 26.09 4.38 -1.83
N LYS A 187 27.11 3.57 -2.12
CA LYS A 187 27.32 3.02 -3.44
C LYS A 187 26.31 1.90 -3.70
N ASP A 188 25.59 2.00 -4.82
CA ASP A 188 24.62 0.99 -5.20
C ASP A 188 25.25 0.00 -6.18
N PHE A 189 25.19 -1.30 -5.83
CA PHE A 189 25.79 -2.32 -6.69
C PHE A 189 24.75 -3.02 -7.56
N GLY A 190 23.50 -2.61 -7.42
CA GLY A 190 22.42 -3.15 -8.24
C GLY A 190 21.94 -4.51 -7.77
N VAL A 191 21.60 -5.37 -8.72
CA VAL A 191 21.06 -6.69 -8.40
C VAL A 191 22.17 -7.73 -8.46
N PRO A 192 22.25 -8.60 -7.43
CA PRO A 192 23.31 -9.62 -7.40
C PRO A 192 23.26 -10.48 -8.65
N HIS A 193 24.42 -10.87 -9.16
CA HIS A 193 24.46 -11.72 -10.35
C HIS A 193 24.05 -13.15 -10.00
N SER A 194 23.67 -13.93 -11.01
CA SER A 194 23.35 -15.34 -10.81
C SER A 194 24.58 -16.11 -10.35
N LEU A 195 24.43 -17.41 -10.15
CA LEU A 195 25.51 -18.24 -9.65
C LEU A 195 26.24 -19.04 -10.73
N GLU A 196 26.01 -18.71 -12.00
CA GLU A 196 26.66 -19.44 -13.09
C GLU A 196 28.15 -19.17 -13.17
N SER A 197 28.54 -17.92 -12.95
CA SER A 197 29.94 -17.50 -13.01
C SER A 197 30.78 -18.37 -12.08
N ILE A 198 30.17 -18.75 -10.96
CA ILE A 198 30.85 -19.53 -9.94
C ILE A 198 30.22 -20.91 -9.76
N ILE A 199 30.45 -21.78 -10.74
CA ILE A 199 30.02 -23.17 -10.67
C ILE A 199 30.83 -23.96 -11.71
N GLU A 200 31.29 -25.14 -11.31
CA GLU A 200 32.13 -25.98 -12.16
C GLU A 200 31.33 -27.14 -12.72
N GLU A 201 31.70 -27.64 -13.90
CA GLU A 201 30.97 -28.75 -14.49
C GLU A 201 31.45 -30.10 -13.95
N ASP A 202 32.77 -30.30 -13.91
CA ASP A 202 33.32 -31.56 -13.46
C ASP A 202 33.39 -31.63 -11.94
N VAL A 203 32.22 -31.62 -11.30
CA VAL A 203 32.18 -31.71 -9.84
C VAL A 203 32.09 -33.15 -9.36
N ASP A 204 33.00 -33.50 -8.46
CA ASP A 204 33.13 -34.86 -7.96
C ASP A 204 31.88 -35.33 -7.18
N GLU A 205 31.58 -36.62 -7.29
CA GLU A 205 30.39 -37.18 -6.64
C GLU A 205 30.48 -37.17 -5.11
N LYS A 206 31.64 -36.81 -4.56
CA LYS A 206 31.80 -36.79 -3.11
C LYS A 206 31.00 -35.65 -2.46
N PHE A 207 30.58 -34.69 -3.26
CA PHE A 207 29.86 -33.53 -2.74
C PHE A 207 28.34 -33.75 -2.75
N LEU A 208 27.91 -34.87 -3.32
CA LEU A 208 26.49 -35.21 -3.33
C LEU A 208 25.99 -35.38 -1.91
N VAL A 209 24.83 -34.81 -1.62
CA VAL A 209 24.24 -34.91 -0.30
C VAL A 209 23.86 -36.38 0.00
N PRO A 210 24.33 -36.90 1.14
CA PRO A 210 24.15 -38.29 1.55
C PRO A 210 22.70 -38.61 1.92
N GLU A 211 22.36 -39.91 1.94
CA GLU A 211 20.99 -40.35 2.21
C GLU A 211 20.46 -39.94 3.56
N LYS A 212 21.28 -40.13 4.60
CA LYS A 212 20.89 -39.75 5.95
C LYS A 212 20.45 -38.29 5.98
N MET A 213 21.18 -37.44 5.26
CA MET A 213 20.84 -36.03 5.09
C MET A 213 19.56 -35.83 4.30
N LEU A 214 19.39 -36.64 3.25
CA LEU A 214 18.23 -36.54 2.37
C LEU A 214 16.94 -36.83 3.13
N ARG A 215 17.04 -37.41 4.32
CA ARG A 215 15.88 -37.60 5.17
C ARG A 215 15.33 -36.25 5.65
N CYS A 216 16.22 -35.26 5.77
CA CYS A 216 15.84 -33.93 6.23
C CYS A 216 15.54 -32.98 5.06
N ALA A 217 15.16 -33.54 3.92
CA ALA A 217 14.96 -32.76 2.70
C ALA A 217 13.96 -31.61 2.84
N LYS A 218 13.04 -31.72 3.80
CA LYS A 218 11.96 -30.75 3.92
C LYS A 218 12.43 -29.33 4.28
N VAL A 219 13.61 -29.23 4.86
CA VAL A 219 14.10 -27.93 5.34
C VAL A 219 15.34 -27.45 4.61
N PHE A 220 15.62 -28.08 3.47
CA PHE A 220 16.72 -27.65 2.62
C PHE A 220 16.32 -26.39 1.88
N ASP A 221 17.27 -25.48 1.70
CA ASP A 221 17.10 -24.40 0.75
C ASP A 221 17.90 -24.73 -0.50
N ILE A 222 17.21 -24.86 -1.63
CA ILE A 222 17.88 -25.28 -2.85
C ILE A 222 18.24 -24.10 -3.74
N CYS A 223 19.40 -24.18 -4.37
CA CYS A 223 19.81 -23.20 -5.37
C CYS A 223 20.04 -23.82 -6.74
N TYR A 224 19.89 -23.01 -7.77
CA TYR A 224 20.12 -23.42 -9.14
C TYR A 224 21.04 -22.39 -9.79
N LYS A 225 21.46 -22.64 -11.01
CA LYS A 225 22.38 -21.73 -11.70
C LYS A 225 21.80 -20.33 -11.91
N THR A 226 20.47 -20.23 -11.96
CA THR A 226 19.80 -18.96 -12.16
C THR A 226 19.54 -18.21 -10.85
N SER A 227 19.79 -18.86 -9.73
CA SER A 227 19.62 -18.24 -8.41
C SER A 227 20.45 -16.98 -8.20
N LYS A 228 19.83 -15.95 -7.66
CA LYS A 228 20.55 -14.72 -7.35
C LYS A 228 20.69 -14.54 -5.85
N ARG A 229 20.52 -15.62 -5.11
CA ARG A 229 20.60 -15.60 -3.65
C ARG A 229 21.02 -16.97 -3.15
N SER A 230 21.50 -17.03 -1.93
CA SER A 230 21.77 -18.31 -1.27
C SER A 230 21.81 -18.07 0.22
N CYS A 231 21.55 -19.12 1.00
CA CYS A 231 21.58 -18.99 2.44
C CYS A 231 23.00 -18.84 2.98
N CYS A 232 23.10 -18.35 4.21
CA CYS A 232 24.37 -18.16 4.90
C CYS A 232 25.06 -19.48 5.24
N PHE A 233 26.28 -19.66 4.75
CA PHE A 233 27.08 -20.82 5.12
C PHE A 233 27.61 -20.68 6.55
N THR A 234 27.52 -21.76 7.32
CA THR A 234 28.08 -21.77 8.68
C THR A 234 29.21 -22.78 8.77
N LYS A 235 29.74 -22.98 9.97
CA LYS A 235 30.75 -24.00 10.18
C LYS A 235 30.12 -25.40 10.19
N ALA A 236 28.81 -25.45 10.39
CA ALA A 236 28.10 -26.71 10.49
C ALA A 236 27.56 -27.18 9.14
N TYR A 237 27.96 -26.51 8.07
CA TYR A 237 27.55 -26.89 6.73
C TYR A 237 28.08 -28.29 6.43
N THR A 238 27.17 -29.17 5.99
CA THR A 238 27.42 -30.60 5.75
C THR A 238 27.50 -31.46 7.03
N HIS A 239 27.34 -30.84 8.20
CA HIS A 239 27.23 -31.57 9.46
C HIS A 239 25.77 -31.89 9.70
N TYR A 240 24.94 -30.88 9.45
CA TYR A 240 23.50 -30.96 9.64
C TYR A 240 22.87 -30.37 8.40
N ALA A 241 21.57 -30.59 8.24
CA ALA A 241 20.93 -30.34 6.97
C ALA A 241 20.40 -28.92 6.88
N ASP A 242 20.51 -28.19 7.98
CA ASP A 242 19.54 -27.15 8.22
C ASP A 242 20.00 -25.87 8.92
N GLY A 243 19.88 -24.76 8.21
CA GLY A 243 20.29 -23.47 8.71
C GLY A 243 21.75 -23.23 8.41
N THR A 244 22.40 -24.26 7.87
CA THR A 244 23.85 -24.26 7.71
C THR A 244 24.30 -23.70 6.37
N GLY A 245 23.41 -23.68 5.39
CA GLY A 245 23.74 -23.17 4.07
C GLY A 245 22.84 -23.76 3.00
N SER A 246 22.95 -23.23 1.79
CA SER A 246 22.13 -23.71 0.69
C SER A 246 22.65 -24.98 0.05
N ILE A 247 21.74 -25.67 -0.64
CA ILE A 247 22.04 -26.88 -1.39
C ILE A 247 21.87 -26.57 -2.87
N PHE A 248 22.67 -27.21 -3.73
CA PHE A 248 22.63 -26.93 -5.15
C PHE A 248 22.26 -28.15 -5.99
N THR A 249 21.58 -27.91 -7.10
CA THR A 249 21.32 -28.94 -8.10
C THR A 249 21.41 -28.34 -9.49
N ASP A 250 21.64 -29.19 -10.49
CA ASP A 250 21.73 -28.73 -11.88
C ASP A 250 20.37 -28.87 -12.54
N LYS A 251 19.46 -29.55 -11.85
CA LYS A 251 18.13 -29.83 -12.37
C LYS A 251 17.26 -28.57 -12.35
N PRO A 252 16.27 -28.49 -13.25
CA PRO A 252 15.30 -27.39 -13.22
C PRO A 252 14.49 -27.38 -11.93
N ARG A 253 14.12 -26.18 -11.47
CA ARG A 253 13.37 -26.05 -10.23
C ARG A 253 12.01 -26.73 -10.33
N GLU A 254 11.48 -26.83 -11.55
CA GLU A 254 10.20 -27.49 -11.77
C GLU A 254 10.31 -28.98 -11.45
N VAL A 255 11.44 -29.58 -11.82
CA VAL A 255 11.69 -30.97 -11.51
C VAL A 255 11.79 -31.18 -10.00
N VAL A 256 12.46 -30.25 -9.32
CA VAL A 256 12.61 -30.29 -7.86
C VAL A 256 11.23 -30.29 -7.17
N GLN A 257 10.29 -29.53 -7.71
CA GLN A 257 8.96 -29.43 -7.14
C GLN A 257 8.13 -30.70 -7.29
N LYS A 258 8.25 -31.35 -8.44
CA LYS A 258 7.52 -32.59 -8.70
C LYS A 258 7.96 -33.66 -7.70
N CYS A 259 9.27 -33.72 -7.45
CA CYS A 259 9.82 -34.69 -6.52
C CYS A 259 9.28 -34.43 -5.12
N TYR A 260 9.31 -33.17 -4.71
CA TYR A 260 8.78 -32.77 -3.41
C TYR A 260 7.31 -33.16 -3.24
N ALA A 261 6.55 -33.04 -4.33
CA ALA A 261 5.14 -33.41 -4.31
C ALA A 261 4.96 -34.92 -4.20
N ALA A 262 5.73 -35.64 -5.01
CA ALA A 262 5.67 -37.10 -5.02
C ALA A 262 6.16 -37.66 -3.68
N ALA A 263 7.11 -36.97 -3.06
CA ALA A 263 7.62 -37.38 -1.75
C ALA A 263 6.64 -37.03 -0.64
N ALA A 264 5.66 -36.20 -0.94
CA ALA A 264 4.65 -35.79 0.03
C ALA A 264 3.63 -36.89 0.26
N GLN A 265 3.46 -37.77 -0.73
CA GLN A 265 2.55 -38.89 -0.61
C GLN A 265 3.30 -40.10 -0.05
N ASN A 266 4.23 -39.84 0.85
CA ASN A 266 5.05 -40.89 1.43
C ASN A 266 5.36 -40.63 2.89
N GLU A 267 5.93 -41.64 3.54
CA GLU A 267 6.40 -41.47 4.91
C GLU A 267 7.64 -40.60 4.86
N ILE A 268 7.68 -39.62 5.75
CA ILE A 268 8.77 -38.66 5.84
C ILE A 268 10.09 -39.34 6.20
N GLY A 269 11.16 -38.96 5.51
CA GLY A 269 12.46 -39.57 5.70
C GLY A 269 12.47 -41.04 5.33
N GLY A 270 11.38 -41.50 4.72
CA GLY A 270 11.20 -42.90 4.40
C GLY A 270 12.07 -43.40 3.26
N GLU A 271 12.02 -44.72 3.03
CA GLU A 271 12.83 -45.36 1.99
C GLU A 271 12.44 -44.86 0.61
N LYS A 272 11.13 -44.87 0.33
CA LYS A 272 10.59 -44.39 -0.93
C LYS A 272 10.73 -42.86 -1.04
N PHE A 273 10.69 -42.20 0.11
CA PHE A 273 10.91 -40.76 0.21
C PHE A 273 12.32 -40.41 -0.29
N VAL A 274 13.32 -41.20 0.14
CA VAL A 274 14.72 -40.93 -0.19
C VAL A 274 15.10 -41.23 -1.65
N GLU A 275 14.54 -42.31 -2.22
CA GLU A 275 14.83 -42.66 -3.60
C GLU A 275 14.46 -41.53 -4.56
N LEU A 276 13.39 -40.82 -4.26
CA LEU A 276 12.97 -39.70 -5.08
C LEU A 276 13.96 -38.54 -4.99
N PHE A 277 14.47 -38.29 -3.79
CA PHE A 277 15.44 -37.23 -3.59
C PHE A 277 16.85 -37.61 -4.02
N LYS A 278 17.11 -38.91 -4.04
CA LYS A 278 18.41 -39.41 -4.52
C LYS A 278 18.61 -39.05 -5.99
N GLU A 279 17.52 -39.01 -6.75
CA GLU A 279 17.60 -38.77 -8.19
C GLU A 279 17.48 -37.29 -8.58
N LEU A 280 17.57 -36.43 -7.58
CA LEU A 280 17.64 -34.99 -7.82
C LEU A 280 19.08 -34.51 -7.94
N LYS A 281 20.03 -35.40 -7.67
CA LYS A 281 21.46 -35.10 -7.63
C LYS A 281 21.83 -33.83 -6.80
N LEU A 282 21.11 -33.60 -5.71
CA LEU A 282 21.45 -32.50 -4.82
C LEU A 282 22.86 -32.68 -4.29
N ARG A 283 23.64 -31.61 -4.30
CA ARG A 283 25.01 -31.67 -3.82
C ARG A 283 25.34 -30.40 -3.05
N TYR A 284 26.38 -30.47 -2.22
CA TYR A 284 26.87 -29.29 -1.54
C TYR A 284 27.69 -28.41 -2.48
N PHE A 285 27.85 -27.14 -2.11
CA PHE A 285 28.82 -26.31 -2.81
C PHE A 285 30.21 -26.78 -2.41
N THR A 286 31.15 -26.77 -3.36
CA THR A 286 32.53 -27.14 -3.06
C THR A 286 33.19 -25.98 -2.33
N PRO A 287 34.25 -26.26 -1.54
CA PRO A 287 35.00 -25.22 -0.84
C PRO A 287 35.44 -24.09 -1.77
N LYS A 288 35.76 -24.46 -3.00
CA LYS A 288 36.17 -23.53 -4.05
C LYS A 288 35.02 -22.58 -4.39
N GLU A 289 33.83 -23.14 -4.57
CA GLU A 289 32.65 -22.37 -4.90
C GLU A 289 32.27 -21.42 -3.76
N VAL A 290 32.33 -21.93 -2.53
CA VAL A 290 32.04 -21.11 -1.36
C VAL A 290 33.04 -19.95 -1.27
N LEU A 291 34.29 -20.22 -1.63
CA LEU A 291 35.33 -19.18 -1.66
C LEU A 291 35.00 -18.09 -2.68
N MET A 292 34.50 -18.48 -3.85
CA MET A 292 34.09 -17.54 -4.88
C MET A 292 32.82 -16.79 -4.46
N ILE A 293 31.91 -17.51 -3.83
CA ILE A 293 30.71 -16.92 -3.26
C ILE A 293 31.04 -15.87 -2.19
N MET A 294 32.06 -16.14 -1.37
CA MET A 294 32.47 -15.18 -0.35
C MET A 294 33.47 -14.16 -0.90
N CYS A 295 33.57 -14.14 -2.23
CA CYS A 295 34.34 -13.13 -2.96
C CYS A 295 35.83 -13.14 -2.68
N PHE A 296 36.37 -14.32 -2.39
CA PHE A 296 37.81 -14.47 -2.34
C PHE A 296 38.34 -14.45 -3.78
N PRO A 297 39.61 -14.07 -3.96
CA PRO A 297 40.19 -14.09 -5.31
C PRO A 297 40.59 -15.50 -5.75
N LYS A 298 40.74 -15.70 -7.05
CA LYS A 298 41.01 -17.00 -7.64
C LYS A 298 42.41 -17.52 -7.31
N SER A 299 43.32 -16.60 -7.04
CA SER A 299 44.67 -16.96 -6.61
C SER A 299 44.63 -17.61 -5.23
N TYR A 300 43.57 -17.32 -4.47
CA TYR A 300 43.39 -17.89 -3.15
C TYR A 300 42.93 -19.34 -3.26
N ASN A 301 43.73 -20.25 -2.72
CA ASN A 301 43.41 -21.66 -2.76
C ASN A 301 43.64 -22.31 -1.40
N LEU A 302 42.94 -23.42 -1.17
CA LEU A 302 43.08 -24.15 0.09
C LEU A 302 44.07 -25.30 -0.06
N PRO A 303 44.85 -25.57 1.00
CA PRO A 303 45.73 -26.73 1.03
C PRO A 303 44.94 -28.04 0.92
N THR A 304 45.42 -28.96 0.09
CA THR A 304 44.80 -30.27 -0.05
C THR A 304 45.06 -31.18 1.14
N ASN A 305 45.89 -30.70 2.08
CA ASN A 305 46.21 -31.49 3.26
C ASN A 305 45.14 -31.39 4.36
N ILE A 306 44.27 -30.38 4.28
CA ILE A 306 43.18 -30.27 5.23
C ILE A 306 41.88 -30.88 4.66
N SER A 307 41.10 -31.49 5.53
CA SER A 307 39.91 -32.24 5.12
C SER A 307 38.75 -31.34 4.75
N MET A 308 37.72 -31.93 4.15
CA MET A 308 36.51 -31.22 3.79
C MET A 308 35.82 -30.60 5.00
N LYS A 309 35.73 -31.34 6.10
CA LYS A 309 35.03 -30.88 7.29
C LYS A 309 35.75 -29.69 7.92
N GLN A 310 37.08 -29.74 7.90
CA GLN A 310 37.90 -28.63 8.32
C GLN A 310 37.68 -27.43 7.46
N CYS A 311 37.59 -27.66 6.16
CA CYS A 311 37.39 -26.62 5.14
C CYS A 311 36.13 -25.83 5.40
N TYR A 312 35.02 -26.54 5.57
CA TYR A 312 33.74 -25.92 5.80
C TYR A 312 33.68 -25.18 7.14
N ARG A 313 34.32 -25.73 8.17
CA ARG A 313 34.41 -25.02 9.44
C ARG A 313 35.15 -23.69 9.28
N LEU A 314 36.31 -23.71 8.64
CA LEU A 314 37.10 -22.51 8.38
C LEU A 314 36.38 -21.49 7.50
N LEU A 315 35.72 -21.98 6.45
CA LEU A 315 34.97 -21.13 5.53
C LEU A 315 33.77 -20.47 6.23
N GLY A 316 33.11 -21.23 7.10
CA GLY A 316 31.96 -20.73 7.84
C GLY A 316 32.29 -19.63 8.84
N ASN A 317 33.56 -19.53 9.23
CA ASN A 317 33.99 -18.52 10.19
C ASN A 317 34.56 -17.27 9.53
N SER A 318 34.73 -17.33 8.21
CA SER A 318 35.42 -16.25 7.51
C SER A 318 34.53 -15.07 7.15
N VAL A 319 35.07 -14.17 6.35
CA VAL A 319 34.37 -12.94 6.01
C VAL A 319 34.04 -12.90 4.52
N ASN A 320 33.09 -12.05 4.15
CA ASN A 320 32.91 -11.74 2.73
C ASN A 320 33.93 -10.68 2.34
N VAL A 321 34.87 -11.06 1.49
CA VAL A 321 35.97 -10.18 1.10
C VAL A 321 35.50 -8.89 0.44
N LYS A 322 34.39 -8.94 -0.28
CA LYS A 322 33.90 -7.77 -1.01
C LYS A 322 33.35 -6.67 -0.11
N VAL A 323 32.50 -7.06 0.83
CA VAL A 323 31.90 -6.10 1.75
C VAL A 323 32.96 -5.33 2.54
N ILE A 324 33.99 -6.04 3.01
CA ILE A 324 35.03 -5.40 3.82
C ILE A 324 35.88 -4.46 2.98
N SER A 325 36.15 -4.87 1.75
CA SER A 325 36.88 -4.03 0.81
C SER A 325 36.13 -2.71 0.62
N GLU A 326 34.80 -2.79 0.50
CA GLU A 326 33.98 -1.60 0.35
C GLU A 326 33.97 -0.70 1.59
N LEU A 327 34.02 -1.31 2.77
CA LEU A 327 34.05 -0.54 4.03
C LEU A 327 35.43 0.07 4.22
N LEU A 328 36.47 -0.66 3.84
CA LEU A 328 37.84 -0.14 3.88
C LEU A 328 37.98 1.12 3.03
N LYS A 329 37.36 1.13 1.84
CA LYS A 329 37.34 2.32 1.01
C LYS A 329 36.69 3.50 1.73
N ILE A 330 35.57 3.21 2.39
CA ILE A 330 34.85 4.25 3.12
C ILE A 330 35.65 4.74 4.32
N LEU A 331 36.21 3.80 5.08
CA LEU A 331 36.97 4.11 6.29
C LEU A 331 38.18 5.00 6.02
N PHE A 332 38.77 4.87 4.84
CA PHE A 332 40.01 5.57 4.52
C PHE A 332 39.83 6.78 3.60
N GLU A 333 38.60 7.06 3.21
CA GLU A 333 38.35 8.20 2.34
C GLU A 333 38.48 9.50 3.13
N SER B 3 9.47 -32.02 -20.13
CA SER B 3 9.54 -30.56 -20.08
C SER B 3 8.42 -29.91 -20.90
N HIS B 4 8.60 -28.64 -21.23
CA HIS B 4 7.64 -27.93 -22.06
C HIS B 4 8.25 -27.59 -23.40
N LYS B 5 7.40 -27.44 -24.40
CA LYS B 5 7.85 -27.03 -25.72
C LYS B 5 7.22 -25.68 -26.06
N ILE B 6 8.06 -24.66 -26.22
CA ILE B 6 7.55 -23.30 -26.34
C ILE B 6 7.54 -22.73 -27.76
N LEU B 7 6.42 -22.13 -28.09
CA LEU B 7 6.27 -21.38 -29.32
C LEU B 7 6.34 -19.89 -28.97
N GLU B 8 7.36 -19.21 -29.48
CA GLU B 8 7.54 -17.79 -29.21
C GLU B 8 7.06 -16.97 -30.41
N LEU B 9 5.92 -16.31 -30.26
CA LEU B 9 5.34 -15.54 -31.35
C LEU B 9 5.74 -14.07 -31.24
N TYR B 10 6.02 -13.45 -32.39
CA TYR B 10 6.48 -12.08 -32.43
C TYR B 10 7.75 -11.95 -31.58
N SER B 11 8.63 -12.94 -31.72
CA SER B 11 9.82 -13.07 -30.88
C SER B 11 10.73 -11.84 -30.80
N GLY B 12 10.68 -10.96 -31.80
CA GLY B 12 11.47 -9.74 -31.79
C GLY B 12 12.95 -9.99 -31.60
N ILE B 13 13.52 -9.45 -30.53
CA ILE B 13 14.94 -9.67 -30.25
C ILE B 13 15.18 -10.75 -29.18
N GLY B 14 14.10 -11.31 -28.65
CA GLY B 14 14.20 -12.47 -27.78
C GLY B 14 13.88 -12.25 -26.32
N GLY B 15 13.02 -11.27 -26.04
CA GLY B 15 12.64 -10.94 -24.69
C GLY B 15 12.08 -12.11 -23.90
N MET B 16 10.99 -12.68 -24.40
CA MET B 16 10.37 -13.85 -23.76
C MET B 16 11.36 -14.98 -23.54
N HIS B 17 12.24 -15.19 -24.51
CA HIS B 17 13.22 -16.27 -24.45
C HIS B 17 14.19 -16.07 -23.27
N CYS B 18 14.65 -14.83 -23.07
CA CYS B 18 15.50 -14.51 -21.93
C CYS B 18 14.76 -14.72 -20.61
N ALA B 19 13.51 -14.27 -20.59
CA ALA B 19 12.64 -14.43 -19.43
C ALA B 19 12.45 -15.91 -19.10
N TRP B 20 12.39 -16.76 -20.11
CA TRP B 20 12.22 -18.18 -19.90
C TRP B 20 13.44 -18.80 -19.20
N LYS B 21 14.63 -18.33 -19.57
CA LYS B 21 15.86 -18.81 -18.94
C LYS B 21 15.99 -18.36 -17.48
N GLU B 22 15.60 -17.12 -17.21
CA GLU B 22 15.69 -16.53 -15.87
C GLU B 22 14.68 -17.17 -14.91
N SER B 23 13.61 -17.73 -15.46
CA SER B 23 12.54 -18.30 -14.66
C SER B 23 12.93 -19.65 -14.05
N GLY B 24 13.88 -20.33 -14.68
CA GLY B 24 14.35 -21.62 -14.21
C GLY B 24 13.33 -22.71 -14.47
N LEU B 25 12.40 -22.44 -15.38
CA LEU B 25 11.37 -23.41 -15.75
C LEU B 25 11.94 -24.46 -16.68
N ASP B 26 11.28 -25.61 -16.73
CA ASP B 26 11.78 -26.75 -17.51
C ASP B 26 11.18 -26.81 -18.92
N GLY B 27 12.02 -26.55 -19.92
CA GLY B 27 11.59 -26.59 -21.31
C GLY B 27 12.44 -25.71 -22.21
N GLU B 28 12.13 -25.73 -23.51
CA GLU B 28 12.85 -24.91 -24.47
C GLU B 28 11.94 -24.41 -25.59
N ILE B 29 12.40 -23.36 -26.26
CA ILE B 29 11.67 -22.77 -27.37
C ILE B 29 11.88 -23.63 -28.61
N VAL B 30 10.81 -24.25 -29.11
CA VAL B 30 10.91 -25.10 -30.29
C VAL B 30 10.81 -24.28 -31.58
N ALA B 31 10.17 -23.13 -31.48
CA ALA B 31 10.01 -22.26 -32.64
C ALA B 31 9.82 -20.80 -32.22
N ALA B 32 10.60 -19.92 -32.82
CA ALA B 32 10.47 -18.48 -32.62
C ALA B 32 10.09 -17.84 -33.95
N VAL B 33 9.00 -17.08 -33.98
CA VAL B 33 8.55 -16.48 -35.23
C VAL B 33 8.39 -14.95 -35.19
N ASP B 34 8.87 -14.31 -36.26
CA ASP B 34 8.88 -12.85 -36.37
C ASP B 34 9.28 -12.53 -37.80
N ILE B 35 8.75 -11.45 -38.37
CA ILE B 35 9.06 -11.13 -39.76
C ILE B 35 10.20 -10.13 -39.94
N ASN B 36 10.50 -9.36 -38.91
CA ASN B 36 11.60 -8.40 -38.99
C ASN B 36 12.94 -9.11 -39.15
N THR B 37 13.54 -8.99 -40.33
CA THR B 37 14.84 -9.58 -40.61
C THR B 37 15.88 -9.08 -39.63
N VAL B 38 15.81 -7.79 -39.31
CA VAL B 38 16.74 -7.17 -38.38
C VAL B 38 16.62 -7.77 -36.98
N ALA B 39 15.40 -7.81 -36.46
CA ALA B 39 15.17 -8.40 -35.14
C ALA B 39 15.63 -9.85 -35.10
N ASN B 40 15.44 -10.55 -36.21
CA ASN B 40 15.82 -11.95 -36.28
C ASN B 40 17.33 -12.14 -36.25
N SER B 41 18.06 -11.20 -36.83
CA SER B 41 19.51 -11.25 -36.84
C SER B 41 20.04 -11.11 -35.42
N VAL B 42 19.32 -10.34 -34.60
CA VAL B 42 19.71 -10.15 -33.22
C VAL B 42 19.41 -11.40 -32.42
N TYR B 43 18.24 -11.97 -32.66
CA TYR B 43 17.82 -13.21 -32.01
C TYR B 43 18.77 -14.32 -32.40
N LYS B 44 19.07 -14.38 -33.70
CA LYS B 44 19.96 -15.40 -34.23
C LYS B 44 21.36 -15.26 -33.64
N HIS B 45 21.74 -14.02 -33.34
CA HIS B 45 23.06 -13.76 -32.75
C HIS B 45 23.12 -14.20 -31.29
N ASN B 46 22.04 -13.98 -30.56
CA ASN B 46 21.99 -14.32 -29.15
C ASN B 46 21.50 -15.74 -28.86
N PHE B 47 20.67 -16.27 -29.74
CA PHE B 47 20.21 -17.66 -29.60
C PHE B 47 20.47 -18.41 -30.90
N PRO B 48 21.71 -18.89 -31.06
CA PRO B 48 22.19 -19.56 -32.28
C PRO B 48 21.53 -20.90 -32.54
N GLU B 49 21.34 -21.70 -31.50
CA GLU B 49 20.83 -23.06 -31.66
C GLU B 49 19.30 -23.14 -31.59
N THR B 50 18.64 -22.00 -31.45
CA THR B 50 17.19 -21.95 -31.45
C THR B 50 16.65 -21.84 -32.87
N ASN B 51 15.68 -22.68 -33.20
CA ASN B 51 15.05 -22.65 -34.51
C ASN B 51 14.17 -21.43 -34.70
N LEU B 52 14.64 -20.49 -35.51
CA LEU B 52 13.94 -19.24 -35.75
C LEU B 52 13.39 -19.20 -37.18
N LEU B 53 12.13 -18.82 -37.32
CA LEU B 53 11.46 -18.86 -38.61
C LEU B 53 11.04 -17.47 -39.04
N ASN B 54 11.61 -16.98 -40.15
CA ASN B 54 11.15 -15.75 -40.75
C ASN B 54 9.82 -16.01 -41.45
N ARG B 55 8.74 -15.92 -40.69
CA ARG B 55 7.41 -16.24 -41.21
C ARG B 55 6.36 -15.31 -40.67
N ASN B 56 5.37 -15.03 -41.50
CA ASN B 56 4.14 -14.41 -41.04
C ASN B 56 3.40 -15.44 -40.19
N ILE B 57 2.64 -14.98 -39.21
CA ILE B 57 2.02 -15.91 -38.26
C ILE B 57 0.90 -16.75 -38.90
N GLN B 58 0.33 -16.26 -39.99
CA GLN B 58 -0.71 -17.02 -40.71
C GLN B 58 -0.17 -18.33 -41.26
N GLN B 59 1.11 -18.36 -41.63
CA GLN B 59 1.73 -19.57 -42.15
C GLN B 59 1.84 -20.64 -41.09
N LEU B 60 1.79 -20.24 -39.83
CA LEU B 60 1.84 -21.20 -38.74
C LEU B 60 0.52 -21.92 -38.64
N THR B 61 0.47 -23.11 -39.21
CA THR B 61 -0.75 -23.92 -39.17
C THR B 61 -0.75 -24.73 -37.89
N PRO B 62 -1.94 -25.09 -37.39
CA PRO B 62 -2.06 -25.96 -36.22
C PRO B 62 -1.27 -27.26 -36.40
N GLN B 63 -1.20 -27.77 -37.62
CA GLN B 63 -0.51 -29.02 -37.90
C GLN B 63 1.00 -28.95 -37.66
N VAL B 64 1.64 -27.89 -38.13
CA VAL B 64 3.07 -27.71 -37.89
C VAL B 64 3.31 -27.41 -36.40
N ILE B 65 2.31 -26.83 -35.75
CA ILE B 65 2.40 -26.52 -34.33
C ILE B 65 2.35 -27.81 -33.52
N LYS B 66 1.45 -28.71 -33.88
CA LYS B 66 1.33 -29.97 -33.16
C LYS B 66 2.56 -30.83 -33.34
N LYS B 67 3.21 -30.73 -34.49
CA LYS B 67 4.39 -31.54 -34.77
C LYS B 67 5.57 -31.14 -33.88
N TRP B 68 5.61 -29.88 -33.48
CA TRP B 68 6.64 -29.38 -32.57
C TRP B 68 6.37 -29.82 -31.14
N ASN B 69 5.16 -30.31 -30.89
CA ASN B 69 4.70 -30.68 -29.56
C ASN B 69 4.56 -29.51 -28.60
N VAL B 70 4.31 -28.30 -29.11
CA VAL B 70 4.22 -27.16 -28.22
C VAL B 70 3.06 -27.30 -27.22
N ASP B 71 3.34 -26.95 -25.97
CA ASP B 71 2.34 -26.96 -24.92
C ASP B 71 2.23 -25.58 -24.33
N THR B 72 3.08 -24.67 -24.80
CA THR B 72 3.15 -23.31 -24.27
C THR B 72 3.27 -22.26 -25.38
N ILE B 73 2.50 -21.17 -25.25
CA ILE B 73 2.62 -20.05 -26.17
C ILE B 73 3.00 -18.74 -25.47
N LEU B 74 4.16 -18.20 -25.81
CA LEU B 74 4.61 -16.90 -25.34
C LEU B 74 4.54 -15.93 -26.51
N MET B 75 3.75 -14.87 -26.36
CA MET B 75 3.56 -13.95 -27.47
C MET B 75 3.46 -12.49 -27.04
N SER B 76 3.97 -11.61 -27.90
CA SER B 76 3.82 -10.17 -27.71
C SER B 76 3.36 -9.53 -29.03
N PRO B 77 2.06 -9.62 -29.32
CA PRO B 77 1.46 -9.08 -30.55
C PRO B 77 1.48 -7.55 -30.59
N PRO B 78 2.04 -6.97 -31.66
CA PRO B 78 2.17 -5.52 -31.81
C PRO B 78 0.83 -4.88 -32.12
N CYS B 79 0.59 -3.68 -31.59
CA CYS B 79 -0.63 -2.97 -31.92
C CYS B 79 -0.53 -2.41 -33.34
N GLN B 80 -1.19 -3.09 -34.28
CA GLN B 80 -1.12 -2.74 -35.68
C GLN B 80 -2.51 -2.44 -36.23
N PRO B 81 -2.58 -1.62 -37.29
CA PRO B 81 -3.88 -1.26 -37.87
C PRO B 81 -4.59 -2.43 -38.53
N PHE B 82 -5.92 -2.38 -38.56
CA PHE B 82 -6.69 -3.33 -39.35
C PHE B 82 -7.24 -2.61 -40.57
N THR B 83 -7.64 -1.36 -40.35
CA THR B 83 -8.28 -0.57 -41.38
C THR B 83 -7.42 0.65 -41.73
N ARG B 84 -7.70 1.26 -42.88
CA ARG B 84 -7.03 2.49 -43.30
C ARG B 84 -8.03 3.36 -44.06
N ASN B 85 -8.64 4.29 -43.34
CA ASN B 85 -9.66 5.19 -43.90
C ASN B 85 -10.77 4.50 -44.71
N GLY B 86 -11.52 3.63 -44.05
CA GLY B 86 -12.71 3.06 -44.65
C GLY B 86 -12.46 1.85 -45.52
N LYS B 87 -11.23 1.34 -45.48
CA LYS B 87 -10.89 0.11 -46.19
C LYS B 87 -10.10 -0.82 -45.29
N TYR B 88 -10.35 -2.12 -45.40
CA TYR B 88 -9.59 -3.10 -44.62
C TYR B 88 -8.26 -3.40 -45.29
N LEU B 89 -7.22 -3.57 -44.49
CA LEU B 89 -5.89 -3.85 -45.03
C LEU B 89 -5.83 -5.30 -45.50
N ASP B 90 -5.00 -5.55 -46.51
CA ASP B 90 -4.80 -6.88 -47.03
C ASP B 90 -4.13 -7.77 -45.99
N ASP B 91 -4.55 -9.03 -45.93
CA ASP B 91 -3.94 -10.02 -45.04
C ASP B 91 -2.49 -10.28 -45.47
N ASN B 92 -2.19 -10.00 -46.73
CA ASN B 92 -0.84 -10.16 -47.26
C ASN B 92 0.09 -9.02 -46.85
N ASP B 93 -0.45 -7.80 -46.80
CA ASP B 93 0.29 -6.59 -46.46
C ASP B 93 1.05 -6.72 -45.13
N PRO B 94 2.37 -6.51 -45.15
CA PRO B 94 3.26 -6.66 -44.00
C PRO B 94 2.83 -5.91 -42.73
N ARG B 95 2.35 -4.68 -42.84
CA ARG B 95 2.09 -3.87 -41.66
C ARG B 95 0.67 -3.99 -41.09
N THR B 96 -0.04 -5.04 -41.44
CA THR B 96 -1.39 -5.25 -40.90
C THR B 96 -1.39 -6.14 -39.65
N ASN B 97 -2.40 -5.95 -38.80
CA ASN B 97 -2.52 -6.75 -37.57
C ASN B 97 -2.84 -8.22 -37.85
N SER B 98 -1.99 -9.09 -37.33
CA SER B 98 -2.07 -10.52 -37.60
C SER B 98 -2.70 -11.26 -36.44
N PHE B 99 -3.05 -10.54 -35.39
CA PHE B 99 -3.49 -11.16 -34.14
C PHE B 99 -4.81 -11.94 -34.24
N LEU B 100 -5.66 -11.61 -35.20
CA LEU B 100 -6.93 -12.32 -35.33
C LEU B 100 -6.73 -13.80 -35.68
N TYR B 101 -5.73 -14.08 -36.49
CA TYR B 101 -5.50 -15.44 -36.98
C TYR B 101 -5.32 -16.47 -35.86
N LEU B 102 -4.44 -16.21 -34.91
CA LEU B 102 -4.16 -17.20 -33.89
C LEU B 102 -5.28 -17.30 -32.84
N ILE B 103 -6.04 -16.22 -32.67
CA ILE B 103 -7.26 -16.30 -31.89
C ILE B 103 -8.15 -17.32 -32.56
N GLY B 104 -8.18 -17.25 -33.90
CA GLY B 104 -8.98 -18.16 -34.70
C GLY B 104 -8.63 -19.62 -34.49
N ILE B 105 -7.35 -19.95 -34.59
CA ILE B 105 -6.90 -21.34 -34.56
C ILE B 105 -6.66 -21.90 -33.17
N LEU B 106 -7.07 -21.18 -32.13
CA LEU B 106 -6.75 -21.59 -30.76
C LEU B 106 -7.47 -22.88 -30.38
N ASP B 107 -8.66 -23.10 -30.94
CA ASP B 107 -9.45 -24.30 -30.63
C ASP B 107 -8.87 -25.56 -31.28
N GLN B 108 -7.93 -25.39 -32.20
CA GLN B 108 -7.30 -26.51 -32.88
C GLN B 108 -6.04 -26.96 -32.12
N LEU B 109 -5.70 -26.22 -31.07
CA LEU B 109 -4.48 -26.48 -30.32
C LEU B 109 -4.77 -27.11 -28.95
N ASP B 110 -5.44 -28.25 -28.98
CA ASP B 110 -5.79 -29.00 -27.78
C ASP B 110 -4.56 -29.33 -26.91
N ASN B 111 -3.39 -29.29 -27.54
CA ASN B 111 -2.13 -29.65 -26.90
C ASN B 111 -1.51 -28.55 -26.03
N VAL B 112 -2.00 -27.32 -26.20
CA VAL B 112 -1.43 -26.15 -25.52
C VAL B 112 -2.14 -25.84 -24.20
N ASP B 113 -1.39 -25.86 -23.11
CA ASP B 113 -1.96 -25.68 -21.78
C ASP B 113 -1.54 -24.37 -21.11
N TYR B 114 -0.49 -23.74 -21.62
CA TYR B 114 0.02 -22.51 -21.03
C TYR B 114 0.19 -21.38 -22.05
N ILE B 115 -0.45 -20.24 -21.79
CA ILE B 115 -0.32 -19.08 -22.67
C ILE B 115 0.08 -17.84 -21.87
N LEU B 116 1.03 -17.08 -22.40
CA LEU B 116 1.38 -15.78 -21.83
C LEU B 116 1.40 -14.71 -22.92
N MET B 117 0.59 -13.68 -22.73
CA MET B 117 0.59 -12.55 -23.65
C MET B 117 1.00 -11.25 -22.98
N GLU B 118 1.93 -10.54 -23.61
CA GLU B 118 2.16 -9.14 -23.28
C GLU B 118 1.46 -8.31 -24.36
N ASN B 119 0.78 -7.26 -23.94
CA ASN B 119 0.20 -6.34 -24.90
C ASN B 119 0.38 -4.90 -24.40
N VAL B 120 0.01 -3.94 -25.24
CA VAL B 120 0.20 -2.54 -24.87
C VAL B 120 -0.78 -2.12 -23.79
N LYS B 121 -0.46 -1.04 -23.10
CA LYS B 121 -1.37 -0.45 -22.14
C LYS B 121 -2.65 -0.01 -22.87
N GLY B 122 -3.80 -0.28 -22.26
CA GLY B 122 -5.07 0.12 -22.84
C GLY B 122 -5.70 -1.01 -23.64
N PHE B 123 -4.91 -2.04 -23.90
CA PHE B 123 -5.42 -3.23 -24.56
C PHE B 123 -6.55 -3.86 -23.78
N GLU B 124 -6.58 -3.63 -22.46
CA GLU B 124 -7.63 -4.23 -21.63
C GLU B 124 -8.99 -3.61 -21.87
N ASN B 125 -9.01 -2.50 -22.60
CA ASN B 125 -10.28 -1.88 -23.00
C ASN B 125 -10.59 -2.12 -24.47
N SER B 126 -9.77 -2.95 -25.11
CA SER B 126 -9.91 -3.20 -26.54
C SER B 126 -11.01 -4.23 -26.84
N THR B 127 -11.67 -4.06 -27.97
CA THR B 127 -12.62 -5.06 -28.45
C THR B 127 -11.87 -6.35 -28.81
N VAL B 128 -10.62 -6.19 -29.26
CA VAL B 128 -9.74 -7.29 -29.59
C VAL B 128 -9.46 -8.15 -28.36
N ARG B 129 -9.32 -7.49 -27.22
CA ARG B 129 -9.10 -8.19 -25.95
C ARG B 129 -10.33 -8.98 -25.55
N ASN B 130 -11.49 -8.34 -25.64
CA ASN B 130 -12.76 -9.00 -25.39
C ASN B 130 -12.93 -10.26 -26.21
N LEU B 131 -12.65 -10.16 -27.51
CA LEU B 131 -12.71 -11.31 -28.38
C LEU B 131 -11.75 -12.38 -27.89
N PHE B 132 -10.53 -11.96 -27.57
CA PHE B 132 -9.49 -12.88 -27.12
C PHE B 132 -9.85 -13.57 -25.80
N ILE B 133 -10.34 -12.80 -24.83
CA ILE B 133 -10.78 -13.35 -23.54
C ILE B 133 -11.92 -14.32 -23.79
N ASP B 134 -12.81 -13.92 -24.70
CA ASP B 134 -13.96 -14.73 -25.08
C ASP B 134 -13.52 -16.06 -25.68
N LYS B 135 -12.41 -16.04 -26.41
CA LYS B 135 -11.91 -17.24 -27.06
C LYS B 135 -11.35 -18.18 -26.03
N LEU B 136 -10.69 -17.61 -25.02
CA LEU B 136 -10.09 -18.41 -23.95
C LEU B 136 -11.16 -19.21 -23.22
N LYS B 137 -12.28 -18.57 -22.90
CA LYS B 137 -13.37 -19.27 -22.25
C LYS B 137 -13.94 -20.37 -23.14
N GLU B 138 -14.06 -20.07 -24.43
CA GLU B 138 -14.57 -21.04 -25.38
C GLU B 138 -13.64 -22.25 -25.50
N CYS B 139 -12.38 -22.07 -25.17
CA CYS B 139 -11.43 -23.16 -25.30
C CYS B 139 -11.13 -23.80 -23.95
N ASN B 140 -11.92 -23.43 -22.96
CA ASN B 140 -11.75 -23.88 -21.57
C ASN B 140 -10.39 -23.53 -20.97
N PHE B 141 -10.05 -22.24 -21.04
CA PHE B 141 -8.89 -21.71 -20.35
C PHE B 141 -9.39 -20.84 -19.21
N ILE B 142 -8.64 -20.79 -18.12
CA ILE B 142 -8.83 -19.77 -17.10
C ILE B 142 -7.62 -18.85 -17.15
N TYR B 143 -7.80 -17.61 -16.72
CA TYR B 143 -6.79 -16.60 -16.99
C TYR B 143 -6.66 -15.60 -15.86
N GLN B 144 -5.64 -14.75 -15.97
CA GLN B 144 -5.47 -13.62 -15.07
C GLN B 144 -4.91 -12.46 -15.87
N GLU B 145 -5.53 -11.28 -15.72
CA GLU B 145 -5.06 -10.09 -16.41
C GLU B 145 -4.22 -9.24 -15.47
N PHE B 146 -3.19 -8.62 -16.02
CA PHE B 146 -2.30 -7.79 -15.24
C PHE B 146 -2.04 -6.46 -15.93
N LEU B 147 -1.94 -5.40 -15.15
CA LEU B 147 -1.35 -4.16 -15.61
C LEU B 147 -0.15 -3.87 -14.71
N LEU B 148 1.04 -4.13 -15.22
CA LEU B 148 2.25 -4.10 -14.40
C LEU B 148 3.37 -3.20 -14.94
N CYS B 149 3.88 -2.34 -14.07
CA CYS B 149 5.04 -1.51 -14.37
C CYS B 149 6.23 -2.18 -13.71
N PRO B 150 7.40 -2.15 -14.35
CA PRO B 150 8.58 -2.77 -13.76
C PRO B 150 9.00 -2.05 -12.48
N SER B 151 8.64 -0.78 -12.38
CA SER B 151 8.97 0.04 -11.21
C SER B 151 8.37 -0.51 -9.92
N THR B 152 7.34 -1.34 -10.05
CA THR B 152 6.73 -1.95 -8.87
C THR B 152 7.29 -3.33 -8.58
N VAL B 153 8.29 -3.73 -9.36
CA VAL B 153 8.96 -5.03 -9.13
C VAL B 153 10.47 -4.89 -8.91
N GLY B 154 10.92 -3.67 -8.61
CA GLY B 154 12.30 -3.44 -8.24
C GLY B 154 13.21 -2.97 -9.37
N VAL B 155 12.61 -2.47 -10.45
CA VAL B 155 13.38 -1.96 -11.58
C VAL B 155 13.25 -0.44 -11.63
N PRO B 156 14.36 0.27 -11.87
CA PRO B 156 14.33 1.73 -12.00
C PRO B 156 13.86 2.17 -13.38
N ASN B 157 12.70 1.67 -13.80
CA ASN B 157 12.16 2.06 -15.09
C ASN B 157 10.64 1.97 -15.13
N SER B 158 10.01 2.89 -15.84
CA SER B 158 8.57 2.83 -16.05
C SER B 158 8.26 2.21 -17.39
N ARG B 159 7.25 1.35 -17.42
CA ARG B 159 6.85 0.63 -18.62
C ARG B 159 5.57 -0.14 -18.33
N LEU B 160 4.45 0.58 -18.25
CA LEU B 160 3.17 -0.03 -17.93
C LEU B 160 2.64 -0.83 -19.11
N ARG B 161 2.42 -2.12 -18.88
CA ARG B 161 1.94 -3.01 -19.93
C ARG B 161 0.77 -3.89 -19.46
N TYR B 162 0.04 -4.44 -20.43
CA TYR B 162 -1.00 -5.42 -20.15
C TYR B 162 -0.36 -6.79 -20.18
N TYR B 163 -0.88 -7.69 -19.36
CA TYR B 163 -0.42 -9.06 -19.37
C TYR B 163 -1.56 -10.04 -19.16
N CYS B 164 -1.47 -11.18 -19.83
CA CYS B 164 -2.42 -12.26 -19.62
C CYS B 164 -1.70 -13.59 -19.42
N THR B 165 -2.08 -14.31 -18.38
CA THR B 165 -1.60 -15.67 -18.17
C THR B 165 -2.80 -16.61 -18.23
N ALA B 166 -2.77 -17.54 -19.18
CA ALA B 166 -3.89 -18.45 -19.37
C ALA B 166 -3.45 -19.90 -19.16
N ARG B 167 -4.25 -20.65 -18.42
CA ARG B 167 -3.98 -22.08 -18.27
C ARG B 167 -5.21 -22.93 -18.57
N ARG B 168 -4.96 -24.13 -19.09
CA ARG B 168 -6.01 -25.12 -19.34
C ARG B 168 -6.80 -25.36 -18.06
N ASN B 169 -8.13 -25.28 -18.16
CA ASN B 169 -9.00 -25.40 -17.01
C ASN B 169 -9.21 -26.85 -16.59
N ASN B 170 -8.15 -27.49 -16.10
CA ASN B 170 -8.21 -28.88 -15.70
C ASN B 170 -7.96 -29.06 -14.20
N LEU B 171 -8.03 -27.96 -13.45
CA LEU B 171 -7.85 -27.97 -12.00
C LEU B 171 -6.41 -28.29 -11.57
N THR B 172 -5.44 -27.82 -12.34
CA THR B 172 -4.03 -28.04 -12.00
C THR B 172 -3.29 -26.74 -11.72
N TRP B 173 -4.00 -25.62 -11.86
CA TRP B 173 -3.42 -24.30 -11.61
C TRP B 173 -3.87 -23.76 -10.27
N PRO B 174 -2.99 -23.77 -9.28
CA PRO B 174 -3.37 -23.42 -7.91
C PRO B 174 -3.60 -21.92 -7.70
N PHE B 175 -3.23 -21.09 -8.66
CA PHE B 175 -3.29 -19.64 -8.48
C PHE B 175 -4.70 -19.11 -8.23
N LYS B 176 -4.81 -18.27 -7.21
CA LYS B 176 -6.09 -17.65 -6.85
C LYS B 176 -6.40 -16.53 -7.85
N ARG B 177 -6.83 -16.90 -9.06
CA ARG B 177 -7.13 -15.89 -10.07
C ARG B 177 -8.42 -15.14 -9.79
N ARG B 178 -8.49 -13.89 -10.24
CA ARG B 178 -9.68 -13.06 -10.09
C ARG B 178 -10.03 -12.37 -11.39
N ASP B 179 -11.29 -12.03 -11.58
CA ASP B 179 -11.75 -11.33 -12.78
C ASP B 179 -11.20 -9.92 -12.82
N GLU B 180 -10.87 -9.39 -11.64
CA GLU B 180 -10.34 -8.03 -11.53
C GLU B 180 -8.86 -8.01 -11.90
N ILE B 181 -8.47 -6.99 -12.64
CA ILE B 181 -7.08 -6.85 -13.07
C ILE B 181 -6.15 -6.65 -11.88
N ILE B 182 -5.06 -7.42 -11.84
CA ILE B 182 -4.04 -7.26 -10.81
C ILE B 182 -3.01 -6.24 -11.26
N THR B 183 -2.81 -5.19 -10.46
CA THR B 183 -1.87 -4.14 -10.82
C THR B 183 -0.54 -4.25 -10.05
N ARG B 184 -0.47 -5.19 -9.12
CA ARG B 184 0.71 -5.34 -8.27
C ARG B 184 0.91 -6.81 -7.90
N LEU B 185 2.06 -7.38 -8.27
CA LEU B 185 2.36 -8.78 -7.97
C LEU B 185 2.44 -9.06 -6.47
N PRO B 186 2.08 -10.29 -6.06
CA PRO B 186 2.08 -10.79 -4.68
C PRO B 186 3.42 -10.66 -3.92
N LYS B 187 4.55 -10.86 -4.61
CA LYS B 187 5.85 -10.71 -3.95
C LYS B 187 6.20 -9.24 -3.77
N ASP B 188 6.87 -8.94 -2.66
CA ASP B 188 7.52 -7.65 -2.49
C ASP B 188 8.91 -7.80 -3.07
N PHE B 189 9.28 -6.89 -3.98
CA PHE B 189 10.55 -6.99 -4.67
C PHE B 189 11.51 -5.91 -4.18
N GLY B 190 11.04 -5.15 -3.19
CA GLY B 190 11.85 -4.09 -2.60
C GLY B 190 11.78 -2.81 -3.40
N VAL B 191 12.43 -1.77 -2.87
CA VAL B 191 12.55 -0.50 -3.57
C VAL B 191 13.53 -0.68 -4.73
N PRO B 192 13.23 -0.07 -5.89
CA PRO B 192 14.13 -0.23 -7.03
C PRO B 192 15.56 0.23 -6.70
N HIS B 193 16.55 -0.49 -7.22
CA HIS B 193 17.93 -0.05 -7.16
C HIS B 193 18.13 1.20 -8.02
N SER B 194 19.32 1.77 -8.00
CA SER B 194 19.59 2.93 -8.84
C SER B 194 20.17 2.49 -10.18
N LEU B 195 20.55 3.46 -11.01
CA LEU B 195 21.13 3.18 -12.33
C LEU B 195 22.64 3.04 -12.24
N GLU B 196 23.19 3.35 -11.06
CA GLU B 196 24.64 3.41 -10.83
C GLU B 196 25.40 2.18 -11.32
N SER B 197 24.86 0.99 -11.09
CA SER B 197 25.50 -0.25 -11.52
C SER B 197 25.51 -0.42 -13.04
N ILE B 198 24.59 0.27 -13.72
CA ILE B 198 24.38 0.12 -15.15
C ILE B 198 25.28 1.01 -16.00
N ILE B 199 25.43 2.26 -15.57
CA ILE B 199 26.05 3.31 -16.37
C ILE B 199 27.44 2.95 -16.90
N GLU B 200 27.59 3.02 -18.23
CA GLU B 200 28.88 2.75 -18.87
C GLU B 200 29.91 3.83 -18.56
N GLU B 201 31.15 3.39 -18.32
CA GLU B 201 32.23 4.25 -17.86
C GLU B 201 32.56 5.38 -18.84
N ASP B 202 32.80 5.02 -20.10
CA ASP B 202 33.21 6.00 -21.11
C ASP B 202 32.49 5.79 -22.43
N VAL B 203 31.35 6.45 -22.57
CA VAL B 203 30.49 6.30 -23.74
C VAL B 203 30.93 7.24 -24.86
N ASP B 204 30.69 6.82 -26.10
CA ASP B 204 31.06 7.60 -27.27
C ASP B 204 30.27 8.91 -27.35
N GLU B 205 30.81 9.89 -28.06
CA GLU B 205 30.13 11.17 -28.27
C GLU B 205 28.85 10.94 -29.07
N LYS B 206 28.85 9.87 -29.86
CA LYS B 206 27.68 9.35 -30.57
C LYS B 206 26.34 9.67 -29.92
N PHE B 207 26.25 9.38 -28.63
CA PHE B 207 24.98 9.40 -27.91
C PHE B 207 24.65 10.74 -27.29
N LEU B 208 25.47 11.74 -27.57
CA LEU B 208 25.18 13.09 -27.13
C LEU B 208 23.88 13.58 -27.75
N VAL B 209 23.02 14.15 -26.91
CA VAL B 209 21.81 14.81 -27.39
C VAL B 209 22.22 16.02 -28.23
N PRO B 210 21.84 16.01 -29.52
CA PRO B 210 22.25 17.04 -30.47
C PRO B 210 21.69 18.44 -30.17
N GLU B 211 22.46 19.45 -30.57
CA GLU B 211 22.08 20.86 -30.47
C GLU B 211 20.61 21.18 -30.75
N LYS B 212 20.05 20.58 -31.78
CA LYS B 212 18.70 20.92 -32.24
C LYS B 212 17.63 20.54 -31.22
N MET B 213 17.85 19.43 -30.53
CA MET B 213 16.90 18.95 -29.53
C MET B 213 17.15 19.59 -28.17
N LEU B 214 18.29 20.26 -28.03
CA LEU B 214 18.60 20.98 -26.80
C LEU B 214 17.71 22.22 -26.69
N ARG B 215 17.18 22.65 -27.82
CA ARG B 215 16.30 23.82 -27.87
C ARG B 215 15.03 23.61 -27.06
N CYS B 216 14.62 22.36 -26.89
CA CYS B 216 13.42 22.05 -26.12
C CYS B 216 13.79 21.45 -24.78
N ALA B 217 14.83 21.99 -24.16
CA ALA B 217 15.33 21.42 -22.90
C ALA B 217 14.35 21.55 -21.75
N LYS B 218 13.22 22.22 -21.99
CA LYS B 218 12.18 22.35 -20.98
C LYS B 218 11.49 21.01 -20.71
N VAL B 219 11.30 20.22 -21.76
CA VAL B 219 10.55 18.98 -21.66
C VAL B 219 11.41 17.76 -21.33
N PHE B 220 12.70 17.98 -21.08
CA PHE B 220 13.62 16.89 -20.80
C PHE B 220 13.32 16.18 -19.48
N ASP B 221 13.33 14.85 -19.51
CA ASP B 221 13.35 14.09 -18.28
C ASP B 221 14.76 13.54 -18.13
N ILE B 222 15.45 13.96 -17.07
CA ILE B 222 16.88 13.68 -16.94
C ILE B 222 17.18 12.72 -15.80
N CYS B 223 18.08 11.78 -16.05
CA CYS B 223 18.48 10.83 -15.03
C CYS B 223 19.95 10.97 -14.64
N TYR B 224 20.30 10.35 -13.52
CA TYR B 224 21.63 10.42 -12.97
C TYR B 224 22.00 9.00 -12.53
N LYS B 225 23.26 8.79 -12.16
CA LYS B 225 23.69 7.48 -11.67
C LYS B 225 22.85 7.06 -10.47
N THR B 226 22.42 8.04 -9.69
CA THR B 226 21.72 7.79 -8.45
C THR B 226 20.21 7.66 -8.63
N SER B 227 19.73 7.87 -9.86
CA SER B 227 18.31 7.79 -10.14
C SER B 227 17.74 6.40 -9.84
N LYS B 228 16.59 6.37 -9.18
CA LYS B 228 15.85 5.13 -8.96
C LYS B 228 14.64 5.04 -9.90
N ARG B 229 14.51 6.01 -10.79
CA ARG B 229 13.44 6.00 -11.78
C ARG B 229 13.92 6.49 -13.13
N SER B 230 13.21 6.10 -14.19
CA SER B 230 13.46 6.58 -15.54
C SER B 230 12.20 6.38 -16.35
N CYS B 231 12.01 7.21 -17.37
CA CYS B 231 10.79 7.16 -18.17
C CYS B 231 10.76 5.96 -19.11
N CYS B 232 9.64 5.77 -19.77
CA CYS B 232 9.47 4.62 -20.67
C CYS B 232 10.15 4.85 -22.01
N PHE B 233 10.83 3.82 -22.49
CA PHE B 233 11.49 3.88 -23.80
C PHE B 233 10.57 3.51 -24.96
N THR B 234 10.26 4.49 -25.78
CA THR B 234 9.43 4.34 -26.97
C THR B 234 10.33 3.97 -28.14
N LYS B 235 9.77 3.37 -29.19
CA LYS B 235 10.54 3.07 -30.40
C LYS B 235 11.00 4.34 -31.11
N ALA B 236 10.55 5.50 -30.64
CA ALA B 236 10.94 6.77 -31.23
C ALA B 236 12.00 7.52 -30.41
N TYR B 237 12.69 6.80 -29.53
CA TYR B 237 13.77 7.36 -28.71
C TYR B 237 14.86 7.95 -29.59
N THR B 238 15.32 9.13 -29.20
CA THR B 238 16.31 9.93 -29.94
C THR B 238 15.76 10.66 -31.18
N HIS B 239 14.45 10.61 -31.39
CA HIS B 239 13.84 11.31 -32.52
C HIS B 239 13.02 12.51 -32.07
N TYR B 240 12.63 12.51 -30.80
CA TYR B 240 11.82 13.60 -30.26
C TYR B 240 12.40 14.10 -28.94
N ALA B 241 12.04 15.33 -28.56
CA ALA B 241 12.53 15.91 -27.32
C ALA B 241 11.93 15.25 -26.08
N ASP B 242 10.65 14.93 -26.14
CA ASP B 242 9.98 14.37 -24.96
C ASP B 242 8.98 13.27 -25.27
N GLY B 243 8.76 12.40 -24.29
CA GLY B 243 7.78 11.33 -24.39
C GLY B 243 8.38 10.02 -24.87
N THR B 244 9.62 10.07 -25.32
CA THR B 244 10.26 8.88 -25.88
C THR B 244 11.18 8.21 -24.88
N GLY B 245 11.49 8.91 -23.79
CA GLY B 245 12.32 8.33 -22.75
C GLY B 245 13.19 9.34 -22.04
N SER B 246 13.87 8.87 -20.99
CA SER B 246 14.71 9.75 -20.19
C SER B 246 16.06 10.01 -20.85
N ILE B 247 16.75 11.00 -20.31
CA ILE B 247 18.05 11.43 -20.81
C ILE B 247 19.03 11.37 -19.64
N PHE B 248 20.31 11.21 -19.93
CA PHE B 248 21.30 11.01 -18.86
C PHE B 248 22.40 12.08 -18.86
N THR B 249 23.07 12.24 -17.71
CA THR B 249 24.22 13.12 -17.59
C THR B 249 25.12 12.67 -16.43
N ASP B 250 26.42 12.90 -16.58
CA ASP B 250 27.36 12.56 -15.53
C ASP B 250 27.53 13.71 -14.55
N LYS B 251 26.97 14.86 -14.91
CA LYS B 251 27.05 16.04 -14.06
C LYS B 251 26.21 15.86 -12.81
N PRO B 252 26.58 16.57 -11.73
CA PRO B 252 25.76 16.60 -10.50
C PRO B 252 24.37 17.14 -10.79
N ARG B 253 23.40 16.80 -9.95
CA ARG B 253 22.04 17.26 -10.11
C ARG B 253 21.97 18.78 -9.98
N GLU B 254 22.84 19.34 -9.15
CA GLU B 254 22.85 20.77 -8.87
C GLU B 254 23.40 21.58 -10.05
N VAL B 255 24.31 20.97 -10.80
CA VAL B 255 24.90 21.63 -11.97
C VAL B 255 23.85 21.81 -13.07
N VAL B 256 23.06 20.77 -13.28
CA VAL B 256 21.93 20.85 -14.21
C VAL B 256 20.95 21.93 -13.76
N GLN B 257 20.61 21.89 -12.48
CA GLN B 257 19.69 22.87 -11.89
C GLN B 257 20.17 24.30 -12.11
N LYS B 258 21.48 24.51 -11.94
CA LYS B 258 22.06 25.83 -12.04
C LYS B 258 22.03 26.34 -13.48
N CYS B 259 22.13 25.41 -14.42
CA CYS B 259 22.12 25.74 -15.83
C CYS B 259 20.71 26.07 -16.28
N TYR B 260 19.73 25.33 -15.74
CA TYR B 260 18.33 25.60 -16.04
C TYR B 260 17.97 27.02 -15.63
N ALA B 261 18.24 27.34 -14.37
CA ALA B 261 17.92 28.66 -13.83
C ALA B 261 18.61 29.75 -14.63
N ALA B 262 19.82 29.47 -15.11
CA ALA B 262 20.61 30.47 -15.82
C ALA B 262 20.01 30.77 -17.19
N ALA B 263 19.63 29.73 -17.91
CA ALA B 263 19.07 29.89 -19.26
C ALA B 263 17.69 30.53 -19.24
N ALA B 264 17.04 30.52 -18.07
CA ALA B 264 15.70 31.09 -17.94
C ALA B 264 15.71 32.61 -17.96
N GLN B 265 16.87 33.20 -18.29
CA GLN B 265 17.01 34.64 -18.35
C GLN B 265 17.46 35.08 -19.73
N ASN B 266 17.59 34.15 -20.66
CA ASN B 266 18.13 34.46 -21.98
C ASN B 266 17.06 34.59 -23.07
N GLU B 267 16.61 33.43 -23.56
CA GLU B 267 15.60 33.33 -24.60
C GLU B 267 15.43 31.85 -24.85
N ILE B 268 14.24 31.34 -24.60
CA ILE B 268 13.99 29.91 -24.63
C ILE B 268 14.21 29.33 -26.02
N GLY B 269 15.21 28.46 -26.13
CA GLY B 269 15.66 27.97 -27.41
C GLY B 269 16.72 28.88 -28.02
N GLY B 270 17.06 29.96 -27.34
CA GLY B 270 18.04 30.91 -27.83
C GLY B 270 19.44 30.33 -27.93
N GLU B 271 20.37 31.14 -28.43
CA GLU B 271 21.72 30.68 -28.72
C GLU B 271 22.54 30.40 -27.46
N LYS B 272 22.58 31.36 -26.55
CA LYS B 272 23.31 31.17 -25.30
C LYS B 272 22.55 30.20 -24.38
N PHE B 273 21.24 30.10 -24.59
CA PHE B 273 20.43 29.05 -23.99
C PHE B 273 21.02 27.70 -24.38
N VAL B 274 21.16 27.48 -25.68
CA VAL B 274 21.72 26.24 -26.21
C VAL B 274 23.14 25.98 -25.71
N GLU B 275 24.02 26.96 -25.89
CA GLU B 275 25.41 26.82 -25.47
C GLU B 275 25.54 26.44 -23.99
N LEU B 276 24.63 26.94 -23.16
CA LEU B 276 24.61 26.58 -21.76
C LEU B 276 24.37 25.09 -21.56
N PHE B 277 23.33 24.57 -22.21
CA PHE B 277 22.97 23.17 -22.04
C PHE B 277 23.99 22.21 -22.66
N LYS B 278 24.72 22.71 -23.64
CA LYS B 278 25.77 21.94 -24.29
C LYS B 278 26.80 21.51 -23.24
N GLU B 279 27.05 22.38 -22.27
CA GLU B 279 28.04 22.12 -21.22
C GLU B 279 27.62 20.98 -20.28
N LEU B 280 26.32 20.68 -20.26
CA LEU B 280 25.80 19.63 -19.39
C LEU B 280 26.14 18.22 -19.87
N LYS B 281 26.51 18.08 -21.14
CA LYS B 281 26.89 16.79 -21.71
C LYS B 281 25.77 15.77 -21.57
N LEU B 282 24.55 16.22 -21.80
CA LEU B 282 23.38 15.35 -21.77
C LEU B 282 23.48 14.33 -22.90
N ARG B 283 23.15 13.08 -22.59
CA ARG B 283 23.24 12.02 -23.59
C ARG B 283 22.10 11.03 -23.48
N TYR B 284 21.89 10.27 -24.55
CA TYR B 284 20.96 9.17 -24.53
C TYR B 284 21.60 7.98 -23.83
N PHE B 285 20.78 7.18 -23.18
CA PHE B 285 21.23 5.88 -22.70
C PHE B 285 21.62 5.06 -23.92
N THR B 286 22.74 4.37 -23.84
CA THR B 286 23.15 3.49 -24.94
C THR B 286 22.25 2.27 -24.96
N PRO B 287 22.17 1.60 -26.11
CA PRO B 287 21.40 0.35 -26.18
C PRO B 287 21.91 -0.66 -25.17
N LYS B 288 23.21 -0.67 -24.92
CA LYS B 288 23.80 -1.58 -23.95
C LYS B 288 23.26 -1.30 -22.53
N GLU B 289 23.06 -0.02 -22.22
CA GLU B 289 22.51 0.36 -20.92
C GLU B 289 20.99 0.16 -20.85
N VAL B 290 20.32 0.38 -21.98
CA VAL B 290 18.88 0.20 -22.04
C VAL B 290 18.56 -1.27 -21.78
N LEU B 291 19.36 -2.16 -22.37
CA LEU B 291 19.21 -3.59 -22.19
C LEU B 291 19.27 -3.96 -20.71
N MET B 292 20.20 -3.34 -20.00
CA MET B 292 20.35 -3.57 -18.56
C MET B 292 19.13 -3.06 -17.81
N ILE B 293 18.71 -1.83 -18.10
CA ILE B 293 17.50 -1.27 -17.53
C ILE B 293 16.30 -2.15 -17.90
N MET B 294 16.39 -2.79 -19.06
CA MET B 294 15.34 -3.66 -19.57
C MET B 294 15.43 -5.05 -18.94
N CYS B 295 16.53 -5.29 -18.23
CA CYS B 295 16.79 -6.55 -17.51
C CYS B 295 17.18 -7.75 -18.36
N PHE B 296 17.74 -7.49 -19.55
CA PHE B 296 18.43 -8.53 -20.30
C PHE B 296 19.75 -8.85 -19.58
N PRO B 297 20.20 -10.12 -19.65
CA PRO B 297 21.47 -10.49 -19.01
C PRO B 297 22.67 -9.84 -19.68
N LYS B 298 23.79 -9.76 -18.96
CA LYS B 298 25.02 -9.15 -19.46
C LYS B 298 25.58 -9.89 -20.67
N SER B 299 25.31 -11.19 -20.75
CA SER B 299 25.79 -12.01 -21.85
C SER B 299 25.10 -11.63 -23.15
N TYR B 300 23.89 -11.07 -23.01
CA TYR B 300 23.12 -10.64 -24.16
C TYR B 300 23.72 -9.37 -24.75
N ASN B 301 23.92 -9.38 -26.06
CA ASN B 301 24.43 -8.21 -26.74
C ASN B 301 23.88 -8.09 -28.16
N LEU B 302 23.91 -6.88 -28.67
CA LEU B 302 23.50 -6.62 -30.04
C LEU B 302 24.72 -6.79 -30.93
N PRO B 303 24.56 -7.47 -32.07
CA PRO B 303 25.69 -7.54 -33.00
C PRO B 303 26.00 -6.16 -33.58
N THR B 304 27.24 -5.96 -34.00
CA THR B 304 27.74 -4.66 -34.42
C THR B 304 27.11 -4.10 -35.70
N ASN B 305 26.72 -4.98 -36.62
CA ASN B 305 26.22 -4.58 -37.93
C ASN B 305 24.99 -3.66 -37.90
N ILE B 306 24.25 -3.70 -36.80
CA ILE B 306 23.03 -2.90 -36.67
C ILE B 306 23.34 -1.44 -36.35
N SER B 307 22.67 -0.53 -37.04
CA SER B 307 22.86 0.89 -36.83
C SER B 307 22.31 1.32 -35.48
N MET B 308 22.54 2.58 -35.13
CA MET B 308 22.05 3.12 -33.88
C MET B 308 20.53 3.34 -33.93
N LYS B 309 20.01 3.70 -35.10
CA LYS B 309 18.59 3.98 -35.26
C LYS B 309 17.76 2.71 -35.11
N GLN B 310 18.24 1.62 -35.70
CA GLN B 310 17.54 0.37 -35.64
C GLN B 310 17.60 -0.23 -34.24
N CYS B 311 18.72 0.01 -33.55
CA CYS B 311 18.91 -0.47 -32.17
C CYS B 311 17.81 0.01 -31.24
N TYR B 312 17.64 1.33 -31.16
CA TYR B 312 16.64 1.94 -30.30
C TYR B 312 15.24 1.53 -30.71
N ARG B 313 15.07 1.29 -32.00
CA ARG B 313 13.79 0.85 -32.53
C ARG B 313 13.43 -0.53 -31.95
N LEU B 314 14.34 -1.49 -32.12
CA LEU B 314 14.15 -2.83 -31.58
C LEU B 314 13.98 -2.85 -30.06
N LEU B 315 14.74 -2.01 -29.36
CA LEU B 315 14.68 -1.95 -27.90
C LEU B 315 13.34 -1.42 -27.41
N GLY B 316 12.87 -0.33 -28.01
CA GLY B 316 11.58 0.23 -27.63
C GLY B 316 10.42 -0.75 -27.80
N ASN B 317 10.59 -1.69 -28.71
CA ASN B 317 9.57 -2.68 -29.03
C ASN B 317 9.60 -3.88 -28.10
N SER B 318 10.62 -3.96 -27.26
CA SER B 318 10.86 -5.16 -26.47
C SER B 318 10.04 -5.21 -25.16
N VAL B 319 10.41 -6.15 -24.30
CA VAL B 319 9.73 -6.36 -23.03
C VAL B 319 10.72 -6.23 -21.87
N ASN B 320 10.22 -5.97 -20.68
CA ASN B 320 11.07 -6.07 -19.51
C ASN B 320 11.20 -7.52 -19.07
N VAL B 321 12.40 -8.07 -19.18
CA VAL B 321 12.65 -9.50 -18.99
C VAL B 321 12.16 -10.01 -17.63
N LYS B 322 12.41 -9.23 -16.58
CA LYS B 322 12.10 -9.62 -15.23
C LYS B 322 10.61 -9.82 -14.96
N VAL B 323 9.79 -8.87 -15.41
CA VAL B 323 8.35 -8.94 -15.24
C VAL B 323 7.81 -10.23 -15.84
N ILE B 324 8.22 -10.52 -17.07
CA ILE B 324 7.81 -11.74 -17.75
C ILE B 324 8.28 -12.97 -16.97
N SER B 325 9.55 -12.96 -16.58
CA SER B 325 10.14 -14.01 -15.76
C SER B 325 9.33 -14.25 -14.49
N GLU B 326 8.83 -13.17 -13.90
CA GLU B 326 8.02 -13.30 -12.70
C GLU B 326 6.61 -13.79 -13.03
N LEU B 327 6.07 -13.34 -14.16
CA LEU B 327 4.74 -13.79 -14.59
C LEU B 327 4.74 -15.26 -14.96
N LEU B 328 5.77 -15.68 -15.68
CA LEU B 328 5.96 -17.09 -16.00
C LEU B 328 5.87 -17.96 -14.75
N LYS B 329 6.59 -17.59 -13.71
CA LYS B 329 6.58 -18.35 -12.46
C LYS B 329 5.18 -18.51 -11.88
N ILE B 330 4.38 -17.45 -11.94
CA ILE B 330 2.97 -17.52 -11.56
C ILE B 330 2.20 -18.47 -12.48
N LEU B 331 2.39 -18.30 -13.78
CA LEU B 331 1.68 -19.09 -14.79
C LEU B 331 1.92 -20.59 -14.63
N PHE B 332 3.14 -20.96 -14.30
CA PHE B 332 3.49 -22.38 -14.21
C PHE B 332 3.44 -22.91 -12.78
N GLU B 333 2.69 -22.25 -11.90
CA GLU B 333 2.50 -22.73 -10.54
C GLU B 333 1.85 -24.12 -10.48
N SER C 3 9.78 23.85 19.62
CA SER C 3 9.38 22.43 19.61
C SER C 3 8.94 22.00 21.01
N HIS C 4 8.21 20.90 21.08
CA HIS C 4 7.64 20.45 22.35
C HIS C 4 8.23 19.16 22.85
N LYS C 5 8.23 19.01 24.17
CA LYS C 5 8.72 17.81 24.82
C LYS C 5 7.58 17.15 25.59
N ILE C 6 7.15 15.98 25.13
CA ILE C 6 5.96 15.33 25.67
C ILE C 6 6.29 14.21 26.66
N LEU C 7 5.63 14.25 27.82
CA LEU C 7 5.65 13.12 28.74
C LEU C 7 4.36 12.35 28.56
N GLU C 8 4.48 11.05 28.29
CA GLU C 8 3.35 10.22 27.96
C GLU C 8 3.10 9.16 29.03
N LEU C 9 2.09 9.39 29.86
CA LEU C 9 1.86 8.55 31.04
C LEU C 9 0.84 7.48 30.76
N TYR C 10 1.05 6.30 31.35
CA TYR C 10 0.21 5.14 31.12
C TYR C 10 0.18 4.88 29.62
N SER C 11 1.37 4.91 29.00
CA SER C 11 1.49 5.00 27.54
C SER C 11 0.89 3.84 26.74
N GLY C 12 0.75 2.68 27.37
CA GLY C 12 0.18 1.52 26.71
C GLY C 12 0.85 1.19 25.39
N ILE C 13 0.04 1.05 24.34
CA ILE C 13 0.57 0.69 23.02
C ILE C 13 0.89 1.91 22.18
N GLY C 14 0.66 3.09 22.73
CA GLY C 14 1.12 4.32 22.11
C GLY C 14 0.07 5.04 21.29
N GLY C 15 -1.18 4.99 21.76
CA GLY C 15 -2.26 5.71 21.13
C GLY C 15 -2.04 7.21 21.17
N MET C 16 -1.47 7.70 22.27
CA MET C 16 -1.19 9.12 22.42
C MET C 16 -0.07 9.53 21.48
N HIS C 17 0.95 8.67 21.40
CA HIS C 17 2.10 8.93 20.55
C HIS C 17 1.67 8.97 19.08
N CYS C 18 0.76 8.08 18.72
CA CYS C 18 0.21 8.08 17.37
C CYS C 18 -0.55 9.36 17.09
N ALA C 19 -1.35 9.78 18.07
CA ALA C 19 -2.18 10.97 17.93
C ALA C 19 -1.34 12.23 17.80
N TRP C 20 -0.19 12.24 18.48
CA TRP C 20 0.67 13.39 18.43
C TRP C 20 1.23 13.58 17.02
N LYS C 21 1.68 12.49 16.42
CA LYS C 21 2.22 12.52 15.06
C LYS C 21 1.14 12.91 14.05
N GLU C 22 -0.08 12.47 14.30
CA GLU C 22 -1.21 12.75 13.43
C GLU C 22 -1.67 14.20 13.55
N SER C 23 -1.38 14.82 14.68
CA SER C 23 -1.77 16.20 14.92
C SER C 23 -1.04 17.14 13.97
N GLY C 24 0.23 16.83 13.72
CA GLY C 24 1.05 17.67 12.87
C GLY C 24 1.78 18.74 13.66
N LEU C 25 1.52 18.81 14.96
CA LEU C 25 2.21 19.75 15.84
C LEU C 25 3.67 19.35 16.03
N ASP C 26 4.50 20.33 16.33
CA ASP C 26 5.94 20.11 16.45
C ASP C 26 6.31 19.68 17.86
N GLY C 27 6.79 18.46 18.01
CA GLY C 27 7.16 17.95 19.32
C GLY C 27 7.75 16.56 19.32
N GLU C 28 8.35 16.19 20.44
CA GLU C 28 8.95 14.87 20.58
C GLU C 28 8.48 14.21 21.86
N ILE C 29 8.33 12.89 21.85
CA ILE C 29 8.05 12.13 23.06
C ILE C 29 9.37 11.84 23.75
N VAL C 30 9.56 12.42 24.93
CA VAL C 30 10.83 12.29 25.63
C VAL C 30 10.79 11.16 26.62
N ALA C 31 9.59 10.76 26.98
CA ALA C 31 9.42 9.69 27.95
C ALA C 31 8.02 9.11 27.84
N ALA C 32 7.94 7.80 27.79
CA ALA C 32 6.68 7.10 27.88
C ALA C 32 6.76 6.19 29.09
N VAL C 33 5.74 6.21 29.92
CA VAL C 33 5.77 5.43 31.17
C VAL C 33 4.56 4.49 31.30
N ASP C 34 4.86 3.20 31.48
CA ASP C 34 3.86 2.15 31.71
C ASP C 34 4.50 0.94 32.40
N ILE C 35 3.74 0.23 33.23
CA ILE C 35 4.26 -0.91 33.97
C ILE C 35 3.86 -2.27 33.38
N ASN C 36 3.12 -2.25 32.28
CA ASN C 36 2.73 -3.48 31.62
C ASN C 36 3.75 -3.91 30.58
N THR C 37 4.52 -4.94 30.89
CA THR C 37 5.61 -5.40 30.04
C THR C 37 5.12 -5.80 28.65
N VAL C 38 3.95 -6.41 28.58
CA VAL C 38 3.36 -6.80 27.30
C VAL C 38 3.01 -5.58 26.44
N ALA C 39 2.31 -4.62 27.04
CA ALA C 39 1.98 -3.37 26.36
C ALA C 39 3.24 -2.63 25.89
N ASN C 40 4.26 -2.61 26.73
CA ASN C 40 5.52 -1.97 26.37
C ASN C 40 6.19 -2.67 25.20
N SER C 41 6.04 -3.99 25.16
CA SER C 41 6.55 -4.79 24.06
C SER C 41 5.99 -4.29 22.74
N VAL C 42 4.71 -3.92 22.75
CA VAL C 42 4.03 -3.40 21.57
C VAL C 42 4.47 -1.98 21.23
N TYR C 43 4.53 -1.13 22.25
CA TYR C 43 5.01 0.24 22.10
C TYR C 43 6.44 0.26 21.56
N LYS C 44 7.29 -0.62 22.07
CA LYS C 44 8.70 -0.66 21.66
C LYS C 44 8.81 -1.12 20.21
N HIS C 45 7.98 -2.09 19.86
CA HIS C 45 7.89 -2.60 18.50
C HIS C 45 7.53 -1.52 17.50
N ASN C 46 6.64 -0.61 17.89
CA ASN C 46 6.16 0.43 16.99
C ASN C 46 6.96 1.71 17.10
N PHE C 47 7.51 1.95 18.29
CA PHE C 47 8.34 3.12 18.53
C PHE C 47 9.67 2.71 19.16
N PRO C 48 10.55 2.07 18.37
CA PRO C 48 11.85 1.60 18.86
C PRO C 48 12.72 2.74 19.34
N GLU C 49 12.64 3.88 18.65
CA GLU C 49 13.48 5.03 18.93
C GLU C 49 13.16 5.74 20.25
N THR C 50 11.91 5.63 20.70
CA THR C 50 11.42 6.39 21.83
C THR C 50 11.88 5.83 23.17
N ASN C 51 12.20 6.72 24.10
CA ASN C 51 12.54 6.34 25.46
C ASN C 51 11.31 5.83 26.21
N LEU C 52 11.24 4.52 26.39
CA LEU C 52 10.14 3.89 27.13
C LEU C 52 10.59 3.37 28.50
N LEU C 53 9.81 3.67 29.53
CA LEU C 53 10.20 3.35 30.90
C LEU C 53 9.24 2.39 31.61
N ASN C 54 9.72 1.22 31.98
CA ASN C 54 8.92 0.37 32.86
C ASN C 54 9.09 0.84 34.29
N ARG C 55 8.34 1.88 34.63
CA ARG C 55 8.43 2.52 35.93
C ARG C 55 7.02 2.78 36.43
N ASN C 56 6.82 2.74 37.73
CA ASN C 56 5.51 3.09 38.26
C ASN C 56 5.39 4.61 38.28
N ILE C 57 4.16 5.09 38.19
CA ILE C 57 3.91 6.53 38.16
C ILE C 57 4.28 7.20 39.49
N GLN C 58 4.15 6.46 40.59
CA GLN C 58 4.47 7.02 41.90
C GLN C 58 5.97 7.17 42.11
N GLN C 59 6.75 6.54 41.24
CA GLN C 59 8.20 6.66 41.25
C GLN C 59 8.65 7.76 40.30
N LEU C 60 7.70 8.46 39.70
CA LEU C 60 8.00 9.64 38.89
C LEU C 60 8.18 10.84 39.78
N THR C 61 9.34 11.47 39.69
CA THR C 61 9.66 12.62 40.54
C THR C 61 9.71 13.89 39.72
N PRO C 62 9.28 15.02 40.32
CA PRO C 62 9.38 16.34 39.68
C PRO C 62 10.78 16.60 39.12
N GLN C 63 11.80 16.17 39.85
CA GLN C 63 13.18 16.37 39.44
C GLN C 63 13.49 15.74 38.08
N VAL C 64 13.06 14.50 37.87
CA VAL C 64 13.33 13.83 36.60
C VAL C 64 12.43 14.37 35.45
N ILE C 65 11.26 14.90 35.81
CA ILE C 65 10.38 15.52 34.83
C ILE C 65 10.97 16.87 34.39
N LYS C 66 11.66 17.54 35.32
CA LYS C 66 12.37 18.78 35.02
C LYS C 66 13.58 18.51 34.15
N LYS C 67 14.27 17.41 34.42
CA LYS C 67 15.51 17.11 33.69
C LYS C 67 15.21 16.72 32.25
N TRP C 68 14.00 16.22 32.03
CA TRP C 68 13.53 15.84 30.70
C TRP C 68 13.06 17.03 29.86
N ASN C 69 12.80 18.16 30.53
CA ASN C 69 12.33 19.38 29.88
C ASN C 69 10.90 19.31 29.35
N VAL C 70 10.12 18.37 29.84
CA VAL C 70 8.75 18.24 29.36
C VAL C 70 7.92 19.47 29.68
N ASP C 71 7.11 19.88 28.72
CA ASP C 71 6.18 20.98 28.89
C ASP C 71 4.77 20.49 28.62
N THR C 72 4.67 19.28 28.06
CA THR C 72 3.37 18.69 27.75
C THR C 72 3.23 17.31 28.35
N ILE C 73 2.07 17.05 28.94
CA ILE C 73 1.76 15.72 29.46
C ILE C 73 0.54 15.12 28.77
N LEU C 74 0.72 13.95 28.15
CA LEU C 74 -0.39 13.19 27.58
C LEU C 74 -0.59 11.94 28.41
N MET C 75 -1.81 11.73 28.90
CA MET C 75 -2.03 10.64 29.83
C MET C 75 -3.43 10.04 29.78
N SER C 76 -3.50 8.74 30.02
CA SER C 76 -4.77 8.04 30.10
C SER C 76 -4.77 7.12 31.33
N PRO C 77 -4.97 7.71 32.52
CA PRO C 77 -4.97 6.96 33.77
C PRO C 77 -6.16 6.03 33.88
N PRO C 78 -5.92 4.74 34.10
CA PRO C 78 -6.98 3.73 34.11
C PRO C 78 -7.88 3.89 35.32
N CYS C 79 -9.07 3.31 35.25
CA CYS C 79 -9.98 3.34 36.38
C CYS C 79 -9.75 2.13 37.30
N GLN C 80 -9.01 2.36 38.38
CA GLN C 80 -8.68 1.33 39.35
C GLN C 80 -9.21 1.71 40.72
N PRO C 81 -9.45 0.71 41.59
CA PRO C 81 -10.00 0.97 42.93
C PRO C 81 -8.99 1.62 43.86
N PHE C 82 -9.49 2.25 44.91
CA PHE C 82 -8.63 2.72 45.99
C PHE C 82 -8.92 1.89 47.24
N THR C 83 -10.10 1.27 47.25
CA THR C 83 -10.57 0.51 48.41
C THR C 83 -10.98 -0.89 48.01
N ARG C 84 -11.07 -1.78 49.01
CA ARG C 84 -11.67 -3.10 48.85
C ARG C 84 -12.61 -3.37 50.03
N ASN C 85 -13.81 -3.86 49.71
CA ASN C 85 -14.98 -3.78 50.61
C ASN C 85 -15.00 -2.59 51.58
N GLY C 86 -14.20 -2.66 52.64
CA GLY C 86 -14.16 -1.59 53.62
C GLY C 86 -12.76 -1.19 54.03
N LYS C 87 -11.77 -1.56 53.23
CA LYS C 87 -10.38 -1.27 53.53
C LYS C 87 -9.75 -0.41 52.43
N TYR C 88 -8.67 0.29 52.76
CA TYR C 88 -7.90 1.02 51.75
C TYR C 88 -6.79 0.15 51.19
N LEU C 89 -6.57 0.24 49.88
CA LEU C 89 -5.47 -0.48 49.24
C LEU C 89 -4.12 0.21 49.43
N ASP C 90 -3.07 -0.59 49.52
CA ASP C 90 -1.70 -0.06 49.64
C ASP C 90 -1.21 0.54 48.34
N ASP C 91 -0.47 1.64 48.42
CA ASP C 91 0.18 2.22 47.25
C ASP C 91 1.22 1.28 46.63
N ASN C 92 1.72 0.35 47.44
CA ASN C 92 2.68 -0.65 46.99
C ASN C 92 1.97 -1.84 46.33
N ASP C 93 0.70 -1.66 46.04
CA ASP C 93 -0.09 -2.65 45.34
C ASP C 93 -0.20 -2.21 43.89
N PRO C 94 0.04 -3.12 42.94
CA PRO C 94 -0.03 -2.74 41.53
C PRO C 94 -1.45 -2.44 41.09
N ARG C 95 -2.42 -2.99 41.82
CA ARG C 95 -3.82 -2.95 41.41
C ARG C 95 -4.53 -1.63 41.72
N THR C 96 -4.01 -0.88 42.69
CA THR C 96 -4.70 0.32 43.12
C THR C 96 -4.39 1.52 42.23
N ASN C 97 -5.22 2.55 42.35
CA ASN C 97 -5.15 3.72 41.49
C ASN C 97 -4.08 4.71 41.92
N SER C 98 -3.23 5.09 40.96
CA SER C 98 -2.08 5.93 41.21
C SER C 98 -2.30 7.38 40.81
N PHE C 99 -3.50 7.70 40.35
CA PHE C 99 -3.77 9.02 39.80
C PHE C 99 -3.67 10.15 40.82
N LEU C 100 -3.98 9.84 42.07
CA LEU C 100 -3.92 10.86 43.12
C LEU C 100 -2.49 11.36 43.33
N TYR C 101 -1.52 10.48 43.10
CA TYR C 101 -0.12 10.88 43.17
C TYR C 101 0.18 12.01 42.19
N LEU C 102 -0.37 11.91 40.99
CA LEU C 102 -0.17 12.93 39.95
C LEU C 102 -0.67 14.30 40.39
N ILE C 103 -1.92 14.35 40.83
CA ILE C 103 -2.53 15.56 41.34
C ILE C 103 -1.67 16.19 42.44
N GLY C 104 -1.07 15.33 43.26
CA GLY C 104 -0.17 15.80 44.29
C GLY C 104 0.97 16.62 43.74
N ILE C 105 1.73 16.05 42.81
CA ILE C 105 2.98 16.65 42.35
C ILE C 105 2.81 17.72 41.26
N LEU C 106 1.56 18.06 40.95
CA LEU C 106 1.31 19.03 39.88
C LEU C 106 1.86 20.42 40.20
N ASP C 107 1.79 20.82 41.46
CA ASP C 107 2.29 22.14 41.86
C ASP C 107 3.81 22.24 41.78
N GLN C 108 4.46 21.11 41.53
CA GLN C 108 5.92 21.11 41.41
C GLN C 108 6.38 20.76 40.00
N LEU C 109 5.42 20.66 39.06
CA LEU C 109 5.74 20.40 37.66
C LEU C 109 5.88 21.71 36.89
N ASP C 110 6.78 22.55 37.38
CA ASP C 110 6.95 23.94 36.96
C ASP C 110 7.03 24.22 35.45
N ASN C 111 7.56 23.28 34.70
CA ASN C 111 7.76 23.44 33.25
C ASN C 111 6.50 23.07 32.40
N VAL C 112 5.72 22.12 32.88
CA VAL C 112 4.52 21.66 32.15
C VAL C 112 3.53 22.79 31.84
N ASP C 113 3.31 23.03 30.56
CA ASP C 113 2.40 24.08 30.10
C ASP C 113 1.09 23.52 29.57
N TYR C 114 1.14 22.30 29.05
CA TYR C 114 0.00 21.69 28.36
C TYR C 114 -0.27 20.30 28.90
N ILE C 115 -1.54 20.01 29.19
CA ILE C 115 -1.93 18.69 29.66
C ILE C 115 -3.18 18.24 28.91
N LEU C 116 -3.12 17.04 28.34
CA LEU C 116 -4.31 16.41 27.76
C LEU C 116 -4.59 15.07 28.44
N MET C 117 -5.77 14.95 29.04
CA MET C 117 -6.14 13.71 29.71
C MET C 117 -7.37 13.06 29.07
N GLU C 118 -7.26 11.77 28.77
CA GLU C 118 -8.42 10.98 28.37
C GLU C 118 -8.89 10.16 29.56
N ASN C 119 -10.20 9.97 29.68
CA ASN C 119 -10.75 9.22 30.81
C ASN C 119 -12.10 8.61 30.46
N VAL C 120 -12.52 7.62 31.25
CA VAL C 120 -13.78 6.93 31.00
C VAL C 120 -14.98 7.86 31.21
N LYS C 121 -16.06 7.58 30.50
CA LYS C 121 -17.33 8.27 30.72
C LYS C 121 -17.78 8.10 32.17
N GLY C 122 -18.28 9.18 32.77
CA GLY C 122 -18.68 9.13 34.17
C GLY C 122 -17.62 9.68 35.10
N PHE C 123 -16.40 9.80 34.59
CA PHE C 123 -15.31 10.45 35.31
C PHE C 123 -15.72 11.88 35.64
N GLU C 124 -16.40 12.52 34.70
CA GLU C 124 -16.85 13.91 34.84
C GLU C 124 -17.79 14.14 36.02
N ASN C 125 -18.29 13.07 36.62
CA ASN C 125 -19.11 13.17 37.82
C ASN C 125 -18.42 12.57 39.03
N SER C 126 -17.14 12.23 38.87
CA SER C 126 -16.37 11.64 39.95
C SER C 126 -15.74 12.69 40.86
N THR C 127 -15.62 12.34 42.15
CA THR C 127 -14.96 13.19 43.13
C THR C 127 -13.48 13.34 42.80
N VAL C 128 -12.94 12.37 42.06
CA VAL C 128 -11.56 12.43 41.58
C VAL C 128 -11.41 13.51 40.51
N ARG C 129 -12.38 13.59 39.61
CA ARG C 129 -12.38 14.65 38.60
C ARG C 129 -12.39 16.00 39.27
N ASN C 130 -13.21 16.12 40.31
CA ASN C 130 -13.37 17.39 41.00
C ASN C 130 -12.07 17.89 41.62
N LEU C 131 -11.33 16.97 42.23
CA LEU C 131 -10.05 17.29 42.83
C LEU C 131 -9.04 17.73 41.77
N PHE C 132 -8.99 16.98 40.69
CA PHE C 132 -8.10 17.24 39.58
C PHE C 132 -8.35 18.62 38.95
N ILE C 133 -9.62 18.96 38.76
CA ILE C 133 -10.02 20.27 38.25
C ILE C 133 -9.65 21.35 39.26
N ASP C 134 -9.86 21.03 40.53
CA ASP C 134 -9.52 21.94 41.62
C ASP C 134 -8.03 22.24 41.61
N LYS C 135 -7.23 21.22 41.36
CA LYS C 135 -5.78 21.37 41.42
C LYS C 135 -5.28 22.17 40.22
N LEU C 136 -5.97 22.05 39.10
CA LEU C 136 -5.61 22.84 37.92
C LEU C 136 -5.80 24.35 38.18
N LYS C 137 -6.89 24.69 38.84
CA LYS C 137 -7.20 26.09 39.13
C LYS C 137 -6.20 26.69 40.12
N GLU C 138 -5.75 25.87 41.07
CA GLU C 138 -4.74 26.30 42.03
C GLU C 138 -3.40 26.49 41.36
N CYS C 139 -3.18 25.75 40.27
CA CYS C 139 -1.90 25.81 39.55
C CYS C 139 -1.97 26.76 38.36
N ASN C 140 -3.00 27.59 38.33
CA ASN C 140 -3.20 28.59 37.28
C ASN C 140 -3.29 27.99 35.87
N PHE C 141 -4.05 26.92 35.75
CA PHE C 141 -4.41 26.39 34.43
C PHE C 141 -5.78 26.88 34.04
N ILE C 142 -6.02 26.97 32.73
CA ILE C 142 -7.37 27.07 32.20
C ILE C 142 -7.60 25.79 31.46
N TYR C 143 -8.84 25.33 31.44
CA TYR C 143 -9.12 24.00 30.95
C TYR C 143 -10.43 23.97 30.17
N GLN C 144 -10.60 22.93 29.37
CA GLN C 144 -11.90 22.62 28.80
C GLN C 144 -12.15 21.11 28.87
N GLU C 145 -13.30 20.73 29.41
CA GLU C 145 -13.69 19.33 29.49
C GLU C 145 -14.59 18.95 28.32
N PHE C 146 -14.42 17.74 27.80
CA PHE C 146 -15.24 17.26 26.70
C PHE C 146 -15.83 15.88 27.02
N LEU C 147 -16.90 15.53 26.32
CA LEU C 147 -17.40 14.17 26.31
C LEU C 147 -17.60 13.79 24.85
N LEU C 148 -16.64 13.06 24.28
CA LEU C 148 -16.64 12.84 22.84
C LEU C 148 -16.76 11.40 22.40
N CYS C 149 -17.35 11.25 21.22
CA CYS C 149 -17.50 9.98 20.58
C CYS C 149 -16.85 10.14 19.21
N PRO C 150 -16.13 9.11 18.76
CA PRO C 150 -15.50 9.11 17.42
C PRO C 150 -16.45 9.48 16.29
N SER C 151 -17.75 9.19 16.43
CA SER C 151 -18.73 9.52 15.41
C SER C 151 -18.76 11.02 15.14
N THR C 152 -18.61 11.79 16.22
CA THR C 152 -18.51 13.25 16.15
C THR C 152 -17.34 13.67 15.24
N VAL C 153 -16.41 12.76 15.03
CA VAL C 153 -15.23 13.02 14.22
C VAL C 153 -15.23 12.14 12.95
N GLY C 154 -16.44 11.73 12.53
CA GLY C 154 -16.61 11.04 11.27
C GLY C 154 -16.12 9.60 11.22
N VAL C 155 -16.00 8.98 12.39
CA VAL C 155 -15.52 7.60 12.48
C VAL C 155 -16.69 6.70 12.86
N PRO C 156 -16.84 5.57 12.16
CA PRO C 156 -17.97 4.65 12.40
C PRO C 156 -17.81 3.84 13.67
N ASN C 157 -17.78 4.51 14.82
CA ASN C 157 -17.59 3.81 16.08
C ASN C 157 -18.02 4.62 17.30
N SER C 158 -18.60 3.93 18.28
CA SER C 158 -18.97 4.57 19.54
C SER C 158 -17.92 4.27 20.60
N ARG C 159 -17.36 5.33 21.18
CA ARG C 159 -16.38 5.18 22.24
C ARG C 159 -16.41 6.45 23.07
N LEU C 160 -17.54 6.64 23.73
CA LEU C 160 -17.82 7.86 24.49
C LEU C 160 -16.82 8.03 25.63
N ARG C 161 -15.96 9.04 25.51
CA ARG C 161 -14.89 9.25 26.48
C ARG C 161 -14.87 10.67 27.01
N TYR C 162 -14.36 10.81 28.24
CA TYR C 162 -14.06 12.10 28.84
C TYR C 162 -12.69 12.55 28.40
N TYR C 163 -12.57 13.83 28.07
CA TYR C 163 -11.27 14.43 27.81
C TYR C 163 -11.20 15.74 28.54
N CYS C 164 -9.98 16.11 28.94
CA CYS C 164 -9.71 17.45 29.46
C CYS C 164 -8.47 18.01 28.80
N THR C 165 -8.59 19.22 28.26
CA THR C 165 -7.43 19.92 27.72
C THR C 165 -7.10 21.09 28.64
N ALA C 166 -5.96 20.98 29.33
CA ALA C 166 -5.56 21.98 30.30
C ALA C 166 -4.33 22.69 29.79
N ARG C 167 -4.14 23.92 30.25
CA ARG C 167 -3.18 24.81 29.62
C ARG C 167 -2.89 25.98 30.56
N ARG C 168 -1.61 26.27 30.80
CA ARG C 168 -1.28 27.38 31.69
C ARG C 168 -1.79 28.71 31.12
N ASN C 169 -2.38 29.54 31.98
CA ASN C 169 -3.22 30.67 31.54
C ASN C 169 -2.48 31.91 31.03
N ASN C 170 -1.16 31.85 30.98
CA ASN C 170 -0.38 32.98 30.51
C ASN C 170 0.16 32.75 29.09
N LEU C 171 -0.51 31.87 28.34
CA LEU C 171 -0.02 31.50 27.02
C LEU C 171 -0.95 31.92 25.87
N THR C 172 -1.96 32.73 26.18
CA THR C 172 -2.91 33.24 25.18
C THR C 172 -3.62 32.17 24.38
N TRP C 173 -4.80 31.76 24.87
CA TRP C 173 -5.55 30.67 24.26
C TRP C 173 -6.77 31.21 23.54
N PRO C 174 -6.70 31.24 22.20
CA PRO C 174 -7.81 31.80 21.43
C PRO C 174 -9.09 30.97 21.54
N PHE C 175 -8.96 29.70 21.93
CA PHE C 175 -10.13 28.84 22.06
C PHE C 175 -11.11 29.44 23.07
N LYS C 176 -12.40 29.36 22.74
CA LYS C 176 -13.43 29.96 23.57
C LYS C 176 -13.98 28.91 24.55
N ARG C 177 -13.34 28.82 25.71
CA ARG C 177 -13.70 27.79 26.69
C ARG C 177 -14.92 28.17 27.52
N ARG C 178 -15.50 27.18 28.19
CA ARG C 178 -16.65 27.38 29.05
C ARG C 178 -16.78 26.21 30.03
N ASP C 179 -17.46 26.44 31.15
CA ASP C 179 -17.57 25.42 32.19
C ASP C 179 -18.38 24.20 31.78
N GLU C 180 -19.35 24.41 30.89
CA GLU C 180 -20.16 23.30 30.39
C GLU C 180 -19.27 22.33 29.64
N ILE C 181 -19.53 21.04 29.84
CA ILE C 181 -18.87 20.00 29.05
C ILE C 181 -19.22 20.26 27.58
N ILE C 182 -18.29 19.94 26.69
CA ILE C 182 -18.56 20.04 25.26
C ILE C 182 -18.78 18.64 24.68
N THR C 183 -19.88 18.47 23.97
CA THR C 183 -20.27 17.15 23.47
C THR C 183 -19.92 16.93 22.00
N ARG C 184 -19.48 18.00 21.33
CA ARG C 184 -19.00 17.88 19.96
C ARG C 184 -18.09 19.04 19.56
N LEU C 185 -17.04 18.71 18.80
CA LEU C 185 -16.01 19.67 18.39
C LEU C 185 -16.54 20.81 17.50
N PRO C 186 -15.80 21.94 17.43
CA PRO C 186 -16.22 23.08 16.59
C PRO C 186 -16.10 22.76 15.11
N LYS C 187 -15.08 21.98 14.75
CA LYS C 187 -14.91 21.53 13.37
C LYS C 187 -15.87 20.36 13.06
N ASP C 188 -16.61 20.49 11.97
CA ASP C 188 -17.60 19.47 11.57
C ASP C 188 -16.99 18.50 10.56
N PHE C 189 -17.04 17.21 10.88
CA PHE C 189 -16.41 16.20 10.04
C PHE C 189 -17.44 15.48 9.19
N GLY C 190 -18.69 15.90 9.33
CA GLY C 190 -19.79 15.29 8.61
C GLY C 190 -20.10 13.89 9.09
N VAL C 191 -20.98 13.20 8.35
CA VAL C 191 -21.39 11.86 8.69
C VAL C 191 -20.22 10.89 8.53
N PRO C 192 -20.06 9.96 9.48
CA PRO C 192 -19.00 8.95 9.38
C PRO C 192 -19.08 8.13 8.09
N HIS C 193 -17.94 7.60 7.65
CA HIS C 193 -17.89 6.69 6.52
C HIS C 193 -18.32 5.27 6.92
N SER C 194 -18.56 4.42 5.93
CA SER C 194 -18.91 3.05 6.20
C SER C 194 -17.67 2.25 6.60
N LEU C 195 -17.86 0.98 6.91
CA LEU C 195 -16.77 0.12 7.35
C LEU C 195 -16.04 -0.56 6.18
N GLU C 196 -16.55 -0.38 4.98
CA GLU C 196 -16.02 -1.01 3.76
C GLU C 196 -14.51 -0.87 3.59
N SER C 197 -14.02 0.36 3.74
CA SER C 197 -12.60 0.68 3.56
C SER C 197 -11.69 -0.09 4.51
N ILE C 198 -12.21 -0.40 5.69
CA ILE C 198 -11.45 -1.07 6.75
C ILE C 198 -11.37 -2.58 6.58
N ILE C 199 -12.52 -3.20 6.37
CA ILE C 199 -12.65 -4.66 6.32
C ILE C 199 -11.62 -5.35 5.42
N GLU C 200 -11.01 -6.43 5.93
CA GLU C 200 -10.05 -7.19 5.13
C GLU C 200 -10.63 -8.50 4.58
N GLU C 201 -10.11 -8.92 3.43
CA GLU C 201 -10.52 -10.15 2.79
C GLU C 201 -9.68 -11.32 3.32
N ASP C 202 -10.21 -12.53 3.18
CA ASP C 202 -9.52 -13.76 3.60
C ASP C 202 -9.24 -13.73 5.09
N VAL C 203 -10.24 -13.35 5.88
CA VAL C 203 -10.08 -13.38 7.33
C VAL C 203 -10.06 -14.84 7.81
N ASP C 204 -9.02 -15.17 8.57
CA ASP C 204 -8.83 -16.49 9.15
C ASP C 204 -10.08 -17.01 9.88
N GLU C 205 -10.36 -18.30 9.69
CA GLU C 205 -11.42 -19.01 10.40
C GLU C 205 -11.43 -18.75 11.91
N LYS C 206 -10.24 -18.53 12.47
CA LYS C 206 -10.05 -18.36 13.90
C LYS C 206 -10.89 -17.20 14.46
N PHE C 207 -11.16 -16.21 13.63
CA PHE C 207 -11.92 -15.04 14.09
C PHE C 207 -13.42 -15.27 14.09
N LEU C 208 -13.86 -16.44 13.65
CA LEU C 208 -15.28 -16.76 13.65
C LEU C 208 -15.79 -16.87 15.08
N VAL C 209 -17.04 -16.51 15.29
CA VAL C 209 -17.64 -16.52 16.61
C VAL C 209 -18.01 -17.96 17.01
N PRO C 210 -17.49 -18.43 18.15
CA PRO C 210 -17.63 -19.81 18.63
C PRO C 210 -19.08 -20.25 18.87
N GLU C 211 -19.32 -21.56 18.81
CA GLU C 211 -20.65 -22.11 19.05
C GLU C 211 -21.16 -21.79 20.46
N LYS C 212 -20.25 -21.79 21.43
CA LYS C 212 -20.62 -21.42 22.79
C LYS C 212 -21.22 -20.01 22.80
N MET C 213 -20.57 -19.10 22.06
CA MET C 213 -21.02 -17.72 21.96
C MET C 213 -22.29 -17.56 21.13
N LEU C 214 -22.38 -18.31 20.04
CA LEU C 214 -23.54 -18.25 19.14
C LEU C 214 -24.86 -18.47 19.87
N ARG C 215 -24.80 -18.96 21.10
CA ARG C 215 -25.98 -19.16 21.92
C ARG C 215 -26.47 -17.85 22.52
N CYS C 216 -25.57 -16.87 22.60
CA CYS C 216 -25.92 -15.55 23.12
C CYS C 216 -26.27 -14.60 21.97
N ALA C 217 -26.85 -15.14 20.91
CA ALA C 217 -27.11 -14.37 19.70
C ALA C 217 -28.10 -13.23 19.90
N LYS C 218 -29.04 -13.41 20.82
CA LYS C 218 -30.07 -12.41 21.05
C LYS C 218 -29.53 -11.03 21.42
N VAL C 219 -28.32 -10.97 21.97
CA VAL C 219 -27.76 -9.68 22.40
C VAL C 219 -26.54 -9.23 21.60
N PHE C 220 -26.31 -9.86 20.46
CA PHE C 220 -25.25 -9.42 19.56
C PHE C 220 -25.62 -8.13 18.87
N ASP C 221 -24.63 -7.32 18.56
CA ASP C 221 -24.84 -6.21 17.64
C ASP C 221 -24.09 -6.51 16.36
N ILE C 222 -24.77 -6.45 15.24
CA ILE C 222 -24.17 -6.89 14.00
C ILE C 222 -23.92 -5.75 13.01
N CYS C 223 -22.70 -5.69 12.50
CA CYS C 223 -22.35 -4.73 11.46
C CYS C 223 -22.15 -5.40 10.11
N TYR C 224 -22.17 -4.59 9.06
CA TYR C 224 -21.96 -5.07 7.70
C TYR C 224 -21.00 -4.11 7.02
N LYS C 225 -20.70 -4.37 5.74
CA LYS C 225 -19.84 -3.49 4.98
C LYS C 225 -20.48 -2.11 4.78
N THR C 226 -21.79 -2.06 4.95
CA THR C 226 -22.55 -0.84 4.71
C THR C 226 -22.73 -0.01 5.99
N SER C 227 -22.39 -0.60 7.13
CA SER C 227 -22.61 0.05 8.43
C SER C 227 -21.73 1.28 8.66
N LYS C 228 -22.33 2.34 9.19
CA LYS C 228 -21.58 3.56 9.49
C LYS C 228 -21.46 3.82 10.99
N ARG C 229 -21.70 2.77 11.78
CA ARG C 229 -21.54 2.83 13.23
C ARG C 229 -21.07 1.48 13.73
N SER C 230 -20.68 1.42 15.01
CA SER C 230 -20.38 0.14 15.66
C SER C 230 -20.28 0.35 17.17
N CYS C 231 -20.63 -0.68 17.92
CA CYS C 231 -20.54 -0.62 19.38
C CYS C 231 -19.10 -0.45 19.84
N CYS C 232 -18.96 -0.07 21.11
CA CYS C 232 -17.64 0.16 21.72
C CYS C 232 -16.88 -1.13 21.94
N PHE C 233 -15.63 -1.17 21.48
CA PHE C 233 -14.73 -2.30 21.75
C PHE C 233 -14.17 -2.22 23.16
N THR C 234 -14.42 -3.25 23.95
CA THR C 234 -13.85 -3.31 25.30
C THR C 234 -12.68 -4.29 25.31
N LYS C 235 -12.04 -4.42 26.47
CA LYS C 235 -10.96 -5.37 26.67
C LYS C 235 -11.49 -6.80 26.69
N ALA C 236 -12.79 -6.93 26.92
CA ALA C 236 -13.41 -8.23 27.11
C ALA C 236 -14.01 -8.73 25.81
N TYR C 237 -13.70 -8.03 24.71
CA TYR C 237 -14.11 -8.47 23.38
C TYR C 237 -13.60 -9.87 23.13
N THR C 238 -14.53 -10.78 22.82
CA THR C 238 -14.33 -12.23 22.65
C THR C 238 -14.36 -13.09 23.93
N HIS C 239 -14.25 -12.52 25.12
CA HIS C 239 -14.49 -13.33 26.29
C HIS C 239 -15.91 -13.74 26.41
N TYR C 240 -16.79 -12.78 26.22
CA TYR C 240 -18.20 -13.04 26.36
C TYR C 240 -19.01 -12.01 25.58
N ALA C 241 -20.23 -12.41 25.22
CA ALA C 241 -21.05 -11.73 24.23
C ALA C 241 -21.50 -10.30 24.54
N ASP C 242 -21.89 -10.07 25.79
CA ASP C 242 -22.54 -8.82 26.18
C ASP C 242 -22.23 -7.56 25.37
N GLY C 243 -21.62 -6.61 26.03
CA GLY C 243 -21.42 -5.27 25.54
C GLY C 243 -20.02 -5.04 25.11
N THR C 244 -19.33 -6.12 24.79
CA THR C 244 -17.94 -6.10 24.42
C THR C 244 -17.59 -5.48 23.08
N GLY C 245 -18.56 -5.34 22.19
CA GLY C 245 -18.32 -4.80 20.87
C GLY C 245 -19.19 -5.41 19.79
N SER C 246 -19.14 -4.84 18.60
CA SER C 246 -19.90 -5.35 17.47
C SER C 246 -19.23 -6.56 16.85
N ILE C 247 -20.03 -7.40 16.19
CA ILE C 247 -19.52 -8.51 15.41
C ILE C 247 -19.91 -8.31 13.94
N PHE C 248 -19.21 -8.98 13.04
CA PHE C 248 -19.35 -8.70 11.61
C PHE C 248 -19.82 -9.91 10.81
N THR C 249 -20.50 -9.64 9.69
CA THR C 249 -20.85 -10.67 8.71
C THR C 249 -20.82 -10.09 7.31
N ASP C 250 -20.58 -10.95 6.32
CA ASP C 250 -20.58 -10.53 4.94
C ASP C 250 -21.97 -10.72 4.34
N LYS C 251 -22.77 -11.56 4.99
CA LYS C 251 -24.14 -11.82 4.56
C LYS C 251 -24.93 -10.52 4.59
N PRO C 252 -25.90 -10.39 3.69
CA PRO C 252 -26.77 -9.20 3.70
C PRO C 252 -27.62 -9.21 4.96
N ARG C 253 -27.98 -8.03 5.41
CA ARG C 253 -28.83 -7.87 6.58
C ARG C 253 -30.10 -8.72 6.48
N GLU C 254 -30.78 -8.65 5.34
CA GLU C 254 -32.04 -9.39 5.15
C GLU C 254 -31.92 -10.90 5.39
N VAL C 255 -30.72 -11.45 5.18
CA VAL C 255 -30.47 -12.86 5.46
C VAL C 255 -30.36 -13.10 6.97
N VAL C 256 -29.71 -12.17 7.66
CA VAL C 256 -29.55 -12.27 9.10
C VAL C 256 -30.92 -12.24 9.80
N GLN C 257 -31.79 -11.34 9.35
CA GLN C 257 -33.13 -11.20 9.94
C GLN C 257 -33.96 -12.46 9.70
N LYS C 258 -33.74 -13.11 8.57
CA LYS C 258 -34.44 -14.35 8.25
C LYS C 258 -34.02 -15.43 9.24
N CYS C 259 -32.74 -15.43 9.59
CA CYS C 259 -32.20 -16.41 10.51
C CYS C 259 -32.75 -16.21 11.92
N TYR C 260 -32.80 -14.96 12.37
CA TYR C 260 -33.29 -14.66 13.71
C TYR C 260 -34.73 -15.10 13.90
N ALA C 261 -35.57 -14.79 12.92
CA ALA C 261 -36.98 -15.13 12.98
C ALA C 261 -37.17 -16.64 12.90
N ALA C 262 -36.18 -17.33 12.35
CA ALA C 262 -36.19 -18.78 12.30
C ALA C 262 -35.82 -19.36 13.68
N ALA C 263 -34.75 -18.84 14.25
CA ALA C 263 -34.31 -19.24 15.59
C ALA C 263 -35.36 -18.92 16.65
N ALA C 264 -36.15 -17.88 16.41
CA ALA C 264 -37.19 -17.48 17.34
C ALA C 264 -38.33 -18.51 17.43
N GLN C 265 -38.28 -19.51 16.55
CA GLN C 265 -39.25 -20.60 16.59
C GLN C 265 -38.66 -21.85 17.24
N ASN C 266 -37.52 -21.70 17.87
CA ASN C 266 -36.84 -22.82 18.51
C ASN C 266 -36.54 -22.48 19.97
N GLU C 267 -35.88 -23.40 20.66
CA GLU C 267 -35.49 -23.13 22.04
C GLU C 267 -34.25 -22.27 22.06
N ILE C 268 -34.27 -21.25 22.90
CA ILE C 268 -33.16 -20.31 23.04
C ILE C 268 -31.88 -21.05 23.42
N GLY C 269 -30.76 -20.62 22.83
CA GLY C 269 -29.47 -21.24 23.07
C GLY C 269 -29.48 -22.73 22.79
N GLY C 270 -30.33 -23.15 21.87
CA GLY C 270 -30.55 -24.57 21.60
C GLY C 270 -29.74 -25.10 20.43
N GLU C 271 -29.94 -26.37 20.11
CA GLU C 271 -29.16 -27.05 19.09
C GLU C 271 -29.52 -26.64 17.65
N LYS C 272 -30.82 -26.55 17.37
CA LYS C 272 -31.26 -26.03 16.07
C LYS C 272 -31.11 -24.51 16.05
N PHE C 273 -31.06 -23.93 17.24
CA PHE C 273 -30.85 -22.50 17.41
C PHE C 273 -29.43 -22.14 16.96
N VAL C 274 -28.44 -22.85 17.49
CA VAL C 274 -27.05 -22.62 17.13
C VAL C 274 -26.77 -23.03 15.69
N GLU C 275 -27.34 -24.15 15.28
CA GLU C 275 -27.24 -24.63 13.90
C GLU C 275 -27.52 -23.51 12.91
N LEU C 276 -28.47 -22.64 13.26
CA LEU C 276 -28.91 -21.56 12.37
C LEU C 276 -28.00 -20.32 12.35
N PHE C 277 -27.37 -19.99 13.47
CA PHE C 277 -26.50 -18.82 13.50
C PHE C 277 -25.12 -19.18 13.01
N LYS C 278 -24.84 -20.47 12.97
CA LYS C 278 -23.56 -20.98 12.50
C LYS C 278 -23.31 -20.64 11.03
N GLU C 279 -24.36 -20.66 10.21
CA GLU C 279 -24.22 -20.45 8.77
C GLU C 279 -24.26 -18.99 8.36
N LEU C 280 -24.40 -18.10 9.33
CA LEU C 280 -24.28 -16.67 9.05
C LEU C 280 -22.82 -16.33 8.86
N LYS C 281 -21.96 -17.23 9.35
CA LYS C 281 -20.51 -17.05 9.32
C LYS C 281 -20.13 -15.75 10.02
N LEU C 282 -20.65 -15.59 11.24
CA LEU C 282 -20.38 -14.39 12.02
C LEU C 282 -18.97 -14.43 12.60
N ARG C 283 -18.24 -13.33 12.46
CA ARG C 283 -16.87 -13.26 12.95
C ARG C 283 -16.62 -11.96 13.71
N TYR C 284 -15.58 -11.97 14.54
CA TYR C 284 -15.14 -10.78 15.25
C TYR C 284 -14.32 -9.94 14.31
N PHE C 285 -14.22 -8.64 14.58
CA PHE C 285 -13.27 -7.80 13.87
C PHE C 285 -11.88 -8.24 14.31
N THR C 286 -10.96 -8.30 13.36
CA THR C 286 -9.58 -8.68 13.68
C THR C 286 -8.90 -7.49 14.37
N PRO C 287 -7.76 -7.75 15.03
CA PRO C 287 -7.02 -6.63 15.62
C PRO C 287 -6.58 -5.61 14.56
N LYS C 288 -6.35 -6.07 13.34
CA LYS C 288 -5.95 -5.20 12.24
C LYS C 288 -7.09 -4.23 11.89
N GLU C 289 -8.31 -4.72 11.98
CA GLU C 289 -9.48 -3.91 11.66
C GLU C 289 -9.83 -2.94 12.79
N VAL C 290 -9.70 -3.41 14.03
CA VAL C 290 -9.98 -2.59 15.21
C VAL C 290 -9.03 -1.40 15.28
N LEU C 291 -7.75 -1.65 15.01
CA LEU C 291 -6.77 -0.59 14.90
C LEU C 291 -7.18 0.46 13.87
N MET C 292 -7.61 0.02 12.69
CA MET C 292 -8.10 0.94 11.66
C MET C 292 -9.35 1.69 12.12
N ILE C 293 -10.24 0.99 12.82
CA ILE C 293 -11.44 1.62 13.36
C ILE C 293 -11.06 2.70 14.37
N MET C 294 -10.01 2.44 15.13
CA MET C 294 -9.54 3.40 16.14
C MET C 294 -8.52 4.41 15.60
N CYS C 295 -8.29 4.36 14.29
CA CYS C 295 -7.54 5.37 13.55
C CYS C 295 -6.04 5.36 13.75
N PHE C 296 -5.50 4.23 14.17
CA PHE C 296 -4.05 4.06 14.16
C PHE C 296 -3.61 3.98 12.70
N PRO C 297 -2.46 4.58 12.38
CA PRO C 297 -1.96 4.57 10.99
C PRO C 297 -1.75 3.15 10.47
N LYS C 298 -1.84 2.98 9.16
CA LYS C 298 -1.67 1.66 8.55
C LYS C 298 -0.26 1.08 8.77
N SER C 299 0.70 1.97 9.01
CA SER C 299 2.07 1.54 9.26
C SER C 299 2.22 0.96 10.66
N TYR C 300 1.28 1.31 11.54
CA TYR C 300 1.29 0.79 12.90
C TYR C 300 0.79 -0.65 12.92
N ASN C 301 1.54 -1.54 13.55
CA ASN C 301 1.08 -2.92 13.64
C ASN C 301 1.50 -3.64 14.91
N LEU C 302 0.72 -4.66 15.27
CA LEU C 302 0.97 -5.47 16.44
C LEU C 302 1.97 -6.58 16.11
N PRO C 303 2.90 -6.85 17.04
CA PRO C 303 3.85 -7.94 16.81
C PRO C 303 3.18 -9.30 16.88
N THR C 304 3.71 -10.28 16.16
CA THR C 304 3.07 -11.59 16.07
C THR C 304 3.28 -12.49 17.30
N ASN C 305 4.05 -12.00 18.28
CA ASN C 305 4.29 -12.79 19.49
C ASN C 305 3.20 -12.61 20.54
N ILE C 306 2.32 -11.63 20.33
CA ILE C 306 1.21 -11.39 21.24
C ILE C 306 0.04 -12.28 20.82
N SER C 307 -0.62 -12.90 21.79
CA SER C 307 -1.77 -13.77 21.50
C SER C 307 -2.99 -12.95 21.09
N MET C 308 -4.04 -13.64 20.65
CA MET C 308 -5.26 -12.99 20.22
C MET C 308 -5.92 -12.26 21.40
N LYS C 309 -6.06 -12.96 22.53
CA LYS C 309 -6.77 -12.43 23.69
C LYS C 309 -6.07 -11.22 24.29
N GLN C 310 -4.73 -11.23 24.27
CA GLN C 310 -3.95 -10.10 24.77
C GLN C 310 -4.14 -8.87 23.88
N CYS C 311 -4.12 -9.10 22.56
CA CYS C 311 -4.37 -8.06 21.57
C CYS C 311 -5.64 -7.29 21.88
N TYR C 312 -6.74 -8.03 22.05
CA TYR C 312 -8.03 -7.44 22.33
C TYR C 312 -8.06 -6.71 23.67
N ARG C 313 -7.35 -7.24 24.66
CA ARG C 313 -7.24 -6.54 25.93
C ARG C 313 -6.51 -5.21 25.74
N LEU C 314 -5.43 -5.23 24.97
CA LEU C 314 -4.66 -4.02 24.70
C LEU C 314 -5.47 -2.98 23.92
N LEU C 315 -6.09 -3.42 22.83
CA LEU C 315 -6.89 -2.53 21.99
C LEU C 315 -8.06 -1.92 22.74
N GLY C 316 -8.64 -2.69 23.66
CA GLY C 316 -9.77 -2.20 24.43
C GLY C 316 -9.41 -1.07 25.37
N ASN C 317 -8.14 -1.00 25.77
CA ASN C 317 -7.69 0.01 26.70
C ASN C 317 -7.12 1.27 26.02
N SER C 318 -7.01 1.23 24.70
CA SER C 318 -6.35 2.32 23.97
C SER C 318 -7.29 3.49 23.65
N VAL C 319 -6.77 4.46 22.90
CA VAL C 319 -7.51 5.67 22.58
C VAL C 319 -7.93 5.69 21.12
N ASN C 320 -8.77 6.65 20.76
CA ASN C 320 -9.02 6.92 19.35
C ASN C 320 -8.07 8.01 18.86
N VAL C 321 -7.08 7.59 18.07
CA VAL C 321 -6.00 8.45 17.61
C VAL C 321 -6.50 9.74 16.97
N LYS C 322 -7.58 9.63 16.20
CA LYS C 322 -8.15 10.78 15.51
C LYS C 322 -8.72 11.81 16.47
N VAL C 323 -9.46 11.35 17.48
CA VAL C 323 -10.08 12.26 18.44
C VAL C 323 -9.04 13.02 19.24
N ILE C 324 -7.96 12.35 19.66
CA ILE C 324 -6.90 13.03 20.41
C ILE C 324 -6.19 14.04 19.52
N SER C 325 -6.03 13.68 18.24
CA SER C 325 -5.39 14.57 17.27
C SER C 325 -6.15 15.88 17.12
N GLU C 326 -7.48 15.77 17.06
CA GLU C 326 -8.31 16.96 16.92
C GLU C 326 -8.36 17.78 18.21
N LEU C 327 -8.15 17.14 19.36
CA LEU C 327 -8.09 17.85 20.63
C LEU C 327 -6.72 18.46 20.89
N LEU C 328 -5.68 17.83 20.35
CA LEU C 328 -4.34 18.40 20.40
C LEU C 328 -4.26 19.70 19.57
N LYS C 329 -4.86 19.70 18.39
CA LYS C 329 -4.93 20.91 17.58
C LYS C 329 -5.61 22.04 18.34
N ILE C 330 -6.66 21.70 19.08
CA ILE C 330 -7.39 22.68 19.88
C ILE C 330 -6.55 23.16 21.05
N LEU C 331 -5.93 22.22 21.76
CA LEU C 331 -5.13 22.53 22.93
C LEU C 331 -4.01 23.50 22.62
N PHE C 332 -3.44 23.40 21.42
CA PHE C 332 -2.25 24.18 21.08
C PHE C 332 -2.55 25.36 20.17
N GLU C 333 -3.82 25.76 20.16
CA GLU C 333 -4.24 26.96 19.45
C GLU C 333 -3.43 28.16 19.90
N SER D 3 -33.16 -12.59 -2.96
CA SER D 3 -32.49 -11.42 -3.53
C SER D 3 -33.38 -10.72 -4.53
N HIS D 4 -33.51 -9.40 -4.38
CA HIS D 4 -34.45 -8.62 -5.16
C HIS D 4 -33.90 -8.23 -6.54
N LYS D 5 -34.81 -7.93 -7.46
CA LYS D 5 -34.43 -7.51 -8.80
C LYS D 5 -35.11 -6.18 -9.12
N ILE D 6 -34.29 -5.15 -9.34
CA ILE D 6 -34.82 -3.79 -9.51
C ILE D 6 -34.87 -3.28 -10.95
N LEU D 7 -36.02 -2.73 -11.31
CA LEU D 7 -36.18 -1.98 -12.54
C LEU D 7 -36.06 -0.50 -12.17
N GLU D 8 -34.96 0.12 -12.57
CA GLU D 8 -34.74 1.53 -12.25
C GLU D 8 -35.18 2.41 -13.43
N LEU D 9 -36.31 3.09 -13.26
CA LEU D 9 -36.90 3.86 -14.35
C LEU D 9 -36.53 5.33 -14.28
N TYR D 10 -36.36 5.93 -15.45
CA TYR D 10 -35.92 7.32 -15.55
C TYR D 10 -34.60 7.47 -14.79
N SER D 11 -33.71 6.49 -14.96
CA SER D 11 -32.52 6.32 -14.13
C SER D 11 -31.62 7.55 -13.97
N GLY D 12 -31.55 8.38 -15.00
CA GLY D 12 -30.72 9.57 -14.97
C GLY D 12 -29.25 9.25 -14.76
N ILE D 13 -28.68 9.69 -13.64
CA ILE D 13 -27.27 9.45 -13.37
C ILE D 13 -27.04 8.44 -12.24
N GLY D 14 -28.11 7.78 -11.82
CA GLY D 14 -28.03 6.69 -10.87
C GLY D 14 -28.20 7.07 -9.42
N GLY D 15 -29.04 8.07 -9.16
CA GLY D 15 -29.36 8.42 -7.79
C GLY D 15 -30.02 7.27 -7.05
N MET D 16 -30.98 6.62 -7.70
CA MET D 16 -31.71 5.47 -7.14
C MET D 16 -30.80 4.25 -6.96
N HIS D 17 -30.03 3.96 -8.00
CA HIS D 17 -28.99 2.95 -7.89
C HIS D 17 -28.18 3.21 -6.62
N CYS D 18 -27.47 4.34 -6.63
CA CYS D 18 -26.65 4.78 -5.53
C CYS D 18 -27.35 4.59 -4.17
N ALA D 19 -28.64 4.92 -4.09
CA ALA D 19 -29.35 4.83 -2.81
C ALA D 19 -29.51 3.39 -2.38
N TRP D 20 -29.52 2.50 -3.36
CA TRP D 20 -29.71 1.09 -3.10
C TRP D 20 -28.49 0.38 -2.47
N LYS D 21 -27.26 0.72 -2.87
CA LYS D 21 -26.10 0.16 -2.16
C LYS D 21 -26.08 0.68 -0.72
N GLU D 22 -26.44 1.94 -0.59
CA GLU D 22 -26.33 2.62 0.68
C GLU D 22 -27.20 1.92 1.68
N SER D 23 -28.34 1.43 1.20
CA SER D 23 -29.34 0.83 2.08
C SER D 23 -28.92 -0.50 2.69
N GLY D 24 -28.10 -1.27 1.98
CA GLY D 24 -27.69 -2.58 2.44
C GLY D 24 -28.74 -3.64 2.18
N LEU D 25 -29.65 -3.33 1.26
CA LEU D 25 -30.70 -4.26 0.89
C LEU D 25 -30.18 -5.30 -0.11
N ASP D 26 -30.73 -6.51 -0.02
CA ASP D 26 -30.27 -7.63 -0.84
C ASP D 26 -30.90 -7.59 -2.22
N GLY D 27 -30.12 -7.19 -3.23
CA GLY D 27 -30.63 -7.11 -4.57
C GLY D 27 -29.69 -6.54 -5.60
N GLU D 28 -30.18 -6.48 -6.85
CA GLU D 28 -29.43 -5.93 -7.96
C GLU D 28 -30.37 -5.18 -8.91
N ILE D 29 -29.87 -4.09 -9.47
CA ILE D 29 -30.56 -3.44 -10.57
C ILE D 29 -30.35 -4.30 -11.80
N VAL D 30 -31.43 -4.85 -12.34
CA VAL D 30 -31.31 -5.68 -13.52
C VAL D 30 -31.54 -4.85 -14.76
N ALA D 31 -32.17 -3.69 -14.59
CA ALA D 31 -32.40 -2.79 -15.72
C ALA D 31 -32.47 -1.32 -15.28
N ALA D 32 -31.71 -0.49 -15.97
CA ALA D 32 -31.76 0.95 -15.78
C ALA D 32 -32.17 1.55 -17.11
N VAL D 33 -33.23 2.35 -17.10
CA VAL D 33 -33.82 2.88 -18.33
C VAL D 33 -33.88 4.41 -18.37
N ASP D 34 -33.32 4.99 -19.44
CA ASP D 34 -33.31 6.45 -19.61
C ASP D 34 -33.01 6.78 -21.07
N ILE D 35 -33.60 7.86 -21.59
CA ILE D 35 -33.37 8.22 -22.99
C ILE D 35 -32.25 9.24 -23.19
N ASN D 36 -31.83 9.88 -22.10
CA ASN D 36 -30.76 10.89 -22.19
C ASN D 36 -29.38 10.25 -22.33
N THR D 37 -28.78 10.45 -23.50
CA THR D 37 -27.52 9.80 -23.82
C THR D 37 -26.38 10.28 -22.93
N VAL D 38 -26.41 11.56 -22.59
CA VAL D 38 -25.41 12.15 -21.69
C VAL D 38 -25.54 11.56 -20.28
N ALA D 39 -26.76 11.63 -19.73
CA ALA D 39 -27.07 11.01 -18.46
C ALA D 39 -26.62 9.56 -18.44
N ASN D 40 -26.86 8.85 -19.53
CA ASN D 40 -26.50 7.44 -19.62
C ASN D 40 -24.99 7.19 -19.59
N SER D 41 -24.22 8.17 -20.06
CA SER D 41 -22.77 8.02 -20.12
C SER D 41 -22.14 8.13 -18.74
N VAL D 42 -22.62 9.08 -17.95
CA VAL D 42 -22.17 9.21 -16.57
C VAL D 42 -22.58 7.99 -15.74
N TYR D 43 -23.81 7.51 -15.97
CA TYR D 43 -24.29 6.29 -15.33
C TYR D 43 -23.36 5.12 -15.65
N LYS D 44 -23.12 4.90 -16.94
CA LYS D 44 -22.26 3.82 -17.39
C LYS D 44 -20.83 3.98 -16.86
N HIS D 45 -20.43 5.22 -16.61
CA HIS D 45 -19.10 5.49 -16.04
C HIS D 45 -19.04 4.99 -14.60
N ASN D 46 -20.10 5.27 -13.86
CA ASN D 46 -20.17 4.90 -12.46
C ASN D 46 -20.63 3.48 -12.22
N PHE D 47 -21.50 2.97 -13.10
CA PHE D 47 -21.97 1.60 -12.98
C PHE D 47 -21.80 0.85 -14.30
N PRO D 48 -20.53 0.52 -14.63
CA PRO D 48 -20.18 -0.09 -15.92
C PRO D 48 -20.73 -1.49 -16.09
N GLU D 49 -20.99 -2.16 -14.97
CA GLU D 49 -21.38 -3.56 -14.99
C GLU D 49 -22.90 -3.71 -15.06
N THR D 50 -23.60 -2.58 -14.95
CA THR D 50 -25.06 -2.60 -14.89
C THR D 50 -25.72 -2.42 -16.26
N ASN D 51 -26.55 -3.38 -16.63
CA ASN D 51 -27.31 -3.34 -17.89
C ASN D 51 -28.22 -2.10 -17.97
N LEU D 52 -27.83 -1.15 -18.83
CA LEU D 52 -28.51 0.12 -18.98
C LEU D 52 -29.10 0.28 -20.37
N LEU D 53 -30.39 0.59 -20.45
CA LEU D 53 -31.07 0.69 -21.74
C LEU D 53 -31.33 2.13 -22.17
N ASN D 54 -30.92 2.46 -23.39
CA ASN D 54 -31.33 3.72 -24.00
C ASN D 54 -32.64 3.48 -24.73
N ARG D 55 -33.75 3.61 -24.01
CA ARG D 55 -35.04 3.23 -24.56
C ARG D 55 -36.18 3.99 -23.89
N ASN D 56 -37.16 4.40 -24.69
CA ASN D 56 -38.32 5.07 -24.14
C ASN D 56 -39.07 4.12 -23.23
N ILE D 57 -39.55 4.64 -22.10
CA ILE D 57 -40.30 3.85 -21.13
C ILE D 57 -41.48 3.13 -21.78
N GLN D 58 -42.02 3.72 -22.83
CA GLN D 58 -43.21 3.20 -23.49
C GLN D 58 -42.94 1.96 -24.35
N GLN D 59 -41.65 1.67 -24.56
CA GLN D 59 -41.24 0.46 -25.27
C GLN D 59 -40.89 -0.65 -24.28
N LEU D 60 -41.16 -0.42 -23.00
CA LEU D 60 -40.92 -1.45 -21.99
C LEU D 60 -42.14 -2.31 -21.76
N THR D 61 -42.18 -3.47 -22.40
CA THR D 61 -43.32 -4.37 -22.32
C THR D 61 -43.35 -5.08 -20.97
N PRO D 62 -44.54 -5.51 -20.53
CA PRO D 62 -44.63 -6.35 -19.34
C PRO D 62 -43.85 -7.65 -19.51
N GLN D 63 -43.85 -8.19 -20.73
CA GLN D 63 -43.15 -9.44 -21.02
C GLN D 63 -41.65 -9.36 -20.76
N VAL D 64 -41.00 -8.31 -21.27
CA VAL D 64 -39.56 -8.15 -21.06
C VAL D 64 -39.24 -7.96 -19.58
N ILE D 65 -40.11 -7.23 -18.89
CA ILE D 65 -39.95 -6.97 -17.46
C ILE D 65 -40.08 -8.27 -16.69
N LYS D 66 -41.11 -9.06 -17.01
CA LYS D 66 -41.32 -10.35 -16.37
C LYS D 66 -40.15 -11.31 -16.58
N LYS D 67 -39.46 -11.18 -17.71
CA LYS D 67 -38.31 -12.03 -18.01
C LYS D 67 -37.09 -11.71 -17.16
N TRP D 68 -37.07 -10.50 -16.60
CA TRP D 68 -35.96 -10.06 -15.75
C TRP D 68 -36.23 -10.41 -14.29
N ASN D 69 -37.43 -10.93 -14.05
CA ASN D 69 -37.90 -11.30 -12.72
C ASN D 69 -37.83 -10.14 -11.72
N VAL D 70 -38.11 -8.93 -12.17
CA VAL D 70 -38.07 -7.80 -11.25
C VAL D 70 -39.25 -7.84 -10.29
N ASP D 71 -38.97 -7.49 -9.02
CA ASP D 71 -40.02 -7.43 -8.02
C ASP D 71 -40.11 -6.01 -7.47
N THR D 72 -39.22 -5.14 -7.95
CA THR D 72 -39.05 -3.79 -7.42
C THR D 72 -38.95 -2.76 -8.52
N ILE D 73 -39.69 -1.66 -8.38
CA ILE D 73 -39.54 -0.53 -9.30
C ILE D 73 -39.16 0.75 -8.56
N LEU D 74 -38.08 1.39 -9.01
CA LEU D 74 -37.66 2.68 -8.47
C LEU D 74 -37.72 3.71 -9.59
N MET D 75 -38.44 4.80 -9.37
CA MET D 75 -38.65 5.75 -10.45
C MET D 75 -38.66 7.22 -10.04
N SER D 76 -38.34 8.08 -11.00
CA SER D 76 -38.43 9.51 -10.82
C SER D 76 -38.88 10.18 -12.12
N PRO D 77 -40.20 10.18 -12.37
CA PRO D 77 -40.81 10.74 -13.58
C PRO D 77 -40.73 12.26 -13.63
N PRO D 78 -40.13 12.81 -14.69
CA PRO D 78 -40.03 14.27 -14.86
C PRO D 78 -41.40 14.89 -15.12
N CYS D 79 -41.65 16.07 -14.57
CA CYS D 79 -42.92 16.73 -14.83
C CYS D 79 -42.93 17.38 -16.22
N GLN D 80 -43.28 16.57 -17.22
CA GLN D 80 -43.29 17.05 -18.61
C GLN D 80 -44.72 17.16 -19.13
N PRO D 81 -44.94 18.08 -20.10
CA PRO D 81 -46.28 18.33 -20.62
C PRO D 81 -46.90 17.15 -21.37
N PHE D 82 -48.23 17.13 -21.42
CA PHE D 82 -48.95 16.22 -22.29
C PHE D 82 -49.42 17.04 -23.48
N THR D 83 -49.69 18.32 -23.23
CA THR D 83 -50.29 19.18 -24.23
C THR D 83 -49.57 20.53 -24.36
N ARG D 84 -49.32 20.93 -25.60
CA ARG D 84 -48.94 22.31 -25.88
C ARG D 84 -50.06 22.92 -26.68
N ASN D 85 -50.66 23.98 -26.13
CA ASN D 85 -51.87 24.55 -26.70
C ASN D 85 -52.98 23.52 -26.83
N GLY D 86 -53.85 23.72 -27.81
CA GLY D 86 -55.01 22.86 -27.98
C GLY D 86 -54.73 21.49 -28.57
N LYS D 87 -53.46 21.08 -28.60
CA LYS D 87 -53.11 19.78 -29.17
C LYS D 87 -52.50 18.84 -28.14
N TYR D 88 -52.67 17.54 -28.36
CA TYR D 88 -51.99 16.52 -27.56
C TYR D 88 -50.63 16.23 -28.18
N LEU D 89 -49.61 16.17 -27.33
CA LEU D 89 -48.26 15.89 -27.83
C LEU D 89 -48.11 14.42 -28.20
N ASP D 90 -47.33 14.19 -29.26
CA ASP D 90 -47.09 12.85 -29.79
C ASP D 90 -46.34 11.98 -28.78
N ASP D 91 -46.73 10.70 -28.69
CA ASP D 91 -46.08 9.78 -27.74
C ASP D 91 -44.63 9.49 -28.12
N ASN D 92 -44.33 9.53 -29.41
CA ASN D 92 -42.99 9.27 -29.90
C ASN D 92 -42.03 10.39 -29.48
N ASP D 93 -42.58 11.59 -29.34
CA ASP D 93 -41.80 12.75 -28.95
C ASP D 93 -41.21 12.54 -27.55
N PRO D 94 -39.88 12.48 -27.45
CA PRO D 94 -39.32 12.63 -26.11
C PRO D 94 -39.54 14.10 -25.77
N ARG D 95 -39.66 14.44 -24.49
CA ARG D 95 -40.13 15.75 -23.99
C ARG D 95 -41.61 15.65 -23.66
N THR D 96 -42.21 14.53 -24.01
CA THR D 96 -43.60 14.27 -23.65
C THR D 96 -43.62 13.39 -22.41
N ASN D 97 -44.63 13.56 -21.58
CA ASN D 97 -44.75 12.72 -20.40
C ASN D 97 -45.05 11.28 -20.78
N SER D 98 -44.39 10.35 -20.09
CA SER D 98 -44.49 8.93 -20.43
C SER D 98 -44.97 8.11 -19.25
N PHE D 99 -45.33 8.80 -18.17
CA PHE D 99 -45.65 8.14 -16.92
C PHE D 99 -46.96 7.34 -16.98
N LEU D 100 -47.92 7.83 -17.76
CA LEU D 100 -49.20 7.15 -17.86
C LEU D 100 -49.03 5.73 -18.39
N TYR D 101 -47.99 5.51 -19.20
CA TYR D 101 -47.72 4.18 -19.72
C TYR D 101 -47.40 3.25 -18.57
N LEU D 102 -46.61 3.76 -17.63
CA LEU D 102 -46.20 2.98 -16.49
C LEU D 102 -47.43 2.61 -15.68
N ILE D 103 -48.26 3.62 -15.45
CA ILE D 103 -49.51 3.42 -14.74
C ILE D 103 -50.28 2.30 -15.42
N GLY D 104 -50.42 2.41 -16.74
CA GLY D 104 -51.13 1.43 -17.53
C GLY D 104 -50.70 -0.01 -17.34
N ILE D 105 -49.41 -0.29 -17.45
CA ILE D 105 -48.91 -1.67 -17.43
C ILE D 105 -48.86 -2.28 -16.03
N LEU D 106 -49.28 -1.52 -15.04
CA LEU D 106 -49.26 -2.00 -13.66
C LEU D 106 -50.26 -3.15 -13.45
N ASP D 107 -51.29 -3.22 -14.30
CA ASP D 107 -52.42 -4.14 -14.11
C ASP D 107 -51.93 -5.51 -13.73
N GLN D 108 -51.16 -6.08 -14.63
CA GLN D 108 -50.47 -7.27 -14.30
C GLN D 108 -49.04 -7.26 -14.83
N LEU D 109 -48.14 -7.10 -13.89
CA LEU D 109 -46.77 -7.56 -13.87
C LEU D 109 -46.71 -7.99 -12.43
N ASP D 110 -47.28 -9.14 -12.15
CA ASP D 110 -47.66 -9.49 -10.80
C ASP D 110 -46.55 -9.84 -9.85
N ASN D 111 -45.34 -9.99 -10.35
CA ASN D 111 -44.24 -10.34 -9.48
C ASN D 111 -43.63 -9.15 -8.80
N VAL D 112 -44.14 -7.96 -9.06
CA VAL D 112 -43.58 -6.76 -8.50
C VAL D 112 -44.29 -6.40 -7.21
N ASP D 113 -43.54 -6.39 -6.13
CA ASP D 113 -44.13 -6.23 -4.80
C ASP D 113 -43.72 -4.94 -4.11
N TYR D 114 -42.68 -4.29 -4.61
CA TYR D 114 -42.16 -3.04 -4.05
C TYR D 114 -42.05 -1.95 -5.10
N ILE D 115 -42.58 -0.78 -4.78
CA ILE D 115 -42.43 0.37 -5.66
C ILE D 115 -42.09 1.58 -4.82
N LEU D 116 -41.09 2.33 -5.26
CA LEU D 116 -40.75 3.62 -4.65
C LEU D 116 -40.71 4.67 -5.75
N MET D 117 -41.44 5.76 -5.53
CA MET D 117 -41.52 6.81 -6.53
C MET D 117 -41.12 8.15 -5.95
N GLU D 118 -40.26 8.87 -6.67
CA GLU D 118 -39.96 10.24 -6.33
C GLU D 118 -40.66 11.14 -7.33
N ASN D 119 -41.17 12.27 -6.86
CA ASN D 119 -41.85 13.19 -7.74
C ASN D 119 -41.68 14.62 -7.25
N VAL D 120 -42.23 15.57 -7.99
CA VAL D 120 -42.10 16.97 -7.64
C VAL D 120 -43.13 17.39 -6.59
N LYS D 121 -42.79 18.44 -5.84
CA LYS D 121 -43.72 19.01 -4.87
C LYS D 121 -44.93 19.57 -5.61
N GLY D 122 -46.13 19.17 -5.18
CA GLY D 122 -47.35 19.59 -5.84
C GLY D 122 -48.01 18.44 -6.58
N PHE D 123 -47.22 17.41 -6.87
CA PHE D 123 -47.72 16.21 -7.51
C PHE D 123 -48.85 15.58 -6.70
N GLU D 124 -48.75 15.67 -5.37
CA GLU D 124 -49.77 15.09 -4.50
C GLU D 124 -51.09 15.83 -4.63
N ASN D 125 -51.10 16.92 -5.39
CA ASN D 125 -52.34 17.65 -5.64
C ASN D 125 -52.82 17.52 -7.09
N SER D 126 -52.35 16.49 -7.79
CA SER D 126 -52.58 16.41 -9.23
C SER D 126 -53.47 15.25 -9.66
N THR D 127 -54.11 15.42 -10.81
CA THR D 127 -54.98 14.40 -11.37
C THR D 127 -54.20 13.14 -11.76
N VAL D 128 -52.94 13.33 -12.12
CA VAL D 128 -52.06 12.21 -12.46
C VAL D 128 -51.80 11.34 -11.24
N ARG D 129 -51.60 11.98 -10.08
CA ARG D 129 -51.39 11.25 -8.84
C ARG D 129 -52.64 10.47 -8.44
N ASN D 130 -53.78 11.15 -8.48
CA ASN D 130 -55.08 10.53 -8.24
C ASN D 130 -55.26 9.25 -9.04
N LEU D 131 -54.95 9.32 -10.33
CA LEU D 131 -54.99 8.14 -11.20
C LEU D 131 -53.97 7.10 -10.76
N PHE D 132 -52.79 7.56 -10.34
CA PHE D 132 -51.74 6.64 -9.89
C PHE D 132 -52.15 5.92 -8.62
N ILE D 133 -52.70 6.64 -7.65
CA ILE D 133 -53.11 6.01 -6.40
C ILE D 133 -54.25 5.02 -6.62
N ASP D 134 -55.21 5.41 -7.47
CA ASP D 134 -56.34 4.55 -7.80
C ASP D 134 -55.87 3.28 -8.49
N LYS D 135 -54.75 3.39 -9.19
CA LYS D 135 -54.16 2.27 -9.88
C LYS D 135 -53.53 1.30 -8.88
N LEU D 136 -52.88 1.84 -7.86
CA LEU D 136 -52.25 1.02 -6.83
C LEU D 136 -53.29 0.13 -6.15
N LYS D 137 -54.50 0.66 -5.96
CA LYS D 137 -55.56 -0.09 -5.31
C LYS D 137 -56.15 -1.16 -6.23
N GLU D 138 -56.32 -0.82 -7.51
CA GLU D 138 -56.81 -1.79 -8.48
C GLU D 138 -55.85 -2.97 -8.56
N CYS D 139 -54.57 -2.68 -8.41
CA CYS D 139 -53.52 -3.70 -8.50
C CYS D 139 -53.24 -4.36 -7.15
N ASN D 140 -53.93 -3.90 -6.11
CA ASN D 140 -53.81 -4.40 -4.74
C ASN D 140 -52.50 -4.02 -4.06
N PHE D 141 -52.19 -2.73 -4.10
CA PHE D 141 -51.02 -2.19 -3.40
C PHE D 141 -51.49 -1.33 -2.23
N ILE D 142 -50.76 -1.40 -1.13
CA ILE D 142 -50.92 -0.41 -0.07
C ILE D 142 -49.73 0.53 -0.12
N TYR D 143 -49.90 1.74 0.37
CA TYR D 143 -48.91 2.78 0.14
C TYR D 143 -48.86 3.82 1.25
N GLN D 144 -47.75 4.55 1.25
CA GLN D 144 -47.58 5.72 2.10
C GLN D 144 -46.98 6.85 1.25
N GLU D 145 -47.47 8.06 1.45
CA GLU D 145 -47.01 9.20 0.70
C GLU D 145 -46.25 10.14 1.61
N PHE D 146 -45.16 10.70 1.09
CA PHE D 146 -44.29 11.57 1.87
C PHE D 146 -44.01 12.88 1.14
N LEU D 147 -43.89 13.96 1.90
CA LEU D 147 -43.28 15.19 1.40
C LEU D 147 -42.06 15.44 2.28
N LEU D 148 -40.87 15.20 1.75
CA LEU D 148 -39.66 15.24 2.56
C LEU D 148 -38.57 16.13 2.00
N CYS D 149 -38.02 16.96 2.87
CA CYS D 149 -36.83 17.75 2.57
C CYS D 149 -35.65 17.10 3.30
N PRO D 150 -34.51 16.96 2.62
CA PRO D 150 -33.32 16.35 3.22
C PRO D 150 -32.88 17.05 4.51
N SER D 151 -33.31 18.31 4.67
CA SER D 151 -32.89 19.13 5.81
C SER D 151 -33.47 18.64 7.13
N THR D 152 -34.57 17.89 7.06
CA THR D 152 -35.12 17.27 8.27
C THR D 152 -34.40 15.95 8.52
N VAL D 153 -33.47 15.63 7.62
CA VAL D 153 -32.82 14.31 7.63
C VAL D 153 -31.29 14.42 7.81
N GLY D 154 -30.82 15.63 8.15
CA GLY D 154 -29.44 15.84 8.55
C GLY D 154 -28.54 16.49 7.51
N VAL D 155 -29.14 16.84 6.37
CA VAL D 155 -28.39 17.39 5.25
C VAL D 155 -28.59 18.90 5.12
N PRO D 156 -27.49 19.66 5.01
CA PRO D 156 -27.58 21.11 4.85
C PRO D 156 -28.04 21.47 3.45
N ASN D 157 -29.28 21.12 3.11
CA ASN D 157 -29.79 21.36 1.77
C ASN D 157 -31.30 21.25 1.70
N SER D 158 -31.92 22.20 0.99
CA SER D 158 -33.35 22.14 0.76
C SER D 158 -33.61 21.47 -0.58
N ARG D 159 -34.59 20.57 -0.61
CA ARG D 159 -34.94 19.84 -1.81
C ARG D 159 -36.26 19.10 -1.57
N LEU D 160 -37.31 19.87 -1.30
CA LEU D 160 -38.61 19.30 -0.96
C LEU D 160 -39.15 18.49 -2.13
N ARG D 161 -39.56 17.26 -1.85
CA ARG D 161 -40.02 16.36 -2.89
C ARG D 161 -41.17 15.47 -2.40
N TYR D 162 -42.08 15.14 -3.32
CA TYR D 162 -43.11 14.16 -3.05
C TYR D 162 -42.51 12.76 -3.11
N TYR D 163 -43.04 11.87 -2.29
CA TYR D 163 -42.64 10.48 -2.33
C TYR D 163 -43.80 9.55 -2.14
N CYS D 164 -43.63 8.32 -2.62
CA CYS D 164 -44.61 7.29 -2.40
C CYS D 164 -43.91 5.94 -2.34
N THR D 165 -44.18 5.23 -1.25
CA THR D 165 -43.71 3.86 -1.11
C THR D 165 -44.94 2.97 -1.14
N ALA D 166 -44.96 2.04 -2.09
CA ALA D 166 -46.10 1.13 -2.22
C ALA D 166 -45.67 -0.32 -2.16
N ARG D 167 -46.48 -1.14 -1.51
CA ARG D 167 -46.19 -2.57 -1.39
C ARG D 167 -47.41 -3.43 -1.67
N ARG D 168 -47.16 -4.63 -2.20
CA ARG D 168 -48.20 -5.62 -2.43
C ARG D 168 -48.97 -5.88 -1.14
N ASN D 169 -50.30 -5.79 -1.22
CA ASN D 169 -51.16 -5.90 -0.05
C ASN D 169 -51.32 -7.35 0.43
N ASN D 170 -50.22 -7.97 0.84
CA ASN D 170 -50.25 -9.37 1.27
C ASN D 170 -50.00 -9.53 2.76
N LEU D 171 -50.25 -8.46 3.51
CA LEU D 171 -50.08 -8.47 4.97
C LEU D 171 -48.66 -8.82 5.43
N THR D 172 -47.67 -8.30 4.72
CA THR D 172 -46.27 -8.55 5.06
C THR D 172 -45.51 -7.26 5.32
N TRP D 173 -46.20 -6.13 5.27
CA TRP D 173 -45.56 -4.83 5.50
C TRP D 173 -45.94 -4.23 6.85
N PRO D 174 -45.02 -4.29 7.82
CA PRO D 174 -45.28 -3.91 9.21
C PRO D 174 -45.53 -2.41 9.41
N PHE D 175 -45.14 -1.59 8.44
CA PHE D 175 -45.20 -0.14 8.59
C PHE D 175 -46.61 0.40 8.80
N LYS D 176 -46.81 1.10 9.90
CA LYS D 176 -48.09 1.75 10.23
C LYS D 176 -48.42 2.90 9.27
N ARG D 177 -49.01 2.58 8.12
CA ARG D 177 -49.31 3.61 7.13
C ARG D 177 -50.65 4.33 7.38
N ARG D 178 -50.77 5.52 6.79
CA ARG D 178 -51.89 6.41 7.04
C ARG D 178 -52.16 7.21 5.77
N ASP D 179 -53.39 7.69 5.59
CA ASP D 179 -53.70 8.48 4.41
C ASP D 179 -53.04 9.85 4.46
N GLU D 180 -52.75 10.30 5.68
CA GLU D 180 -52.08 11.59 5.92
C GLU D 180 -50.67 11.58 5.33
N ILE D 181 -50.35 12.60 4.55
CA ILE D 181 -49.00 12.77 4.03
C ILE D 181 -48.01 12.89 5.19
N ILE D 182 -46.95 12.08 5.15
CA ILE D 182 -45.91 12.17 6.18
C ILE D 182 -44.86 13.25 5.84
N THR D 183 -44.68 14.18 6.76
CA THR D 183 -43.76 15.28 6.52
C THR D 183 -42.35 15.02 7.06
N ARG D 184 -42.24 14.12 8.05
CA ARG D 184 -40.93 13.78 8.63
C ARG D 184 -40.82 12.29 9.02
N LEU D 185 -39.62 11.72 8.86
CA LEU D 185 -39.39 10.32 9.23
C LEU D 185 -39.31 10.11 10.75
N PRO D 186 -39.76 8.94 11.22
CA PRO D 186 -39.77 8.59 12.66
C PRO D 186 -38.37 8.39 13.25
N LYS D 187 -37.37 8.22 12.40
CA LYS D 187 -35.98 8.15 12.85
C LYS D 187 -35.48 9.56 13.14
N ASP D 188 -34.48 9.68 14.00
CA ASP D 188 -33.86 10.97 14.23
C ASP D 188 -32.48 11.04 13.59
N PHE D 189 -32.21 12.16 12.94
CA PHE D 189 -30.96 12.38 12.22
C PHE D 189 -30.32 13.62 12.81
N GLY D 190 -30.76 13.94 14.01
CA GLY D 190 -30.27 15.08 14.75
C GLY D 190 -30.47 16.39 14.02
N VAL D 191 -29.37 17.12 13.89
CA VAL D 191 -29.36 18.46 13.34
C VAL D 191 -28.35 18.43 12.21
N PRO D 192 -28.63 19.12 11.09
CA PRO D 192 -27.77 19.00 9.91
C PRO D 192 -26.32 19.30 10.20
N HIS D 193 -25.41 18.56 9.57
CA HIS D 193 -24.00 18.88 9.61
C HIS D 193 -23.79 20.16 8.81
N SER D 194 -22.64 20.79 8.98
CA SER D 194 -22.33 21.95 8.16
C SER D 194 -21.73 21.47 6.84
N LEU D 195 -21.41 22.42 5.97
CA LEU D 195 -20.81 22.10 4.68
C LEU D 195 -19.30 21.92 4.83
N GLU D 196 -18.82 22.04 6.06
CA GLU D 196 -17.39 22.07 6.35
C GLU D 196 -16.64 20.88 5.75
N SER D 197 -17.23 19.70 5.89
CA SER D 197 -16.61 18.46 5.44
C SER D 197 -16.68 18.29 3.92
N ILE D 198 -17.49 19.13 3.27
CA ILE D 198 -17.77 18.99 1.85
C ILE D 198 -16.89 19.90 0.99
N ILE D 199 -16.66 21.12 1.47
CA ILE D 199 -15.96 22.14 0.71
C ILE D 199 -14.54 21.74 0.31
N GLU D 200 -14.20 21.98 -0.94
CA GLU D 200 -12.87 21.66 -1.46
C GLU D 200 -11.86 22.76 -1.11
N GLU D 201 -10.63 22.35 -0.81
CA GLU D 201 -9.59 23.27 -0.34
C GLU D 201 -9.18 24.32 -1.38
N ASP D 202 -8.90 23.87 -2.59
CA ASP D 202 -8.57 24.79 -3.67
C ASP D 202 -9.42 24.50 -4.90
N VAL D 203 -10.05 25.54 -5.42
CA VAL D 203 -11.00 25.38 -6.52
C VAL D 203 -10.69 26.36 -7.66
N ASP D 204 -10.77 25.86 -8.88
CA ASP D 204 -10.46 26.63 -10.08
C ASP D 204 -11.30 27.89 -10.23
N GLU D 205 -10.75 28.89 -10.92
CA GLU D 205 -11.43 30.16 -11.14
C GLU D 205 -12.63 29.98 -12.07
N LYS D 206 -12.66 28.83 -12.73
CA LYS D 206 -13.77 28.38 -13.57
C LYS D 206 -15.13 28.65 -12.93
N PHE D 207 -15.20 28.51 -11.61
CA PHE D 207 -16.46 28.50 -10.89
C PHE D 207 -16.84 29.84 -10.27
N LEU D 208 -16.02 30.86 -10.47
CA LEU D 208 -16.34 32.17 -9.94
C LEU D 208 -17.62 32.71 -10.59
N VAL D 209 -18.48 33.32 -9.78
CA VAL D 209 -19.64 34.02 -10.30
C VAL D 209 -19.15 35.15 -11.19
N PRO D 210 -19.59 35.16 -12.46
CA PRO D 210 -19.14 36.12 -13.48
C PRO D 210 -19.61 37.55 -13.22
N GLU D 211 -18.85 38.53 -13.71
CA GLU D 211 -19.17 39.94 -13.52
C GLU D 211 -20.63 40.26 -13.84
N LYS D 212 -21.11 39.66 -14.93
CA LYS D 212 -22.47 39.89 -15.41
C LYS D 212 -23.52 39.51 -14.38
N MET D 213 -23.22 38.48 -13.59
CA MET D 213 -24.17 37.95 -12.63
C MET D 213 -24.05 38.68 -11.29
N LEU D 214 -22.88 39.23 -11.03
CA LEU D 214 -22.64 39.95 -9.79
C LEU D 214 -23.49 41.21 -9.69
N ARG D 215 -24.03 41.66 -10.82
CA ARG D 215 -24.94 42.81 -10.86
C ARG D 215 -26.23 42.49 -10.12
N CYS D 216 -26.51 41.20 -9.94
CA CYS D 216 -27.73 40.75 -9.29
C CYS D 216 -27.47 40.26 -7.88
N ALA D 217 -26.46 40.84 -7.24
CA ALA D 217 -26.04 40.42 -5.91
C ALA D 217 -27.15 40.54 -4.85
N LYS D 218 -28.19 41.29 -5.17
CA LYS D 218 -29.31 41.51 -4.26
C LYS D 218 -30.04 40.22 -3.91
N VAL D 219 -30.19 39.34 -4.89
CA VAL D 219 -30.92 38.10 -4.71
C VAL D 219 -30.01 36.90 -4.47
N PHE D 220 -28.76 37.16 -4.09
CA PHE D 220 -27.82 36.10 -3.80
C PHE D 220 -28.13 35.40 -2.47
N ASP D 221 -28.36 34.08 -2.53
CA ASP D 221 -28.31 33.29 -1.32
C ASP D 221 -26.90 32.70 -1.17
N ILE D 222 -26.21 33.12 -0.12
CA ILE D 222 -24.79 32.83 0.03
C ILE D 222 -24.50 31.89 1.20
N CYS D 223 -23.69 30.87 0.94
CA CYS D 223 -23.31 29.93 1.98
C CYS D 223 -21.83 30.05 2.30
N TYR D 224 -21.46 29.60 3.50
CA TYR D 224 -20.08 29.56 3.93
C TYR D 224 -19.74 28.15 4.39
N LYS D 225 -18.49 27.91 4.78
CA LYS D 225 -18.07 26.61 5.33
C LYS D 225 -18.96 26.09 6.44
N THR D 226 -19.44 27.02 7.26
CA THR D 226 -20.10 26.67 8.51
C THR D 226 -21.61 26.65 8.35
N SER D 227 -22.08 26.85 7.12
CA SER D 227 -23.51 26.85 6.84
C SER D 227 -24.12 25.48 7.07
N LYS D 228 -25.28 25.46 7.72
CA LYS D 228 -26.03 24.23 7.94
C LYS D 228 -27.27 24.19 7.07
N ARG D 229 -27.25 24.94 5.97
CA ARG D 229 -28.40 25.06 5.10
C ARG D 229 -27.94 25.53 3.74
N SER D 230 -28.76 25.28 2.72
CA SER D 230 -28.49 25.74 1.35
C SER D 230 -29.73 25.62 0.46
N CYS D 231 -29.90 26.57 -0.46
CA CYS D 231 -31.03 26.56 -1.39
C CYS D 231 -31.07 25.34 -2.30
N CYS D 232 -32.23 25.07 -2.87
CA CYS D 232 -32.38 23.93 -3.76
C CYS D 232 -31.64 24.14 -5.09
N PHE D 233 -30.82 23.16 -5.49
CA PHE D 233 -30.15 23.17 -6.78
C PHE D 233 -31.12 22.79 -7.90
N THR D 234 -31.27 23.66 -8.89
CA THR D 234 -32.14 23.37 -10.02
C THR D 234 -31.31 23.09 -11.27
N LYS D 235 -31.97 22.63 -12.34
CA LYS D 235 -31.27 22.34 -13.58
C LYS D 235 -30.75 23.59 -14.28
N ALA D 236 -31.15 24.76 -13.80
CA ALA D 236 -30.72 26.01 -14.41
C ALA D 236 -29.67 26.72 -13.56
N TYR D 237 -29.06 25.97 -12.65
CA TYR D 237 -28.01 26.49 -11.79
C TYR D 237 -26.87 27.09 -12.60
N THR D 238 -26.46 28.31 -12.22
CA THR D 238 -25.43 29.13 -12.90
C THR D 238 -25.90 29.86 -14.15
N HIS D 239 -27.15 29.64 -14.56
CA HIS D 239 -27.70 30.33 -15.73
C HIS D 239 -28.52 31.53 -15.26
N TYR D 240 -28.99 31.46 -14.03
CA TYR D 240 -29.78 32.52 -13.43
C TYR D 240 -29.16 32.91 -12.10
N ALA D 241 -29.33 34.17 -11.73
CA ALA D 241 -28.77 34.68 -10.48
C ALA D 241 -29.59 34.22 -9.28
N ASP D 242 -30.86 33.89 -9.51
CA ASP D 242 -31.79 33.66 -8.42
C ASP D 242 -32.66 32.41 -8.59
N GLY D 243 -32.92 31.74 -7.47
CA GLY D 243 -33.83 30.60 -7.45
C GLY D 243 -33.26 29.33 -8.05
N THR D 244 -31.95 29.29 -8.26
CA THR D 244 -31.32 28.11 -8.85
C THR D 244 -30.37 27.43 -7.87
N GLY D 245 -30.26 27.98 -6.66
CA GLY D 245 -29.43 27.38 -5.64
C GLY D 245 -28.41 28.36 -5.07
N SER D 246 -27.85 27.99 -3.92
CA SER D 246 -26.93 28.89 -3.22
C SER D 246 -25.57 29.02 -3.89
N ILE D 247 -24.85 30.06 -3.51
CA ILE D 247 -23.47 30.24 -3.91
C ILE D 247 -22.60 30.33 -2.67
N PHE D 248 -21.29 30.33 -2.88
CA PHE D 248 -20.36 30.06 -1.82
C PHE D 248 -19.18 31.04 -1.78
N THR D 249 -18.62 31.23 -0.60
CA THR D 249 -17.41 32.03 -0.45
C THR D 249 -16.51 31.58 0.69
N ASP D 250 -15.20 31.72 0.49
CA ASP D 250 -14.20 31.43 1.52
C ASP D 250 -14.20 32.55 2.56
N LYS D 251 -14.46 33.76 2.08
CA LYS D 251 -14.42 34.96 2.90
C LYS D 251 -15.34 34.87 4.12
N PRO D 252 -14.95 35.53 5.22
CA PRO D 252 -15.75 35.58 6.46
C PRO D 252 -17.09 36.28 6.23
N ARG D 253 -18.10 35.88 7.01
CA ARG D 253 -19.42 36.49 6.92
C ARG D 253 -19.37 38.02 7.08
N GLU D 254 -18.62 38.49 8.08
CA GLU D 254 -18.47 39.92 8.36
C GLU D 254 -17.94 40.73 7.17
N VAL D 255 -17.10 40.08 6.37
CA VAL D 255 -16.53 40.71 5.17
C VAL D 255 -17.59 40.85 4.09
N VAL D 256 -18.39 39.79 3.91
CA VAL D 256 -19.49 39.83 2.96
C VAL D 256 -20.45 40.95 3.30
N GLN D 257 -20.82 41.08 4.57
CA GLN D 257 -21.84 42.04 4.94
C GLN D 257 -21.37 43.49 4.78
N LYS D 258 -20.09 43.75 5.02
CA LYS D 258 -19.56 45.09 4.83
C LYS D 258 -19.66 45.49 3.36
N CYS D 259 -19.41 44.52 2.49
CA CYS D 259 -19.47 44.76 1.05
C CYS D 259 -20.89 45.12 0.62
N TYR D 260 -21.88 44.38 1.13
CA TYR D 260 -23.28 44.73 0.89
C TYR D 260 -23.57 46.14 1.40
N ALA D 261 -23.19 46.40 2.65
CA ALA D 261 -23.41 47.70 3.26
C ALA D 261 -22.76 48.82 2.44
N ALA D 262 -21.56 48.57 1.93
CA ALA D 262 -20.85 49.56 1.14
C ALA D 262 -21.48 49.75 -0.24
N ALA D 263 -21.99 48.65 -0.82
CA ALA D 263 -22.57 48.70 -2.14
C ALA D 263 -23.91 49.40 -2.14
N ALA D 264 -24.57 49.39 -0.99
CA ALA D 264 -25.90 49.98 -0.85
C ALA D 264 -25.85 51.49 -1.01
N GLN D 265 -24.64 52.03 -1.00
CA GLN D 265 -24.45 53.46 -1.22
C GLN D 265 -23.97 53.73 -2.64
N ASN D 266 -23.82 52.68 -3.43
CA ASN D 266 -23.06 52.77 -4.68
C ASN D 266 -23.79 52.47 -6.00
N GLU D 267 -24.98 53.03 -6.18
CA GLU D 267 -25.68 53.00 -7.47
C GLU D 267 -25.82 51.58 -8.04
N ILE D 268 -26.59 50.77 -7.33
CA ILE D 268 -26.78 49.32 -7.56
C ILE D 268 -26.76 48.82 -9.00
N GLY D 269 -26.07 47.69 -9.20
CA GLY D 269 -25.83 47.16 -10.53
C GLY D 269 -24.73 47.97 -11.19
N GLY D 270 -24.16 48.87 -10.39
CA GLY D 270 -23.20 49.84 -10.87
C GLY D 270 -21.83 49.26 -11.11
N GLU D 271 -21.02 50.03 -11.84
CA GLU D 271 -19.68 49.61 -12.21
C GLU D 271 -18.82 49.37 -10.97
N LYS D 272 -18.94 50.23 -9.97
CA LYS D 272 -18.16 50.08 -8.75
C LYS D 272 -18.87 49.20 -7.72
N PHE D 273 -20.17 49.00 -7.94
CA PHE D 273 -20.97 48.03 -7.19
C PHE D 273 -20.44 46.64 -7.49
N VAL D 274 -20.19 46.38 -8.77
CA VAL D 274 -19.67 45.10 -9.23
C VAL D 274 -18.25 44.84 -8.72
N GLU D 275 -17.43 45.88 -8.71
CA GLU D 275 -16.05 45.74 -8.25
C GLU D 275 -15.98 45.36 -6.78
N LEU D 276 -16.88 45.90 -5.98
CA LEU D 276 -16.93 45.57 -4.56
C LEU D 276 -17.20 44.09 -4.35
N PHE D 277 -18.12 43.54 -5.16
CA PHE D 277 -18.52 42.14 -5.04
C PHE D 277 -17.53 41.19 -5.71
N LYS D 278 -16.76 41.71 -6.66
CA LYS D 278 -15.69 40.94 -7.30
C LYS D 278 -14.66 40.52 -6.26
N GLU D 279 -14.45 41.38 -5.26
CA GLU D 279 -13.47 41.14 -4.20
C GLU D 279 -13.82 39.96 -3.30
N LEU D 280 -15.09 39.58 -3.27
CA LEU D 280 -15.57 38.52 -2.39
C LEU D 280 -15.24 37.10 -2.87
N LYS D 281 -14.81 36.96 -4.11
CA LYS D 281 -14.45 35.66 -4.68
C LYS D 281 -15.61 34.67 -4.53
N LEU D 282 -16.81 35.14 -4.83
CA LEU D 282 -18.00 34.30 -4.78
C LEU D 282 -17.90 33.28 -5.89
N ARG D 283 -18.17 32.03 -5.57
CA ARG D 283 -18.15 30.98 -6.59
C ARG D 283 -19.34 30.07 -6.44
N TYR D 284 -19.67 29.38 -7.53
CA TYR D 284 -20.70 28.38 -7.51
C TYR D 284 -20.11 27.13 -6.85
N PHE D 285 -20.97 26.28 -6.31
CA PHE D 285 -20.51 24.98 -5.85
C PHE D 285 -20.06 24.15 -7.04
N THR D 286 -18.91 23.50 -6.90
CA THR D 286 -18.41 22.61 -7.96
C THR D 286 -19.34 21.41 -8.09
N PRO D 287 -19.35 20.76 -9.26
CA PRO D 287 -20.19 19.58 -9.41
C PRO D 287 -19.85 18.52 -8.36
N LYS D 288 -18.57 18.42 -8.03
CA LYS D 288 -18.11 17.47 -7.02
C LYS D 288 -18.76 17.75 -5.66
N GLU D 289 -18.76 19.03 -5.28
CA GLU D 289 -19.36 19.44 -4.02
C GLU D 289 -20.87 19.20 -3.98
N VAL D 290 -21.57 19.54 -5.07
CA VAL D 290 -23.00 19.33 -5.15
C VAL D 290 -23.32 17.86 -4.96
N LEU D 291 -22.50 16.99 -5.55
CA LEU D 291 -22.66 15.55 -5.37
C LEU D 291 -22.63 15.17 -3.90
N MET D 292 -21.68 15.75 -3.15
CA MET D 292 -21.60 15.49 -1.71
C MET D 292 -22.84 16.01 -1.00
N ILE D 293 -23.29 17.18 -1.38
CA ILE D 293 -24.51 17.76 -0.82
C ILE D 293 -25.73 16.88 -1.16
N MET D 294 -25.69 16.23 -2.33
CA MET D 294 -26.76 15.32 -2.72
C MET D 294 -26.56 13.93 -2.10
N CYS D 295 -25.52 13.81 -1.27
CA CYS D 295 -25.21 12.59 -0.52
C CYS D 295 -24.81 11.39 -1.39
N PHE D 296 -24.20 11.68 -2.53
CA PHE D 296 -23.63 10.64 -3.36
C PHE D 296 -22.35 10.11 -2.69
N PRO D 297 -21.98 8.86 -2.96
CA PRO D 297 -20.73 8.31 -2.43
C PRO D 297 -19.51 9.08 -2.95
N LYS D 298 -18.45 9.14 -2.16
CA LYS D 298 -17.23 9.81 -2.59
C LYS D 298 -16.57 9.14 -3.78
N SER D 299 -16.82 7.83 -3.94
CA SER D 299 -16.29 7.09 -5.05
C SER D 299 -17.05 7.41 -6.33
N TYR D 300 -18.18 8.10 -6.19
CA TYR D 300 -18.97 8.51 -7.35
C TYR D 300 -18.40 9.81 -7.93
N ASN D 301 -18.09 9.79 -9.22
CA ASN D 301 -17.57 10.97 -9.90
C ASN D 301 -18.16 11.11 -11.30
N LEU D 302 -18.23 12.34 -11.79
CA LEU D 302 -18.59 12.55 -13.19
C LEU D 302 -17.40 12.20 -14.07
N PRO D 303 -17.68 11.68 -15.28
CA PRO D 303 -16.56 11.41 -16.18
C PRO D 303 -15.90 12.71 -16.62
N THR D 304 -14.65 12.60 -17.03
CA THR D 304 -13.84 13.77 -17.35
C THR D 304 -14.40 14.57 -18.52
N ASN D 305 -15.04 13.88 -19.46
CA ASN D 305 -15.44 14.52 -20.71
C ASN D 305 -16.79 15.24 -20.69
N ILE D 306 -17.39 15.39 -19.52
CA ILE D 306 -18.68 16.05 -19.43
C ILE D 306 -18.50 17.53 -19.12
N SER D 307 -19.17 18.38 -19.91
CA SER D 307 -19.02 19.82 -19.78
C SER D 307 -19.66 20.33 -18.48
N MET D 308 -19.37 21.59 -18.18
CA MET D 308 -19.83 22.23 -16.97
C MET D 308 -21.33 22.54 -17.05
N LYS D 309 -21.82 22.77 -18.26
CA LYS D 309 -23.23 23.13 -18.46
C LYS D 309 -24.13 21.90 -18.32
N GLN D 310 -23.62 20.75 -18.76
CA GLN D 310 -24.35 19.50 -18.65
C GLN D 310 -24.31 18.95 -17.23
N CYS D 311 -23.19 19.19 -16.54
CA CYS D 311 -23.03 18.73 -15.18
C CYS D 311 -24.14 19.25 -14.27
N TYR D 312 -24.27 20.57 -14.21
CA TYR D 312 -25.25 21.19 -13.34
C TYR D 312 -26.67 20.81 -13.74
N ARG D 313 -26.86 20.54 -15.02
CA ARG D 313 -28.17 20.17 -15.53
C ARG D 313 -28.55 18.77 -15.05
N LEU D 314 -27.60 17.84 -15.10
CA LEU D 314 -27.83 16.46 -14.66
C LEU D 314 -27.93 16.37 -13.15
N LEU D 315 -27.14 17.19 -12.46
CA LEU D 315 -27.18 17.26 -11.00
C LEU D 315 -28.51 17.81 -10.53
N GLY D 316 -28.95 18.89 -11.16
CA GLY D 316 -30.23 19.51 -10.83
C GLY D 316 -31.42 18.59 -11.02
N ASN D 317 -31.31 17.66 -11.97
CA ASN D 317 -32.36 16.70 -12.24
C ASN D 317 -32.41 15.59 -11.21
N SER D 318 -31.31 15.42 -10.48
CA SER D 318 -31.08 14.22 -9.68
C SER D 318 -31.81 14.20 -8.34
N VAL D 319 -31.55 13.14 -7.58
CA VAL D 319 -32.19 12.92 -6.28
C VAL D 319 -31.19 12.97 -5.15
N ASN D 320 -31.67 13.28 -3.94
CA ASN D 320 -30.85 13.19 -2.73
C ASN D 320 -30.74 11.74 -2.31
N VAL D 321 -29.56 11.16 -2.48
CA VAL D 321 -29.36 9.73 -2.25
C VAL D 321 -29.80 9.29 -0.86
N LYS D 322 -29.54 10.16 0.13
CA LYS D 322 -29.76 9.86 1.53
C LYS D 322 -31.24 9.60 1.88
N VAL D 323 -32.11 10.52 1.48
CA VAL D 323 -33.54 10.39 1.71
C VAL D 323 -34.08 9.10 1.11
N ILE D 324 -33.59 8.77 -0.09
CA ILE D 324 -34.03 7.58 -0.78
C ILE D 324 -33.61 6.32 -0.03
N SER D 325 -32.41 6.34 0.54
CA SER D 325 -31.90 5.21 1.32
C SER D 325 -32.80 4.94 2.51
N GLU D 326 -33.21 6.01 3.19
CA GLU D 326 -34.10 5.92 4.34
C GLU D 326 -35.50 5.42 3.97
N LEU D 327 -36.03 5.87 2.85
CA LEU D 327 -37.33 5.38 2.39
C LEU D 327 -37.24 3.92 1.96
N LEU D 328 -36.12 3.56 1.34
CA LEU D 328 -35.89 2.16 0.94
C LEU D 328 -35.96 1.24 2.14
N LYS D 329 -35.31 1.64 3.24
CA LYS D 329 -35.34 0.84 4.46
C LYS D 329 -36.78 0.71 4.97
N ILE D 330 -37.51 1.81 4.96
CA ILE D 330 -38.93 1.80 5.32
C ILE D 330 -39.75 0.95 4.36
N LEU D 331 -39.46 1.03 3.06
CA LEU D 331 -40.23 0.29 2.07
C LEU D 331 -40.06 -1.20 2.32
N PHE D 332 -38.82 -1.64 2.42
CA PHE D 332 -38.54 -3.06 2.63
C PHE D 332 -38.61 -3.48 4.09
N GLU D 333 -39.29 -2.67 4.91
CA GLU D 333 -39.44 -2.92 6.34
C GLU D 333 -39.91 -4.34 6.67
N SAH E . 37.88 -13.40 9.97
CA SAH E . 38.69 -14.60 10.05
CB SAH E . 38.35 -15.48 11.27
CG SAH E . 37.22 -15.03 12.19
SD SAH E . 36.57 -16.43 13.14
C SAH E . 38.67 -15.40 8.75
O SAH E . 38.69 -16.63 8.75
OXT SAH E . 38.64 -14.83 7.65
C5' SAH E . 37.56 -16.00 14.60
C4' SAH E . 38.90 -16.72 14.70
O4' SAH E . 39.69 -16.13 15.71
C3' SAH E . 38.79 -18.20 15.05
O3' SAH E . 39.18 -18.99 13.94
C2' SAH E . 39.73 -18.43 16.22
O2' SAH E . 40.67 -19.44 15.94
C1' SAH E . 40.44 -17.10 16.41
N9 SAH E . 40.54 -16.74 17.84
C8 SAH E . 39.58 -16.90 18.81
N7 SAH E . 40.07 -16.43 19.99
C5 SAH E . 41.34 -15.99 19.79
C6 SAH E . 42.28 -15.42 20.63
N6 SAH E . 42.00 -15.24 21.92
N1 SAH E . 43.51 -15.06 20.14
C2 SAH E . 43.80 -15.25 18.79
N3 SAH E . 42.86 -15.80 17.96
C4 SAH E . 41.65 -16.18 18.45
CA CA F . 43.36 1.10 29.67
N SAH G . 8.49 -8.65 -27.76
CA SAH G . 9.50 -8.65 -28.82
CB SAH G . 9.18 -7.58 -29.87
CG SAH G . 7.72 -7.17 -29.94
SD SAH G . 7.42 -5.85 -31.14
C SAH G . 10.92 -8.54 -28.29
O SAH G . 11.39 -9.38 -27.52
OXT SAH G . 11.66 -7.61 -28.64
C5' SAH G . 6.49 -6.99 -32.21
C4' SAH G . 7.37 -7.71 -33.23
O4' SAH G . 6.55 -8.55 -34.04
C3' SAH G . 8.07 -6.75 -34.17
O3' SAH G . 9.47 -6.94 -34.07
C2' SAH G . 7.64 -7.12 -35.57
O2' SAH G . 8.76 -7.28 -36.40
C1' SAH G . 6.91 -8.44 -35.40
N9 SAH G . 5.71 -8.50 -36.24
C8 SAH G . 4.87 -7.46 -36.54
N7 SAH G . 3.88 -7.92 -37.34
C5 SAH G . 4.08 -9.24 -37.56
C6 SAH G . 3.37 -10.18 -38.30
N6 SAH G . 2.27 -9.82 -38.95
N1 SAH G . 3.81 -11.49 -38.34
C2 SAH G . 4.96 -11.85 -37.66
N3 SAH G . 5.66 -10.91 -36.93
C4 SAH G . 5.22 -9.62 -36.87
CA CA H . -10.13 -22.50 -36.22
N SAH I . -4.94 4.43 26.61
CA SAH I . -3.60 3.95 26.92
CB SAH I . -3.54 3.40 28.34
CG SAH I . -4.90 3.13 28.97
SD SAH I . -4.86 1.69 30.08
C SAH I . -3.12 2.91 25.90
O SAH I . -3.02 1.72 26.23
OXT SAH I . -2.81 3.22 24.76
C5' SAH I . -3.42 2.34 30.99
C4' SAH I . -2.41 1.27 31.38
O4' SAH I . -1.43 1.81 32.24
C3' SAH I . -3.03 0.11 32.13
O3' SAH I . -3.26 -0.99 31.28
C2' SAH I . -2.02 -0.26 33.21
O2' SAH I . -1.45 -1.52 32.95
C1' SAH I . -0.95 0.82 33.14
N9 SAH I . -0.73 1.37 34.49
C8 SAH I . -1.63 1.34 35.53
N7 SAH I . -1.07 1.93 36.61
C5 SAH I . 0.17 2.34 36.28
C6 SAH I . 1.17 3.00 37.01
N6 SAH I . 0.95 3.34 38.28
N1 SAH I . 2.37 3.30 36.40
C2 SAH I . 2.58 2.94 35.09
N3 SAH I . 1.58 2.29 34.37
C4 SAH I . 0.41 1.99 34.96
CA CA J . 3.39 18.32 46.10
N SAH K . -33.62 10.32 -10.81
CA SAH K . -32.56 10.42 -11.81
CB SAH K . -32.95 11.35 -12.96
CG SAH K . -34.30 12.03 -12.86
SD SAH K . -34.46 13.37 -14.07
C SAH K . -31.21 10.78 -11.21
O SAH K . -30.75 10.19 -10.23
OXT SAH K . -30.51 11.68 -11.70
C5' SAH K . -35.56 12.38 -15.13
C4' SAH K . -34.82 11.60 -16.22
O4' SAH K . -35.75 10.81 -16.95
C3' SAH K . -34.11 12.51 -17.23
O3' SAH K . -32.75 12.17 -17.27
C2' SAH K . -34.75 12.19 -18.57
O2' SAH K . -33.76 12.04 -19.56
C1' SAH K . -35.46 10.88 -18.34
N9 SAH K . -36.69 10.70 -19.14
C8 SAH K . -37.68 11.62 -19.38
N7 SAH K . -38.63 11.03 -20.14
C5 SAH K . -38.26 9.75 -20.40
C6 SAH K . -38.84 8.72 -21.13
N6 SAH K . -40.00 8.90 -21.75
N1 SAH K . -38.21 7.50 -21.21
C2 SAH K . -36.99 7.31 -20.57
N3 SAH K . -36.41 8.33 -19.85
C4 SAH K . -37.04 9.54 -19.77
CA CA L . -52.79 -2.31 -18.77
#